data_7WAH
#
_entry.id   7WAH
#
_cell.length_a   1.00
_cell.length_b   1.00
_cell.length_c   1.00
_cell.angle_alpha   90.00
_cell.angle_beta   90.00
_cell.angle_gamma   90.00
#
_symmetry.space_group_name_H-M   'P 1'
#
loop_
_entity.id
_entity.type
_entity.pdbx_description
1 polymer 'crRNA (39-MER)'
2 polymer "tgRNA (5'-R(P*UP*AP*CP*CP*CP*AP*UP*GP*UP*CP*GP*AP*AP*GP*AP*CP*AP*AP*CP*AP*AP*AP*G)-3')"
3 polymer 'CRISPR-associated RAMP family protein'
4 non-polymer 'ZINC ION'
#
loop_
_entity_poly.entity_id
_entity_poly.type
_entity_poly.pdbx_seq_one_letter_code
_entity_poly.pdbx_strand_id
1 'polyribonucleotide' GUGAUGUCACGGAACCUUUGUUGUCUUCGACAUGGGUAA R
2 'polyribonucleotide' UACCCAUGUCGAAGACAACAAAG D
3 'polypeptide(L)'
;MTTTMKISIEFLEPFRMTKWQESTRRNKNNKEFVRGQAFARWHRNKKDNTKGRPYITGTLLRSAVIRSAENLLTLSDGKI
SEKTCCPGKFDTEDKDRLLQLRQRSTLRWTDKNPCPDNAETYCPFCELLGRSGNDGKKAEKKDWRFRIHFGNLSLPGKPD
FDGPKAIGSQRVLNRVDFKSGKAHDFFKAYEVDHTRFPRFEGEITIDNKVSAEARKLLCDSLKFTDRLCGALCVIRFDEY
TPAADSGKQTENVQAEPNANLAEKTAEQIISILDDNKKTEYTRLLADAIRSLRRSSKLVAGLPKDHDGKDDHYLWDIGKK
KKDENSVTIRQILTTSADTKELKNAGKWREFCEKLGEALYLKSKDMSGGLKITRRILGDAEFHGKPDRLEKSRSVSIGSV
LKETVVCGELVAKTPFFFGAIDEDAKQTALQVLLTPDNKYRLPRSAVRGILRRDLQTYFDSPCNAELGGRPCMCKTCRIM
RGITVMDARSEYNAPPEIRHRTRINPFTGTVAEGALFNMEVAPEGIVFPFQLRYRGSEDGLPDALKTVLKWWAEGQAFMS
GAASTGKGRFRMENAKYETLDLSDENQRNDYLKNWGWRDEKGLEELKKRLNSGLPEPGNYRDPKWHEINVSIEMASPFIN
GDPIRAAVDKRGTAVVTFVKYKAEGEEAKPVCAYKAESFRGVIRSAVARIHMEDGVPLTELTHSDCECLLCQIFGSEYEA
GKIRFEDLVFESDPEPVTFDHVAIDRFTGGAAAKKKFDDSPLPGSPARPLMLKGSFWIRRDVLEDEEYCKALGKALADVN
NGLYPLGGKSAIGYGQVKSLGIKGDDKRISRLMNPAFDETDVAVPEKPKTDAEVRIEAEKVYYPHYFVEPHKKVEREEKP
CGHQKFHEGRLTGKIRCKLITKTPLIVPDTSNDDFFRPADKEARKEKDEYHKSYAFFRLHKQIMIPGSELRGMVSSVYET
VTNSCFRIFDETKRLSWRMDADHQNVLQDFLPGRVTADGKHIQKFSETARVPFYDKTQKHFDILDEQEIAGEKPVRMWVK
RFIKRLSLVDPAKHPQKKQDNKWKRRKEGIATFIEQKNGSYYFNVVTNNGCTSFHLWHKPDNFDQEKLEGIQNGEKLDCW
VRDSRYQKAFQEIPENDPDGWECKEGYLHVVGPSKVEFSDKKGDVINNFQGTLPSVPNDWKTIRTNDFKNRKRKNEPVFC
CEDDKGNYYTMAKYCETFFFDLKENEEYEIPEKARIKYKELLRVYNNNPQAVPESVFQSRVARENVEKLKSGDLVYFKHN
EKYVEDIVPVRISRTVDDRMIGKRMSADLRPCHGDWVEDGDLSALNAYPEKRLLLRHPKGLCPACRLFGTGSYKGRVRFG
FASLENDPEWLIPGKNPGDPFHGGPVMLSLLERPRPTWSIPGSDNKFKVPGRKFYVHHHAWKTIKDGNHPTTGKAIEQSP
NNRTVEALAGGNSFSFEIAFENLKEWELGLLIHSLQLEKGLAHKLGMAKSMGFGSVEIDVESVRLRKDWKQWRNGNSEIP
NWLGKGFAKLKEWFRDELDFIENLKKLLWFPEGDQAPRVCYPMLRKKDDPNGNSGYEELKDGEFKKEDRQKKLTTPWTPW
ASSGLVPRGSHHHHHHH
;
A
#
# COMPACT_ATOMS: atom_id res chain seq x y z
N MET C 1 -73.42 26.21 8.07
CA MET C 1 -73.81 25.00 8.80
C MET C 1 -73.03 23.79 8.31
N THR C 2 -71.84 23.60 8.87
CA THR C 2 -70.97 22.50 8.47
C THR C 2 -70.40 21.83 9.70
N THR C 3 -69.82 20.65 9.48
CA THR C 3 -69.17 19.87 10.53
C THR C 3 -67.80 19.44 10.03
N THR C 4 -66.82 19.47 10.92
CA THR C 4 -65.44 19.16 10.57
C THR C 4 -65.08 17.75 11.05
N MET C 5 -64.56 16.94 10.13
CA MET C 5 -64.07 15.60 10.43
C MET C 5 -62.55 15.61 10.30
N LYS C 6 -61.86 15.36 11.41
CA LYS C 6 -60.41 15.39 11.43
C LYS C 6 -59.86 14.03 11.00
N ILE C 7 -58.86 14.06 10.14
CA ILE C 7 -58.29 12.86 9.53
C ILE C 7 -56.80 12.84 9.75
N SER C 8 -56.25 11.63 9.79
CA SER C 8 -54.82 11.41 9.97
C SER C 8 -54.37 10.33 9.00
N ILE C 9 -53.21 10.52 8.39
CA ILE C 9 -52.62 9.56 7.45
C ILE C 9 -51.30 9.10 8.04
N GLU C 10 -51.18 7.80 8.26
CA GLU C 10 -49.97 7.17 8.78
C GLU C 10 -49.32 6.37 7.68
N PHE C 11 -48.05 6.65 7.40
CA PHE C 11 -47.32 6.00 6.31
C PHE C 11 -46.56 4.79 6.84
N LEU C 12 -46.72 3.66 6.16
CA LEU C 12 -46.04 2.42 6.51
C LEU C 12 -44.76 2.21 5.73
N GLU C 13 -44.49 3.04 4.73
CA GLU C 13 -43.28 2.99 3.92
C GLU C 13 -42.77 4.39 3.75
N PRO C 14 -41.50 4.55 3.36
CA PRO C 14 -41.02 5.88 2.95
C PRO C 14 -41.86 6.38 1.78
N PHE C 15 -42.23 7.65 1.84
CA PHE C 15 -43.10 8.24 0.83
C PHE C 15 -42.31 9.20 -0.03
N ARG C 16 -42.86 9.51 -1.20
CA ARG C 16 -42.17 10.31 -2.20
C ARG C 16 -42.66 11.75 -2.15
N MET C 17 -41.71 12.68 -2.14
CA MET C 17 -41.98 14.10 -2.10
C MET C 17 -41.40 14.77 -3.34
N THR C 18 -42.04 15.82 -3.80
CA THR C 18 -41.63 16.52 -5.01
C THR C 18 -40.61 17.60 -4.70
N LYS C 19 -39.85 17.98 -5.72
CA LYS C 19 -38.98 19.13 -5.63
C LYS C 19 -39.81 20.41 -5.74
N TRP C 20 -39.46 21.41 -4.94
CA TRP C 20 -40.19 22.66 -4.97
C TRP C 20 -40.00 23.39 -6.28
N GLN C 21 -41.08 23.96 -6.79
CA GLN C 21 -41.06 24.70 -8.05
C GLN C 21 -41.98 25.90 -7.94
N GLU C 22 -41.57 27.03 -8.51
CA GLU C 22 -42.36 28.24 -8.47
C GLU C 22 -43.56 28.12 -9.42
N SER C 23 -44.53 29.02 -9.25
CA SER C 23 -45.78 28.94 -9.99
C SER C 23 -45.60 29.06 -11.49
N THR C 24 -44.46 29.59 -11.96
CA THR C 24 -44.25 29.71 -13.40
C THR C 24 -44.13 28.36 -14.07
N ARG C 25 -43.58 27.37 -13.36
CA ARG C 25 -43.43 26.02 -13.91
C ARG C 25 -44.54 25.07 -13.48
N ARG C 26 -45.47 25.51 -12.63
CA ARG C 26 -46.57 24.65 -12.18
C ARG C 26 -47.69 24.68 -13.22
N ASN C 27 -47.41 24.10 -14.39
CA ASN C 27 -48.35 24.07 -15.48
C ASN C 27 -48.35 22.67 -16.08
N LYS C 28 -49.06 22.50 -17.20
CA LYS C 28 -49.21 21.21 -17.86
C LYS C 28 -48.09 20.95 -18.87
N ASN C 29 -47.19 21.90 -19.07
CA ASN C 29 -46.12 21.74 -20.05
C ASN C 29 -44.79 21.34 -19.42
N ASN C 30 -44.76 21.08 -18.12
CA ASN C 30 -43.54 20.69 -17.42
C ASN C 30 -43.65 19.22 -17.02
N LYS C 31 -42.76 18.39 -17.59
CA LYS C 31 -42.79 16.97 -17.29
C LYS C 31 -42.47 16.68 -15.84
N GLU C 32 -41.47 17.36 -15.28
CA GLU C 32 -41.07 17.10 -13.90
C GLU C 32 -42.18 17.45 -12.92
N PHE C 33 -42.88 18.55 -13.16
CA PHE C 33 -43.94 18.96 -12.24
C PHE C 33 -45.14 18.01 -12.30
N VAL C 34 -45.53 17.60 -13.51
CA VAL C 34 -46.69 16.72 -13.65
C VAL C 34 -46.37 15.30 -13.21
N ARG C 35 -45.09 14.90 -13.27
CA ARG C 35 -44.71 13.58 -12.79
C ARG C 35 -44.93 13.44 -11.30
N GLY C 36 -44.81 14.53 -10.55
CA GLY C 36 -44.94 14.48 -9.10
C GLY C 36 -46.32 14.82 -8.58
N GLN C 37 -47.34 14.75 -9.44
CA GLN C 37 -48.69 15.06 -9.01
C GLN C 37 -49.27 14.04 -8.04
N ALA C 38 -48.68 12.84 -7.96
CA ALA C 38 -49.12 11.82 -7.02
C ALA C 38 -48.24 11.75 -5.78
N PHE C 39 -47.30 12.66 -5.63
CA PHE C 39 -46.36 12.66 -4.51
C PHE C 39 -46.69 13.78 -3.52
N ALA C 40 -46.05 13.71 -2.35
CA ALA C 40 -46.15 14.79 -1.38
C ALA C 40 -45.42 16.02 -1.91
N ARG C 41 -45.69 17.16 -1.29
CA ARG C 41 -45.13 18.43 -1.74
C ARG C 41 -44.40 19.12 -0.60
N TRP C 42 -43.50 20.02 -0.98
CA TRP C 42 -42.73 20.81 -0.02
C TRP C 42 -43.12 22.28 -0.17
N HIS C 43 -43.39 22.93 0.95
CA HIS C 43 -43.79 24.33 0.98
C HIS C 43 -42.59 25.20 1.35
N ARG C 44 -42.65 26.48 0.97
CA ARG C 44 -41.66 27.47 1.33
C ARG C 44 -42.32 28.49 2.24
N ASN C 45 -41.73 28.72 3.43
CA ASN C 45 -42.19 29.82 4.26
C ASN C 45 -41.98 31.15 3.55
N LYS C 46 -40.84 31.31 2.88
CA LYS C 46 -40.61 32.41 1.95
C LYS C 46 -40.00 31.82 0.68
N LYS C 47 -40.28 32.48 -0.45
CA LYS C 47 -39.81 31.96 -1.73
C LYS C 47 -38.29 31.98 -1.83
N ASP C 48 -37.64 32.95 -1.17
CA ASP C 48 -36.19 33.09 -1.28
C ASP C 48 -35.45 31.99 -0.51
N ASN C 49 -35.91 31.69 0.71
CA ASN C 49 -35.25 30.71 1.55
C ASN C 49 -35.92 29.35 1.41
N THR C 50 -35.16 28.29 1.69
CA THR C 50 -35.65 26.92 1.58
C THR C 50 -36.31 26.43 2.85
N LYS C 51 -36.33 27.23 3.92
CA LYS C 51 -36.99 26.82 5.15
C LYS C 51 -38.48 26.60 4.91
N GLY C 52 -38.93 25.38 5.13
CA GLY C 52 -40.30 25.02 4.79
C GLY C 52 -40.84 23.85 5.58
N ARG C 53 -41.73 23.09 4.93
CA ARG C 53 -42.51 22.07 5.62
C ARG C 53 -43.19 21.19 4.59
N PRO C 54 -43.27 19.88 4.81
CA PRO C 54 -43.95 19.00 3.83
C PRO C 54 -45.46 18.97 4.07
N TYR C 55 -46.21 18.93 2.99
CA TYR C 55 -47.66 18.85 3.04
C TYR C 55 -48.18 17.94 1.93
N ILE C 56 -49.40 17.45 2.13
CA ILE C 56 -50.11 16.63 1.14
C ILE C 56 -51.36 17.39 0.73
N THR C 57 -51.59 17.49 -0.58
CA THR C 57 -52.75 18.20 -1.09
C THR C 57 -54.03 17.46 -0.72
N GLY C 58 -55.13 18.20 -0.65
CA GLY C 58 -56.43 17.60 -0.43
C GLY C 58 -57.00 17.03 -1.71
N THR C 59 -56.49 17.50 -2.84
CA THR C 59 -56.89 17.02 -4.16
C THR C 59 -56.41 15.60 -4.42
N LEU C 60 -55.18 15.28 -4.05
CA LEU C 60 -54.68 13.92 -4.19
C LEU C 60 -55.47 12.96 -3.31
N LEU C 61 -55.74 13.36 -2.07
CA LEU C 61 -56.55 12.55 -1.18
C LEU C 61 -57.96 12.34 -1.73
N ARG C 62 -58.55 13.41 -2.29
CA ARG C 62 -59.87 13.29 -2.88
C ARG C 62 -59.86 12.33 -4.06
N SER C 63 -58.83 12.40 -4.90
CA SER C 63 -58.76 11.51 -6.05
C SER C 63 -58.62 10.06 -5.61
N ALA C 64 -57.79 9.80 -4.59
CA ALA C 64 -57.67 8.45 -4.06
C ALA C 64 -58.98 7.95 -3.48
N VAL C 65 -59.69 8.83 -2.76
CA VAL C 65 -60.97 8.45 -2.18
C VAL C 65 -61.99 8.14 -3.27
N ILE C 66 -61.97 8.91 -4.35
CA ILE C 66 -62.89 8.66 -5.46
C ILE C 66 -62.57 7.32 -6.13
N ARG C 67 -61.29 7.01 -6.31
CA ARG C 67 -60.93 5.73 -6.90
C ARG C 67 -61.37 4.57 -6.01
N SER C 68 -61.16 4.69 -4.69
CA SER C 68 -61.61 3.65 -3.77
C SER C 68 -63.13 3.54 -3.79
N ALA C 69 -63.84 4.66 -3.93
CA ALA C 69 -65.29 4.63 -4.04
C ALA C 69 -65.72 3.89 -5.31
N GLU C 70 -65.01 4.12 -6.42
CA GLU C 70 -65.29 3.38 -7.64
C GLU C 70 -65.13 1.88 -7.41
N ASN C 71 -64.04 1.49 -6.74
CA ASN C 71 -63.83 0.07 -6.47
C ASN C 71 -64.95 -0.50 -5.60
N LEU C 72 -65.33 0.23 -4.55
CA LEU C 72 -66.36 -0.25 -3.64
C LEU C 72 -67.72 -0.36 -4.33
N LEU C 73 -68.06 0.61 -5.18
CA LEU C 73 -69.32 0.53 -5.91
C LEU C 73 -69.31 -0.57 -6.94
N THR C 74 -68.14 -0.87 -7.53
CA THR C 74 -68.03 -2.04 -8.39
C THR C 74 -68.26 -3.32 -7.62
N LEU C 75 -67.72 -3.42 -6.41
CA LEU C 75 -67.87 -4.63 -5.60
C LEU C 75 -69.24 -4.75 -4.94
N SER C 76 -70.07 -3.71 -4.98
CA SER C 76 -71.40 -3.75 -4.37
C SER C 76 -72.51 -3.52 -5.39
N ASP C 77 -72.19 -3.64 -6.68
CA ASP C 77 -73.16 -3.45 -7.76
C ASP C 77 -73.84 -2.08 -7.69
N GLY C 78 -73.07 -1.06 -7.31
CA GLY C 78 -73.57 0.30 -7.29
C GLY C 78 -74.46 0.64 -6.13
N LYS C 79 -74.60 -0.24 -5.15
CA LYS C 79 -75.49 -0.01 -4.01
C LYS C 79 -74.69 0.44 -2.80
N ILE C 80 -75.08 1.57 -2.23
CA ILE C 80 -74.54 2.04 -0.95
C ILE C 80 -75.72 2.28 -0.02
N SER C 81 -75.72 1.58 1.11
CA SER C 81 -76.86 1.57 2.05
C SER C 81 -78.08 1.08 1.25
N GLU C 82 -79.20 1.79 1.29
CA GLU C 82 -80.40 1.37 0.57
C GLU C 82 -80.60 2.09 -0.75
N LYS C 83 -79.58 2.82 -1.22
CA LYS C 83 -79.68 3.59 -2.46
C LYS C 83 -78.67 3.06 -3.48
N THR C 84 -79.01 3.24 -4.75
CA THR C 84 -78.18 2.76 -5.86
C THR C 84 -77.49 3.96 -6.49
N CYS C 85 -76.18 3.89 -6.63
CA CYS C 85 -75.41 4.98 -7.23
C CYS C 85 -75.57 4.97 -8.74
N CYS C 86 -75.34 6.14 -9.35
CA CYS C 86 -75.32 6.29 -10.79
C CYS C 86 -73.97 5.83 -11.30
N PRO C 87 -73.76 5.67 -12.62
CA PRO C 87 -72.44 5.25 -13.10
C PRO C 87 -71.34 6.24 -12.78
N GLY C 88 -71.67 7.45 -12.37
CA GLY C 88 -70.68 8.46 -12.07
C GLY C 88 -70.46 9.40 -13.23
N LYS C 89 -70.16 10.65 -12.90
CA LYS C 89 -69.98 11.68 -13.91
C LYS C 89 -68.54 12.16 -13.90
N PHE C 90 -67.79 11.83 -14.96
CA PHE C 90 -66.44 12.32 -15.16
C PHE C 90 -66.40 12.91 -16.58
N ASP C 91 -66.82 14.17 -16.69
CA ASP C 91 -66.97 14.84 -17.97
C ASP C 91 -66.84 16.34 -17.76
N THR C 92 -65.76 16.92 -18.27
CA THR C 92 -65.45 18.33 -18.04
C THR C 92 -65.54 19.09 -19.36
N GLU C 93 -66.24 20.22 -19.33
CA GLU C 93 -66.35 21.05 -20.53
C GLU C 93 -65.01 21.64 -20.93
N ASP C 94 -64.30 22.23 -19.97
CA ASP C 94 -63.01 22.88 -20.22
C ASP C 94 -61.91 21.88 -19.90
N LYS C 95 -61.41 21.19 -20.93
CA LYS C 95 -60.33 20.23 -20.73
C LYS C 95 -59.05 20.94 -20.29
N ASP C 96 -58.91 22.23 -20.61
CA ASP C 96 -57.68 22.94 -20.31
C ASP C 96 -57.52 23.21 -18.82
N ARG C 97 -58.62 23.48 -18.12
CA ARG C 97 -58.52 23.81 -16.70
C ARG C 97 -57.97 22.64 -15.89
N LEU C 98 -58.33 21.42 -16.28
CA LEU C 98 -57.84 20.23 -15.60
C LEU C 98 -56.35 20.07 -15.81
N LEU C 99 -55.56 20.12 -14.73
CA LEU C 99 -54.13 19.90 -14.84
C LEU C 99 -53.82 18.52 -15.42
N GLN C 100 -54.61 17.51 -15.03
CA GLN C 100 -54.48 16.17 -15.57
C GLN C 100 -55.86 15.64 -15.93
N LEU C 101 -55.88 14.67 -16.83
CA LEU C 101 -57.09 13.96 -17.19
C LEU C 101 -56.87 12.47 -17.04
N ARG C 102 -57.93 11.77 -16.66
CA ARG C 102 -57.82 10.33 -16.40
C ARG C 102 -57.50 9.56 -17.67
N GLN C 103 -56.44 8.75 -17.62
CA GLN C 103 -56.06 7.92 -18.75
C GLN C 103 -56.26 6.43 -18.47
N ARG C 104 -56.54 6.04 -17.24
CA ARG C 104 -57.00 4.70 -16.96
C ARG C 104 -58.47 4.58 -17.30
N SER C 105 -58.92 3.34 -17.55
CA SER C 105 -60.33 3.11 -17.76
C SER C 105 -61.09 3.23 -16.43
N THR C 106 -62.34 3.68 -16.53
CA THR C 106 -63.19 3.85 -15.36
C THR C 106 -64.00 2.58 -15.13
N LEU C 107 -64.02 2.11 -13.88
CA LEU C 107 -64.80 0.94 -13.54
C LEU C 107 -66.29 1.21 -13.70
N ARG C 108 -67.02 0.21 -14.17
CA ARG C 108 -68.43 0.34 -14.51
C ARG C 108 -69.24 -0.68 -13.73
N TRP C 109 -70.35 -0.24 -13.14
CA TRP C 109 -71.17 -1.09 -12.31
C TRP C 109 -72.66 -1.02 -12.65
N THR C 110 -73.05 -0.16 -13.59
CA THR C 110 -74.45 -0.08 -13.99
C THR C 110 -74.53 0.53 -15.38
N ASP C 111 -75.62 0.22 -16.08
CA ASP C 111 -75.86 0.75 -17.42
C ASP C 111 -76.76 1.97 -17.41
N LYS C 112 -77.11 2.49 -16.25
CA LYS C 112 -77.97 3.66 -16.15
C LYS C 112 -77.25 4.90 -16.65
N ASN C 113 -78.04 5.92 -16.98
CA ASN C 113 -77.46 7.21 -17.34
C ASN C 113 -76.98 7.92 -16.08
N PRO C 114 -75.90 8.71 -16.18
CA PRO C 114 -75.46 9.49 -15.02
C PRO C 114 -76.52 10.49 -14.59
N CYS C 115 -76.37 10.98 -13.35
CA CYS C 115 -77.35 11.84 -12.76
C CYS C 115 -77.51 13.13 -13.58
N PRO C 116 -78.71 13.72 -13.60
CA PRO C 116 -78.91 14.95 -14.37
C PRO C 116 -78.05 16.08 -13.85
N ASP C 117 -77.70 17.00 -14.77
CA ASP C 117 -76.85 18.13 -14.40
C ASP C 117 -77.50 18.97 -13.32
N ASN C 118 -78.80 19.22 -13.44
CA ASN C 118 -79.56 19.92 -12.41
C ASN C 118 -80.67 19.00 -11.94
N ALA C 119 -80.68 18.68 -10.65
CA ALA C 119 -81.69 17.81 -10.08
C ALA C 119 -81.88 18.17 -8.61
N GLU C 120 -83.06 17.83 -8.09
CA GLU C 120 -83.36 18.12 -6.69
C GLU C 120 -82.45 17.34 -5.76
N THR C 121 -82.23 16.07 -6.04
CA THR C 121 -81.38 15.22 -5.22
C THR C 121 -80.35 14.52 -6.09
N TYR C 122 -79.20 14.22 -5.50
CA TYR C 122 -78.10 13.54 -6.17
C TYR C 122 -77.79 12.24 -5.46
N CYS C 123 -77.28 11.26 -6.23
CA CYS C 123 -76.85 10.01 -5.65
C CYS C 123 -75.63 10.24 -4.75
N PRO C 124 -75.36 9.33 -3.82
CA PRO C 124 -74.19 9.52 -2.94
C PRO C 124 -72.89 9.66 -3.70
N PHE C 125 -72.74 8.96 -4.83
CA PHE C 125 -71.50 9.08 -5.60
C PHE C 125 -71.32 10.49 -6.16
N CYS C 126 -72.40 11.10 -6.66
CA CYS C 126 -72.31 12.47 -7.16
C CYS C 126 -72.03 13.46 -6.04
N GLU C 127 -72.60 13.22 -4.86
CA GLU C 127 -72.29 14.07 -3.72
C GLU C 127 -70.83 13.96 -3.32
N LEU C 128 -70.28 12.75 -3.35
CA LEU C 128 -68.86 12.56 -3.06
C LEU C 128 -67.99 13.25 -4.10
N LEU C 129 -68.39 13.17 -5.38
CA LEU C 129 -67.65 13.86 -6.43
C LEU C 129 -67.67 15.37 -6.21
N GLY C 130 -68.78 15.91 -5.71
CA GLY C 130 -68.92 17.33 -5.49
C GLY C 130 -69.94 18.02 -6.35
N ARG C 131 -70.74 17.29 -7.13
CA ARG C 131 -71.74 17.92 -7.98
C ARG C 131 -72.89 18.51 -7.15
N SER C 132 -73.24 17.88 -6.04
CA SER C 132 -74.37 18.32 -5.22
C SER C 132 -74.08 19.68 -4.56
N PHE C 146 -68.73 24.80 -0.55
CA PHE C 146 -68.49 23.39 -0.79
C PHE C 146 -69.50 22.52 -0.06
N ARG C 147 -69.71 21.31 -0.57
CA ARG C 147 -70.47 20.29 0.15
C ARG C 147 -69.52 19.41 0.97
N ILE C 148 -68.50 18.87 0.34
CA ILE C 148 -67.43 18.14 1.01
C ILE C 148 -66.12 18.75 0.51
N HIS C 149 -65.38 19.39 1.42
CA HIS C 149 -64.12 20.05 1.08
C HIS C 149 -62.99 19.33 1.79
N PHE C 150 -61.98 18.93 1.02
CA PHE C 150 -60.80 18.26 1.54
C PHE C 150 -59.69 19.28 1.75
N GLY C 151 -59.21 19.39 2.99
CA GLY C 151 -58.15 20.31 3.34
C GLY C 151 -56.79 19.63 3.27
N ASN C 152 -55.75 20.46 3.08
CA ASN C 152 -54.39 19.95 2.98
C ASN C 152 -53.95 19.35 4.31
N LEU C 153 -53.21 18.25 4.24
CA LEU C 153 -52.75 17.56 5.43
C LEU C 153 -51.31 17.97 5.73
N SER C 154 -51.07 18.35 6.98
CA SER C 154 -49.79 18.88 7.41
C SER C 154 -49.23 18.05 8.56
N LEU C 155 -47.96 18.27 8.85
CA LEU C 155 -47.36 17.63 10.01
C LEU C 155 -47.95 18.23 11.30
N PRO C 156 -48.18 17.42 12.32
CA PRO C 156 -48.73 17.95 13.58
C PRO C 156 -47.75 18.92 14.22
N GLY C 157 -48.31 20.00 14.79
CA GLY C 157 -47.53 21.01 15.45
C GLY C 157 -46.90 22.05 14.54
N LYS C 158 -47.07 21.91 13.22
CA LYS C 158 -46.50 22.82 12.24
C LYS C 158 -45.00 23.09 12.46
N PRO C 159 -44.16 22.07 12.43
CA PRO C 159 -42.72 22.29 12.59
C PRO C 159 -42.10 22.86 11.33
N ASP C 160 -40.96 23.53 11.51
CA ASP C 160 -40.20 24.10 10.42
C ASP C 160 -38.88 23.35 10.26
N PHE C 161 -38.46 23.16 9.01
CA PHE C 161 -37.23 22.48 8.69
C PHE C 161 -36.40 23.35 7.74
N ASP C 162 -35.09 23.13 7.77
CA ASP C 162 -34.19 23.95 6.96
C ASP C 162 -34.45 23.76 5.48
N GLY C 163 -34.69 22.52 5.05
CA GLY C 163 -34.94 22.22 3.66
C GLY C 163 -35.39 20.80 3.45
N PRO C 164 -35.70 20.44 2.19
CA PRO C 164 -36.12 19.06 1.91
C PRO C 164 -35.08 18.02 2.31
N LYS C 165 -33.79 18.35 2.14
CA LYS C 165 -32.74 17.39 2.50
C LYS C 165 -32.68 17.14 4.00
N ALA C 166 -33.29 18.01 4.81
CA ALA C 166 -33.35 17.75 6.24
C ALA C 166 -34.26 16.56 6.56
N ILE C 167 -35.27 16.32 5.72
CA ILE C 167 -36.24 15.26 5.99
C ILE C 167 -36.11 14.07 5.03
N GLY C 168 -35.48 14.25 3.87
CA GLY C 168 -35.41 13.18 2.89
C GLY C 168 -34.17 13.28 2.03
N SER C 169 -33.87 12.17 1.35
CA SER C 169 -32.73 12.08 0.46
C SER C 169 -33.19 11.65 -0.91
N GLN C 170 -32.72 12.35 -1.95
CA GLN C 170 -33.11 12.06 -3.31
C GLN C 170 -32.42 10.80 -3.81
N ARG C 171 -33.15 9.95 -4.52
CA ARG C 171 -32.66 8.68 -5.02
C ARG C 171 -33.00 8.53 -6.49
N VAL C 172 -32.15 7.80 -7.20
CA VAL C 172 -32.29 7.59 -8.64
C VAL C 172 -33.00 6.27 -8.90
N LEU C 173 -33.98 6.30 -9.80
CA LEU C 173 -34.70 5.10 -10.24
C LEU C 173 -34.58 5.01 -11.75
N ASN C 174 -33.99 3.93 -12.24
CA ASN C 174 -33.70 3.77 -13.66
C ASN C 174 -34.70 2.81 -14.32
N ARG C 175 -34.60 2.72 -15.63
CA ARG C 175 -35.47 1.84 -16.43
C ARG C 175 -34.58 0.96 -17.31
N VAL C 176 -34.69 -0.35 -17.12
CA VAL C 176 -33.76 -1.31 -17.70
C VAL C 176 -34.42 -2.02 -18.88
N ASP C 177 -33.70 -2.12 -19.99
CA ASP C 177 -34.15 -2.91 -21.12
C ASP C 177 -34.15 -4.38 -20.75
N PHE C 178 -35.18 -5.10 -21.20
CA PHE C 178 -35.30 -6.51 -20.85
C PHE C 178 -34.32 -7.37 -21.64
N LYS C 179 -34.17 -7.11 -22.93
CA LYS C 179 -33.35 -7.96 -23.77
C LYS C 179 -31.87 -7.79 -23.46
N SER C 180 -31.41 -6.55 -23.31
CA SER C 180 -30.00 -6.30 -23.06
C SER C 180 -29.64 -6.39 -21.59
N GLY C 181 -30.59 -6.14 -20.69
CA GLY C 181 -30.30 -6.11 -19.28
C GLY C 181 -29.64 -4.85 -18.80
N LYS C 182 -29.62 -3.79 -19.61
CA LYS C 182 -28.96 -2.54 -19.29
C LYS C 182 -29.97 -1.42 -19.27
N ALA C 183 -29.77 -0.47 -18.36
CA ALA C 183 -30.68 0.66 -18.23
C ALA C 183 -30.49 1.63 -19.39
N HIS C 184 -31.53 2.41 -19.65
CA HIS C 184 -31.49 3.43 -20.70
C HIS C 184 -32.05 4.78 -20.29
N ASP C 185 -32.68 4.88 -19.12
CA ASP C 185 -33.22 6.15 -18.66
C ASP C 185 -33.38 6.06 -17.15
N PHE C 186 -33.53 7.22 -16.51
CA PHE C 186 -33.66 7.27 -15.06
C PHE C 186 -34.37 8.55 -14.66
N PHE C 187 -34.90 8.53 -13.44
CA PHE C 187 -35.53 9.71 -12.83
C PHE C 187 -35.30 9.68 -11.34
N LYS C 188 -35.38 10.84 -10.70
CA LYS C 188 -35.09 10.99 -9.29
C LYS C 188 -36.32 11.44 -8.53
N ALA C 189 -36.35 11.08 -7.24
CA ALA C 189 -37.43 11.49 -6.35
C ALA C 189 -36.93 11.51 -4.92
N TYR C 190 -37.49 12.41 -4.13
CA TYR C 190 -37.18 12.47 -2.70
C TYR C 190 -37.94 11.41 -1.94
N GLU C 191 -37.24 10.66 -1.10
CA GLU C 191 -37.84 9.65 -0.25
C GLU C 191 -37.72 10.07 1.20
N VAL C 192 -38.86 10.23 1.86
CA VAL C 192 -38.93 10.62 3.27
C VAL C 192 -39.30 9.38 4.06
N ASP C 193 -38.48 9.07 5.07
CA ASP C 193 -38.69 7.86 5.85
C ASP C 193 -39.90 8.00 6.75
N HIS C 194 -40.76 6.99 6.73
CA HIS C 194 -41.94 6.97 7.59
C HIS C 194 -41.58 6.86 9.06
N THR C 195 -40.37 6.40 9.38
CA THR C 195 -39.94 6.32 10.77
C THR C 195 -39.80 7.71 11.39
N ARG C 196 -39.37 8.69 10.61
CA ARG C 196 -39.20 10.05 11.11
C ARG C 196 -40.48 10.88 11.00
N PHE C 197 -41.24 10.72 9.91
CA PHE C 197 -42.44 11.51 9.67
C PHE C 197 -43.60 10.60 9.29
N PRO C 198 -44.17 9.89 10.27
CA PRO C 198 -45.22 8.92 9.96
C PRO C 198 -46.58 9.54 9.66
N ARG C 199 -47.00 10.55 10.40
CA ARG C 199 -48.38 11.00 10.42
C ARG C 199 -48.53 12.41 9.85
N PHE C 200 -49.56 12.59 9.03
CA PHE C 200 -50.00 13.90 8.55
C PHE C 200 -51.46 14.09 8.93
N GLU C 201 -51.80 15.26 9.48
CA GLU C 201 -53.15 15.50 9.95
C GLU C 201 -53.82 16.59 9.12
N GLY C 202 -55.12 16.44 8.93
CA GLY C 202 -55.89 17.40 8.17
C GLY C 202 -57.36 17.33 8.55
N GLU C 203 -58.18 18.05 7.79
CA GLU C 203 -59.61 18.12 8.08
C GLU C 203 -60.41 18.05 6.79
N ILE C 204 -61.63 17.54 6.91
CA ILE C 204 -62.62 17.53 5.83
C ILE C 204 -63.86 18.24 6.35
N THR C 205 -64.32 19.25 5.61
CA THR C 205 -65.50 20.01 5.98
C THR C 205 -66.70 19.48 5.22
N ILE C 206 -67.71 19.02 5.95
CA ILE C 206 -68.88 18.39 5.36
C ILE C 206 -70.12 19.22 5.69
N ASP C 207 -70.87 19.59 4.67
CA ASP C 207 -72.07 20.38 4.88
C ASP C 207 -73.15 19.53 5.55
N ASN C 208 -74.01 20.21 6.33
CA ASN C 208 -75.06 19.51 7.06
C ASN C 208 -76.14 18.95 6.15
N LYS C 209 -76.24 19.44 4.91
CA LYS C 209 -77.32 19.02 4.02
C LYS C 209 -76.97 17.77 3.22
N VAL C 210 -75.73 17.29 3.29
CA VAL C 210 -75.39 16.06 2.56
C VAL C 210 -76.08 14.87 3.21
N SER C 211 -76.33 13.84 2.41
CA SER C 211 -77.04 12.66 2.89
C SER C 211 -76.13 11.78 3.75
N ALA C 212 -76.75 10.91 4.52
CA ALA C 212 -75.99 9.98 5.35
C ALA C 212 -75.28 8.92 4.50
N GLU C 213 -75.88 8.55 3.37
CA GLU C 213 -75.23 7.57 2.48
C GLU C 213 -73.94 8.13 1.90
N ALA C 214 -73.91 9.43 1.61
CA ALA C 214 -72.68 10.05 1.13
C ALA C 214 -71.58 9.97 2.19
N ARG C 215 -71.93 10.22 3.45
CA ARG C 215 -70.95 10.12 4.52
C ARG C 215 -70.48 8.67 4.71
N LYS C 216 -71.40 7.72 4.61
CA LYS C 216 -71.01 6.31 4.70
C LYS C 216 -70.04 5.93 3.59
N LEU C 217 -70.34 6.37 2.36
CA LEU C 217 -69.45 6.09 1.24
C LEU C 217 -68.09 6.75 1.41
N LEU C 218 -68.08 7.99 1.92
CA LEU C 218 -66.81 8.66 2.18
C LEU C 218 -65.99 7.92 3.23
N CYS C 219 -66.63 7.45 4.29
CA CYS C 219 -65.91 6.69 5.31
C CYS C 219 -65.36 5.38 4.77
N ASP C 220 -66.18 4.66 3.99
CA ASP C 220 -65.72 3.41 3.40
C ASP C 220 -64.55 3.64 2.45
N SER C 221 -64.62 4.69 1.63
CA SER C 221 -63.55 4.97 0.69
C SER C 221 -62.29 5.44 1.40
N LEU C 222 -62.43 6.17 2.51
CA LEU C 222 -61.26 6.53 3.31
C LEU C 222 -60.59 5.30 3.88
N LYS C 223 -61.39 4.35 4.38
CA LYS C 223 -60.80 3.13 4.91
C LYS C 223 -60.25 2.22 3.82
N PHE C 224 -60.76 2.33 2.58
CA PHE C 224 -60.29 1.49 1.49
C PHE C 224 -59.07 2.05 0.78
N THR C 225 -58.72 3.32 1.01
CA THR C 225 -57.54 3.91 0.39
C THR C 225 -56.28 3.37 1.07
N ASP C 226 -55.50 2.58 0.34
CA ASP C 226 -54.37 1.86 0.92
C ASP C 226 -53.02 2.48 0.62
N ARG C 227 -52.90 3.28 -0.45
CA ARG C 227 -51.63 3.85 -0.83
C ARG C 227 -51.78 5.34 -1.10
N LEU C 228 -50.71 6.08 -0.83
CA LEU C 228 -50.68 7.51 -1.10
C LEU C 228 -49.23 7.97 -1.12
N CYS C 229 -48.89 8.79 -2.11
CA CYS C 229 -47.54 9.36 -2.26
C CYS C 229 -46.49 8.27 -2.39
N GLY C 230 -46.85 7.16 -3.03
CA GLY C 230 -45.93 6.07 -3.27
C GLY C 230 -45.71 5.13 -2.10
N ALA C 231 -46.46 5.27 -1.02
CA ALA C 231 -46.29 4.44 0.16
C ALA C 231 -47.64 3.95 0.66
N LEU C 232 -47.66 2.73 1.21
CA LEU C 232 -48.87 2.23 1.84
C LEU C 232 -49.19 3.07 3.08
N CYS C 233 -50.48 3.31 3.30
CA CYS C 233 -50.90 4.25 4.32
C CYS C 233 -52.20 3.77 4.97
N VAL C 234 -52.40 4.24 6.20
CA VAL C 234 -53.63 4.01 6.95
C VAL C 234 -54.25 5.37 7.25
N ILE C 235 -55.50 5.56 6.85
CA ILE C 235 -56.21 6.82 7.05
C ILE C 235 -57.28 6.61 8.11
N ARG C 236 -57.18 7.36 9.20
CA ARG C 236 -58.07 7.24 10.34
C ARG C 236 -58.75 8.58 10.60
N PHE C 237 -60.07 8.54 10.77
CA PHE C 237 -60.85 9.73 11.06
C PHE C 237 -61.62 9.54 12.36
N ASP C 238 -61.63 10.57 13.19
CA ASP C 238 -62.34 10.52 14.47
C ASP C 238 -63.65 11.30 14.38
N ASN C 260 -18.39 18.93 15.09
CA ASN C 260 -17.29 19.74 15.61
C ASN C 260 -16.05 18.91 15.89
N LEU C 261 -16.23 17.81 16.63
CA LEU C 261 -15.10 17.00 17.04
C LEU C 261 -14.37 16.40 15.83
N ALA C 262 -15.13 15.94 14.85
CA ALA C 262 -14.51 15.39 13.64
C ALA C 262 -13.73 16.46 12.89
N GLU C 263 -14.25 17.67 12.83
CA GLU C 263 -13.55 18.76 12.15
C GLU C 263 -12.23 19.07 12.85
N LYS C 264 -12.25 19.16 14.18
CA LYS C 264 -11.04 19.46 14.93
C LYS C 264 -10.02 18.32 14.79
N THR C 265 -10.49 17.08 14.83
CA THR C 265 -9.59 15.94 14.66
C THR C 265 -8.96 15.94 13.27
N ALA C 266 -9.75 16.26 12.24
CA ALA C 266 -9.21 16.33 10.89
C ALA C 266 -8.17 17.44 10.78
N GLU C 267 -8.45 18.61 11.37
CA GLU C 267 -7.48 19.70 11.33
C GLU C 267 -6.19 19.30 12.02
N GLN C 268 -6.28 18.66 13.19
CA GLN C 268 -5.09 18.25 13.93
C GLN C 268 -4.29 17.21 13.16
N ILE C 269 -4.96 16.22 12.56
CA ILE C 269 -4.27 15.19 11.80
C ILE C 269 -3.58 15.78 10.57
N ILE C 270 -4.26 16.68 9.87
CA ILE C 270 -3.67 17.31 8.69
C ILE C 270 -2.48 18.17 9.09
N SER C 271 -2.57 18.87 10.23
CA SER C 271 -1.44 19.66 10.71
C SER C 271 -0.25 18.76 11.04
N ILE C 272 -0.52 17.62 11.68
CA ILE C 272 0.57 16.68 12.00
C ILE C 272 1.23 16.16 10.73
N LEU C 273 0.41 15.82 9.72
CA LEU C 273 0.98 15.36 8.45
C LEU C 273 1.80 16.45 7.77
N ASP C 274 1.33 17.69 7.83
CA ASP C 274 2.04 18.79 7.19
C ASP C 274 3.37 19.09 7.88
N ASP C 275 3.38 19.05 9.21
CA ASP C 275 4.59 19.40 9.96
C ASP C 275 5.71 18.40 9.68
N ASN C 276 5.38 17.12 9.61
CA ASN C 276 6.38 16.07 9.45
C ASN C 276 6.62 15.69 8.00
N LYS C 277 5.99 16.39 7.06
CA LYS C 277 6.16 16.14 5.62
C LYS C 277 5.81 14.71 5.25
N LYS C 278 4.71 14.21 5.81
CA LYS C 278 4.21 12.87 5.54
C LYS C 278 2.86 12.92 4.85
N THR C 279 2.69 13.86 3.91
CA THR C 279 1.42 14.01 3.22
C THR C 279 1.15 12.89 2.22
N GLU C 280 2.19 12.23 1.71
CA GLU C 280 2.01 11.13 0.77
C GLU C 280 1.28 9.94 1.38
N TYR C 281 1.20 9.88 2.71
CA TYR C 281 0.48 8.84 3.41
C TYR C 281 -0.96 9.23 3.73
N THR C 282 -1.41 10.38 3.21
CA THR C 282 -2.73 10.90 3.60
C THR C 282 -3.86 10.00 3.14
N ARG C 283 -3.88 9.64 1.84
CA ARG C 283 -4.97 8.84 1.32
C ARG C 283 -5.03 7.47 1.99
N LEU C 284 -3.88 6.83 2.18
CA LEU C 284 -3.85 5.57 2.92
C LEU C 284 -4.39 5.76 4.34
N LEU C 285 -4.15 6.94 4.93
CA LEU C 285 -4.71 7.25 6.23
C LEU C 285 -6.19 7.60 6.15
N ALA C 286 -6.67 8.07 5.01
CA ALA C 286 -8.09 8.32 4.81
C ALA C 286 -8.89 7.03 4.65
N ASP C 287 -8.36 6.07 3.92
CA ASP C 287 -9.05 4.79 3.74
C ASP C 287 -8.97 3.93 4.99
N ALA C 288 -7.83 3.95 5.69
CA ALA C 288 -7.69 3.14 6.90
C ALA C 288 -8.58 3.66 8.02
N ILE C 289 -8.53 4.97 8.28
CA ILE C 289 -9.34 5.55 9.34
C ILE C 289 -10.82 5.31 9.06
N ARG C 290 -11.24 5.44 7.80
CA ARG C 290 -12.61 5.11 7.44
C ARG C 290 -12.94 3.67 7.77
N SER C 291 -12.00 2.76 7.52
CA SER C 291 -12.23 1.35 7.86
C SER C 291 -12.37 1.14 9.36
N LEU C 292 -11.95 2.12 10.17
CA LEU C 292 -12.15 2.06 11.61
C LEU C 292 -13.60 2.29 12.02
N ARG C 293 -14.47 2.66 11.08
CA ARG C 293 -15.87 2.93 11.43
C ARG C 293 -16.59 1.68 11.92
N ARG C 294 -16.07 0.49 11.63
CA ARG C 294 -16.73 -0.73 12.06
C ARG C 294 -16.77 -0.83 13.59
N SER C 295 -15.67 -0.48 14.25
CA SER C 295 -15.62 -0.50 15.71
C SER C 295 -14.49 0.39 16.18
N SER C 296 -14.67 0.98 17.37
CA SER C 296 -13.59 1.74 17.98
C SER C 296 -12.49 0.85 18.53
N LYS C 297 -12.80 -0.44 18.75
CA LYS C 297 -11.79 -1.37 19.25
C LYS C 297 -10.62 -1.48 18.30
N LEU C 298 -10.81 -1.14 17.03
CA LEU C 298 -9.72 -1.18 16.06
C LEU C 298 -8.63 -0.17 16.39
N VAL C 299 -8.93 0.85 17.19
CA VAL C 299 -7.91 1.84 17.55
C VAL C 299 -6.81 1.19 18.38
N ALA C 300 -7.19 0.34 19.33
CA ALA C 300 -6.18 -0.35 20.14
C ALA C 300 -5.49 -1.45 19.36
N GLY C 301 -6.10 -1.96 18.30
CA GLY C 301 -5.54 -3.01 17.49
C GLY C 301 -4.63 -2.55 16.37
N LEU C 302 -4.33 -1.26 16.29
CA LEU C 302 -3.50 -0.75 15.20
C LEU C 302 -2.08 -1.30 15.31
N PRO C 303 -1.40 -1.57 14.19
CA PRO C 303 -0.07 -2.18 14.26
C PRO C 303 0.97 -1.23 14.79
N LYS C 304 2.04 -1.82 15.30
CA LYS C 304 3.20 -1.10 15.81
C LYS C 304 4.39 -1.36 14.86
N ASP C 305 5.55 -0.86 15.23
CA ASP C 305 6.73 -1.03 14.41
C ASP C 305 7.16 -2.51 14.41
N HIS C 306 8.19 -2.80 13.61
CA HIS C 306 8.66 -4.17 13.47
C HIS C 306 9.32 -4.71 14.74
N ASP C 307 9.69 -3.84 15.67
CA ASP C 307 10.27 -4.24 16.94
C ASP C 307 9.29 -4.13 18.10
N GLY C 308 8.01 -3.93 17.80
CA GLY C 308 6.99 -3.78 18.83
C GLY C 308 6.86 -2.40 19.42
N LYS C 309 7.73 -1.46 19.06
CA LYS C 309 7.67 -0.11 19.59
C LYS C 309 6.69 0.74 18.78
N ASP C 310 6.30 1.87 19.36
CA ASP C 310 5.37 2.80 18.72
C ASP C 310 6.12 3.74 17.78
N ASP C 311 6.62 3.17 16.69
CA ASP C 311 7.23 3.94 15.62
C ASP C 311 6.77 3.40 14.27
N HIS C 312 5.48 3.07 14.18
CA HIS C 312 4.90 2.67 12.91
C HIS C 312 4.98 3.82 11.92
N TYR C 313 5.23 3.49 10.65
CA TYR C 313 5.44 4.52 9.65
C TYR C 313 4.15 5.27 9.30
N LEU C 314 3.00 4.80 9.76
CA LEU C 314 1.72 5.43 9.48
C LEU C 314 1.04 5.98 10.72
N TRP C 315 0.89 5.17 11.76
CA TRP C 315 0.13 5.55 12.94
C TRP C 315 0.95 6.29 13.99
N ASP C 316 2.27 6.35 13.83
CA ASP C 316 3.15 7.03 14.77
C ASP C 316 3.94 8.11 14.04
N ILE C 317 3.29 8.76 13.08
CA ILE C 317 3.96 9.78 12.27
C ILE C 317 4.35 10.98 13.13
N GLY C 318 3.44 11.43 13.99
CA GLY C 318 3.67 12.60 14.81
C GLY C 318 4.86 12.51 15.75
N VAL C 327 2.16 15.07 19.78
CA VAL C 327 1.14 14.04 19.75
C VAL C 327 1.17 13.29 18.41
N THR C 328 0.88 11.99 18.46
CA THR C 328 0.82 11.17 17.27
C THR C 328 -0.63 10.95 16.83
N ILE C 329 -0.78 10.44 15.61
CA ILE C 329 -2.11 10.10 15.11
C ILE C 329 -2.74 9.00 15.95
N ARG C 330 -1.93 8.05 16.41
CA ARG C 330 -2.45 7.00 17.28
C ARG C 330 -3.01 7.58 18.57
N GLN C 331 -2.30 8.54 19.17
CA GLN C 331 -2.80 9.18 20.38
C GLN C 331 -4.05 10.00 20.11
N ILE C 332 -4.13 10.66 18.95
CA ILE C 332 -5.33 11.40 18.58
C ILE C 332 -6.53 10.47 18.51
N LEU C 333 -6.36 9.35 17.80
CA LEU C 333 -7.46 8.39 17.69
C LEU C 333 -7.80 7.77 19.03
N THR C 334 -6.81 7.55 19.89
CA THR C 334 -7.07 7.00 21.22
C THR C 334 -7.90 7.96 22.06
N THR C 335 -7.52 9.24 22.09
CA THR C 335 -8.28 10.21 22.87
C THR C 335 -9.64 10.53 22.24
N SER C 336 -9.79 10.29 20.93
CA SER C 336 -11.11 10.42 20.31
C SER C 336 -12.00 9.22 20.61
N ALA C 337 -11.40 8.04 20.77
CA ALA C 337 -12.19 6.82 20.97
C ALA C 337 -12.92 6.84 22.30
N ASP C 338 -12.21 7.19 23.39
CA ASP C 338 -12.78 7.18 24.72
C ASP C 338 -13.46 8.50 25.07
N THR C 339 -13.69 9.36 24.09
CA THR C 339 -14.45 10.58 24.32
C THR C 339 -15.88 10.23 24.68
N LYS C 340 -16.44 10.99 25.64
CA LYS C 340 -17.79 10.71 26.10
C LYS C 340 -18.81 10.81 24.97
N GLU C 341 -18.58 11.74 24.04
CA GLU C 341 -19.50 11.90 22.91
C GLU C 341 -19.56 10.64 22.05
N LEU C 342 -18.41 10.06 21.74
CA LEU C 342 -18.32 8.97 20.78
C LEU C 342 -18.36 7.59 21.41
N LYS C 343 -18.99 7.45 22.58
CA LYS C 343 -19.10 6.14 23.20
C LYS C 343 -20.09 5.25 22.44
N ASN C 344 -21.09 5.85 21.80
CA ASN C 344 -22.06 5.06 21.04
C ASN C 344 -21.45 4.60 19.71
N ALA C 345 -21.87 3.42 19.27
CA ALA C 345 -21.34 2.86 18.04
C ALA C 345 -21.72 3.71 16.83
N GLY C 346 -22.95 4.22 16.79
CA GLY C 346 -23.35 5.10 15.70
C GLY C 346 -22.56 6.40 15.69
N LYS C 347 -22.35 6.98 16.87
CA LYS C 347 -21.57 8.21 16.95
C LYS C 347 -20.13 7.99 16.47
N TRP C 348 -19.52 6.87 16.88
CA TRP C 348 -18.16 6.57 16.44
C TRP C 348 -18.13 6.32 14.93
N ARG C 349 -19.14 5.64 14.40
CA ARG C 349 -19.19 5.41 12.95
C ARG C 349 -19.30 6.71 12.19
N GLU C 350 -20.16 7.63 12.66
CA GLU C 350 -20.27 8.93 12.02
C GLU C 350 -18.96 9.71 12.11
N PHE C 351 -18.30 9.66 13.27
CA PHE C 351 -17.03 10.34 13.43
C PHE C 351 -15.99 9.80 12.46
N CYS C 352 -15.89 8.48 12.35
CA CYS C 352 -14.91 7.88 11.46
C CYS C 352 -15.22 8.20 10.00
N GLU C 353 -16.50 8.16 9.61
CA GLU C 353 -16.86 8.49 8.23
C GLU C 353 -16.53 9.94 7.91
N LYS C 354 -16.85 10.87 8.82
CA LYS C 354 -16.55 12.27 8.58
C LYS C 354 -15.05 12.52 8.52
N LEU C 355 -14.28 11.89 9.42
CA LEU C 355 -12.83 12.06 9.43
C LEU C 355 -12.21 11.49 8.16
N GLY C 356 -12.67 10.29 7.74
CA GLY C 356 -12.16 9.71 6.51
C GLY C 356 -12.50 10.55 5.29
N GLU C 357 -13.72 11.11 5.25
CA GLU C 357 -14.10 11.97 4.14
C GLU C 357 -13.24 13.23 4.11
N ALA C 358 -12.99 13.83 5.29
CA ALA C 358 -12.15 15.02 5.35
C ALA C 358 -10.73 14.72 4.88
N LEU C 359 -10.16 13.61 5.34
CA LEU C 359 -8.81 13.25 4.90
C LEU C 359 -8.76 12.91 3.42
N TYR C 360 -9.79 12.24 2.90
CA TYR C 360 -9.85 11.96 1.47
C TYR C 360 -9.92 13.23 0.65
N LEU C 361 -10.72 14.20 1.10
CA LEU C 361 -10.79 15.49 0.40
C LEU C 361 -9.47 16.23 0.49
N LYS C 362 -8.75 16.10 1.61
CA LYS C 362 -7.40 16.65 1.69
C LYS C 362 -6.48 15.98 0.69
N SER C 363 -6.64 14.66 0.51
CA SER C 363 -5.86 13.94 -0.49
C SER C 363 -6.22 14.34 -1.92
N LYS C 364 -7.40 14.93 -2.12
CA LYS C 364 -7.88 15.34 -3.43
C LYS C 364 -7.89 14.18 -4.42
N SER C 399 -68.70 -7.34 -8.50
CA SER C 399 -67.89 -8.13 -9.41
C SER C 399 -66.91 -9.01 -8.64
N VAL C 400 -66.16 -9.83 -9.37
CA VAL C 400 -65.25 -10.79 -8.75
C VAL C 400 -63.90 -10.11 -8.53
N LEU C 401 -63.49 -10.01 -7.27
CA LEU C 401 -62.19 -9.44 -6.91
C LEU C 401 -61.66 -10.19 -5.71
N LYS C 402 -60.46 -10.77 -5.85
CA LYS C 402 -59.80 -11.48 -4.77
C LYS C 402 -58.42 -10.87 -4.52
N GLU C 403 -57.97 -10.96 -3.29
CA GLU C 403 -56.67 -10.45 -2.89
C GLU C 403 -55.88 -11.56 -2.20
N THR C 404 -54.72 -11.90 -2.76
CA THR C 404 -53.86 -12.92 -2.22
C THR C 404 -52.66 -12.26 -1.54
N VAL C 405 -52.43 -12.65 -0.29
CA VAL C 405 -51.31 -12.14 0.51
C VAL C 405 -50.29 -13.26 0.62
N VAL C 406 -49.04 -12.94 0.29
CA VAL C 406 -47.92 -13.86 0.39
C VAL C 406 -46.87 -13.20 1.28
N CYS C 407 -46.57 -13.83 2.41
CA CYS C 407 -45.61 -13.31 3.37
C CYS C 407 -44.47 -14.29 3.57
N GLY C 408 -43.25 -13.77 3.54
CA GLY C 408 -42.08 -14.58 3.76
C GLY C 408 -40.88 -13.71 4.08
N GLU C 409 -39.69 -14.25 3.81
CA GLU C 409 -38.45 -13.51 3.98
C GLU C 409 -37.51 -13.79 2.81
N LEU C 410 -36.92 -12.72 2.27
CA LEU C 410 -35.89 -12.85 1.26
C LEU C 410 -34.53 -12.88 1.97
N VAL C 411 -33.77 -13.95 1.77
CA VAL C 411 -32.50 -14.16 2.44
C VAL C 411 -31.40 -14.13 1.40
N ALA C 412 -30.35 -13.35 1.65
CA ALA C 412 -29.26 -13.19 0.71
C ALA C 412 -28.31 -14.38 0.81
N LYS C 413 -28.21 -15.15 -0.26
CA LYS C 413 -27.27 -16.26 -0.34
C LYS C 413 -25.91 -15.83 -0.91
N THR C 414 -25.82 -14.63 -1.45
CA THR C 414 -24.60 -14.03 -1.94
C THR C 414 -24.57 -12.59 -1.47
N PRO C 415 -23.41 -11.93 -1.54
CA PRO C 415 -23.39 -10.47 -1.33
C PRO C 415 -24.30 -9.79 -2.34
N PHE C 416 -24.86 -8.65 -1.95
CA PHE C 416 -25.78 -7.94 -2.82
C PHE C 416 -25.43 -6.46 -2.85
N PHE C 417 -25.85 -5.81 -3.93
CA PHE C 417 -25.47 -4.42 -4.20
C PHE C 417 -26.68 -3.70 -4.83
N PHE C 418 -27.41 -2.97 -4.01
CA PHE C 418 -28.44 -2.04 -4.50
C PHE C 418 -27.81 -0.66 -4.58
N GLY C 419 -27.59 -0.17 -5.80
CA GLY C 419 -26.77 1.01 -5.98
C GLY C 419 -27.52 2.29 -5.65
N ALA C 420 -26.90 3.13 -4.81
CA ALA C 420 -27.42 4.44 -4.48
C ALA C 420 -26.25 5.29 -4.01
N ILE C 421 -26.02 6.41 -4.70
CA ILE C 421 -24.84 7.24 -4.47
C ILE C 421 -25.25 8.45 -3.65
N ASP C 422 -24.48 8.72 -2.59
CA ASP C 422 -24.61 9.94 -1.80
C ASP C 422 -23.65 10.98 -2.37
N GLU C 423 -24.17 12.14 -2.73
CA GLU C 423 -23.34 13.17 -3.36
C GLU C 423 -22.30 13.71 -2.38
N ASP C 424 -22.62 13.74 -1.10
CA ASP C 424 -21.70 14.24 -0.08
C ASP C 424 -20.70 13.18 0.38
N ALA C 425 -20.84 11.95 -0.07
CA ALA C 425 -19.90 10.87 0.24
C ALA C 425 -19.13 10.55 -1.04
N LYS C 426 -17.92 11.09 -1.16
CA LYS C 426 -17.12 10.98 -2.36
C LYS C 426 -15.96 9.99 -2.23
N GLN C 427 -15.78 9.39 -1.06
CA GLN C 427 -14.62 8.52 -0.86
C GLN C 427 -14.79 7.17 -1.53
N THR C 428 -16.03 6.70 -1.69
CA THR C 428 -16.31 5.39 -2.27
C THR C 428 -16.99 5.56 -3.62
N ALA C 429 -16.48 4.86 -4.63
CA ALA C 429 -17.01 4.99 -5.98
C ALA C 429 -18.40 4.39 -6.10
N LEU C 430 -18.59 3.19 -5.56
CA LEU C 430 -19.87 2.47 -5.65
C LEU C 430 -20.41 2.26 -4.24
N GLN C 431 -21.66 2.67 -4.02
CA GLN C 431 -22.26 2.68 -2.70
C GLN C 431 -23.60 1.93 -2.73
N VAL C 432 -24.00 1.44 -1.57
CA VAL C 432 -25.25 0.69 -1.43
C VAL C 432 -26.30 1.60 -0.80
N LEU C 433 -27.56 1.18 -0.93
CA LEU C 433 -28.68 1.95 -0.39
C LEU C 433 -28.87 1.65 1.08
N LEU C 434 -29.02 2.70 1.88
CA LEU C 434 -29.20 2.58 3.33
C LEU C 434 -30.33 3.48 3.78
N THR C 435 -30.93 3.12 4.92
CA THR C 435 -31.91 3.96 5.58
C THR C 435 -31.20 5.08 6.33
N PRO C 436 -31.94 6.09 6.78
CA PRO C 436 -31.28 7.16 7.57
C PRO C 436 -30.57 6.65 8.82
N ASP C 437 -31.05 5.55 9.43
CA ASP C 437 -30.38 4.96 10.58
C ASP C 437 -29.46 3.82 10.18
N ASN C 438 -28.89 3.88 8.97
CA ASN C 438 -27.84 2.98 8.50
C ASN C 438 -28.29 1.53 8.43
N LYS C 439 -29.57 1.26 8.22
CA LYS C 439 -30.04 -0.09 7.98
C LYS C 439 -30.08 -0.37 6.48
N TYR C 440 -29.76 -1.60 6.11
CA TYR C 440 -29.80 -1.96 4.70
C TYR C 440 -31.24 -2.03 4.21
N ARG C 441 -31.46 -1.53 3.00
CA ARG C 441 -32.80 -1.35 2.46
C ARG C 441 -32.98 -2.19 1.21
N LEU C 442 -34.05 -2.99 1.19
CA LEU C 442 -34.48 -3.71 0.01
C LEU C 442 -35.61 -2.90 -0.63
N PRO C 443 -35.34 -2.03 -1.60
CA PRO C 443 -36.37 -1.10 -2.07
C PRO C 443 -37.50 -1.80 -2.81
N ARG C 444 -38.67 -1.17 -2.75
CA ARG C 444 -39.85 -1.67 -3.46
C ARG C 444 -39.66 -1.58 -4.97
N SER C 445 -39.02 -0.51 -5.44
CA SER C 445 -38.84 -0.32 -6.88
C SER C 445 -38.02 -1.45 -7.49
N ALA C 446 -36.94 -1.85 -6.81
CA ALA C 446 -36.11 -2.93 -7.32
C ALA C 446 -36.87 -4.25 -7.34
N VAL C 447 -37.68 -4.52 -6.31
CA VAL C 447 -38.44 -5.75 -6.27
C VAL C 447 -39.47 -5.79 -7.40
N ARG C 448 -40.15 -4.66 -7.64
CA ARG C 448 -41.10 -4.61 -8.76
C ARG C 448 -40.39 -4.80 -10.09
N GLY C 449 -39.21 -4.18 -10.27
CA GLY C 449 -38.47 -4.36 -11.49
C GLY C 449 -38.06 -5.81 -11.72
N ILE C 450 -37.60 -6.47 -10.65
CA ILE C 450 -37.18 -7.87 -10.77
C ILE C 450 -38.38 -8.77 -11.05
N LEU C 451 -39.52 -8.48 -10.42
CA LEU C 451 -40.74 -9.24 -10.71
C LEU C 451 -41.15 -9.10 -12.16
N ARG C 452 -41.13 -7.86 -12.67
CA ARG C 452 -41.49 -7.64 -14.07
C ARG C 452 -40.53 -8.36 -15.01
N ARG C 453 -39.22 -8.29 -14.72
CA ARG C 453 -38.25 -8.98 -15.55
C ARG C 453 -38.46 -10.49 -15.53
N ASP C 454 -38.71 -11.07 -14.35
CA ASP C 454 -38.93 -12.49 -14.26
C ASP C 454 -40.22 -12.92 -14.97
N LEU C 455 -41.29 -12.13 -14.86
CA LEU C 455 -42.51 -12.46 -15.58
C LEU C 455 -42.29 -12.40 -17.09
N GLN C 456 -41.57 -11.38 -17.57
CA GLN C 456 -41.27 -11.29 -18.99
C GLN C 456 -40.42 -12.48 -19.46
N THR C 457 -39.46 -12.90 -18.63
CA THR C 457 -38.66 -14.08 -18.94
C THR C 457 -39.55 -15.32 -19.03
N TYR C 458 -40.49 -15.47 -18.09
CA TYR C 458 -41.40 -16.60 -18.11
C TYR C 458 -42.23 -16.63 -19.39
N PHE C 459 -42.78 -15.48 -19.77
CA PHE C 459 -43.62 -15.42 -20.96
C PHE C 459 -42.84 -15.50 -22.26
N ASP C 460 -41.52 -15.29 -22.21
CA ASP C 460 -40.66 -15.23 -23.39
C ASP C 460 -41.09 -14.14 -24.36
N SER C 461 -41.75 -13.10 -23.86
CA SER C 461 -42.23 -11.99 -24.69
C SER C 461 -41.91 -10.67 -24.00
N PRO C 462 -40.96 -9.90 -24.50
CA PRO C 462 -40.67 -8.60 -23.89
C PRO C 462 -41.85 -7.65 -23.99
N CYS C 463 -41.97 -6.77 -23.00
CA CYS C 463 -43.05 -5.79 -22.95
C CYS C 463 -42.60 -4.53 -23.68
N ASN C 464 -43.14 -4.32 -24.88
CA ASN C 464 -42.80 -3.14 -25.68
C ASN C 464 -43.81 -2.02 -25.40
N ALA C 465 -43.77 -1.55 -24.17
CA ALA C 465 -44.65 -0.48 -23.71
C ALA C 465 -43.83 0.77 -23.46
N GLU C 466 -44.28 1.89 -24.02
CA GLU C 466 -43.64 3.17 -23.82
C GLU C 466 -44.26 3.90 -22.64
N LEU C 467 -43.48 4.79 -22.03
CA LEU C 467 -43.94 5.51 -20.86
C LEU C 467 -45.04 6.50 -21.23
N GLY C 468 -46.02 6.62 -20.34
CA GLY C 468 -47.15 7.50 -20.56
C GLY C 468 -48.25 6.86 -21.39
N GLY C 469 -49.40 7.52 -21.39
CA GLY C 469 -50.54 7.04 -22.15
C GLY C 469 -51.34 5.98 -21.41
N ARG C 470 -52.24 5.35 -22.17
CA ARG C 470 -53.10 4.33 -21.59
C ARG C 470 -52.29 3.11 -21.17
N PRO C 471 -52.75 2.39 -20.15
CA PRO C 471 -51.97 1.26 -19.63
C PRO C 471 -51.74 0.17 -20.66
N CYS C 472 -50.56 -0.41 -20.63
CA CYS C 472 -50.25 -1.55 -21.48
C CYS C 472 -51.07 -2.77 -21.06
N MET C 473 -51.49 -3.56 -22.05
CA MET C 473 -52.37 -4.69 -21.83
C MET C 473 -51.68 -6.04 -22.07
N CYS C 474 -50.35 -6.08 -21.97
CA CYS C 474 -49.64 -7.34 -22.10
C CYS C 474 -49.91 -8.23 -20.89
N LYS C 475 -49.46 -9.49 -20.98
CA LYS C 475 -49.67 -10.43 -19.89
C LYS C 475 -48.92 -9.99 -18.64
N THR C 476 -47.75 -9.37 -18.81
CA THR C 476 -46.96 -8.93 -17.68
C THR C 476 -47.58 -7.73 -16.99
N CYS C 477 -48.03 -6.72 -17.76
CA CYS C 477 -48.57 -5.52 -17.15
C CYS C 477 -49.90 -5.77 -16.45
N ARG C 478 -50.70 -6.70 -16.96
CA ARG C 478 -51.93 -7.07 -16.28
C ARG C 478 -51.64 -7.65 -14.91
N ILE C 479 -50.61 -8.50 -14.80
CA ILE C 479 -50.25 -9.07 -13.51
C ILE C 479 -49.66 -7.99 -12.59
N MET C 480 -48.88 -7.08 -13.15
CA MET C 480 -48.21 -6.08 -12.33
C MET C 480 -49.14 -5.01 -11.80
N ARG C 481 -50.35 -4.87 -12.35
CA ARG C 481 -51.29 -3.86 -11.88
C ARG C 481 -52.06 -4.30 -10.63
N GLY C 482 -52.02 -5.58 -10.29
CA GLY C 482 -52.56 -6.05 -9.03
C GLY C 482 -51.52 -6.28 -7.97
N ILE C 483 -50.25 -6.00 -8.26
CA ILE C 483 -49.14 -6.34 -7.38
C ILE C 483 -48.79 -5.15 -6.50
N THR C 484 -48.68 -5.40 -5.20
CA THR C 484 -48.18 -4.43 -4.24
C THR C 484 -47.13 -5.11 -3.37
N VAL C 485 -45.97 -4.48 -3.23
CA VAL C 485 -44.85 -5.03 -2.48
C VAL C 485 -44.41 -3.98 -1.47
N MET C 486 -44.25 -4.40 -0.21
CA MET C 486 -43.81 -3.50 0.84
C MET C 486 -42.31 -3.26 0.75
N ASP C 487 -41.91 -2.00 0.87
CA ASP C 487 -40.49 -1.68 1.02
C ASP C 487 -39.97 -2.25 2.34
N ALA C 488 -38.76 -2.80 2.30
CA ALA C 488 -38.23 -3.55 3.41
C ALA C 488 -36.87 -3.01 3.84
N ARG C 489 -36.57 -3.20 5.12
CA ARG C 489 -35.26 -2.88 5.69
C ARG C 489 -34.83 -4.04 6.59
N SER C 490 -33.61 -3.98 7.08
CA SER C 490 -33.04 -5.02 7.91
C SER C 490 -32.67 -4.47 9.27
N GLU C 491 -32.76 -5.32 10.29
CA GLU C 491 -32.27 -4.96 11.61
C GLU C 491 -30.76 -4.79 11.61
N TYR C 492 -30.05 -5.57 10.81
CA TYR C 492 -28.60 -5.48 10.70
C TYR C 492 -28.21 -4.09 10.18
N ASN C 493 -27.24 -3.46 10.87
CA ASN C 493 -26.85 -2.10 10.51
C ASN C 493 -25.34 -1.89 10.56
N ALA C 494 -24.54 -2.94 10.39
CA ALA C 494 -23.10 -2.75 10.31
C ALA C 494 -22.73 -2.09 8.98
N PRO C 495 -21.64 -1.32 8.95
CA PRO C 495 -21.27 -0.64 7.72
C PRO C 495 -20.87 -1.64 6.63
N PRO C 496 -21.09 -1.31 5.37
CA PRO C 496 -20.73 -2.23 4.28
C PRO C 496 -19.22 -2.36 4.13
N GLU C 497 -18.80 -3.46 3.51
CA GLU C 497 -17.39 -3.69 3.28
C GLU C 497 -16.95 -3.02 1.99
N ILE C 498 -15.66 -2.69 1.90
CA ILE C 498 -15.09 -2.01 0.74
C ILE C 498 -14.23 -3.01 -0.01
N ARG C 499 -14.48 -3.16 -1.30
CA ARG C 499 -13.75 -4.08 -2.15
C ARG C 499 -12.96 -3.30 -3.20
N HIS C 500 -11.71 -3.71 -3.44
CA HIS C 500 -10.89 -3.15 -4.50
C HIS C 500 -11.14 -3.91 -5.79
N ARG C 501 -11.14 -3.18 -6.90
CA ARG C 501 -11.34 -3.77 -8.22
C ARG C 501 -10.47 -3.04 -9.23
N THR C 502 -9.87 -3.82 -10.15
CA THR C 502 -8.98 -3.29 -11.17
C THR C 502 -9.27 -3.97 -12.49
N ARG C 503 -8.67 -3.43 -13.56
CA ARG C 503 -8.73 -4.01 -14.90
C ARG C 503 -7.32 -4.16 -15.43
N ILE C 504 -7.03 -5.32 -16.00
CA ILE C 504 -5.69 -5.68 -16.44
C ILE C 504 -5.51 -5.31 -17.91
N ASN C 505 -4.31 -4.83 -18.25
CA ASN C 505 -3.96 -4.60 -19.65
C ASN C 505 -3.52 -5.91 -20.27
N PRO C 506 -4.23 -6.42 -21.28
CA PRO C 506 -3.87 -7.75 -21.81
C PRO C 506 -2.47 -7.84 -22.39
N PHE C 507 -1.98 -6.78 -23.03
CA PHE C 507 -0.68 -6.84 -23.68
C PHE C 507 0.46 -6.84 -22.67
N THR C 508 0.39 -5.95 -21.67
CA THR C 508 1.47 -5.84 -20.70
C THR C 508 1.32 -6.80 -19.52
N GLY C 509 0.14 -7.38 -19.33
CA GLY C 509 -0.08 -8.23 -18.18
C GLY C 509 -0.20 -7.50 -16.86
N THR C 510 -0.17 -6.17 -16.88
CA THR C 510 -0.27 -5.35 -15.69
C THR C 510 -1.59 -4.57 -15.72
N VAL C 511 -1.81 -3.77 -14.67
CA VAL C 511 -3.06 -3.03 -14.55
C VAL C 511 -3.09 -1.88 -15.54
N ALA C 512 -4.30 -1.55 -16.00
CA ALA C 512 -4.49 -0.47 -16.94
C ALA C 512 -4.50 0.88 -16.21
N GLU C 513 -4.34 1.95 -16.99
CA GLU C 513 -4.28 3.29 -16.42
C GLU C 513 -5.67 3.73 -15.97
N GLY C 514 -5.78 4.16 -14.72
CA GLY C 514 -7.04 4.64 -14.19
C GLY C 514 -8.04 3.58 -13.81
N ALA C 515 -7.67 2.30 -13.95
CA ALA C 515 -8.59 1.19 -13.65
C ALA C 515 -8.35 0.67 -12.23
N LEU C 516 -8.71 1.50 -11.25
CA LEU C 516 -8.64 1.12 -9.85
C LEU C 516 -9.78 1.82 -9.12
N PHE C 517 -10.64 1.04 -8.48
CA PHE C 517 -11.78 1.63 -7.81
C PHE C 517 -12.22 0.73 -6.65
N ASN C 518 -13.11 1.25 -5.84
CA ASN C 518 -13.61 0.54 -4.67
C ASN C 518 -15.13 0.55 -4.66
N MET C 519 -15.70 -0.52 -4.12
CA MET C 519 -17.15 -0.73 -4.14
C MET C 519 -17.63 -1.11 -2.76
N GLU C 520 -18.72 -0.49 -2.33
CA GLU C 520 -19.41 -0.89 -1.11
C GLU C 520 -20.24 -2.13 -1.38
N VAL C 521 -20.10 -3.14 -0.52
CA VAL C 521 -20.79 -4.41 -0.65
C VAL C 521 -21.48 -4.73 0.67
N ALA C 522 -22.77 -5.08 0.59
CA ALA C 522 -23.55 -5.53 1.74
C ALA C 522 -23.32 -7.02 1.97
N PRO C 523 -23.24 -7.47 3.21
CA PRO C 523 -22.91 -8.87 3.48
C PRO C 523 -24.05 -9.80 3.10
N GLU C 524 -23.68 -11.05 2.80
CA GLU C 524 -24.66 -12.10 2.59
C GLU C 524 -25.28 -12.52 3.92
N GLY C 525 -26.42 -13.19 3.83
CA GLY C 525 -27.12 -13.66 5.00
C GLY C 525 -28.11 -12.67 5.60
N ILE C 526 -28.24 -11.48 5.02
CA ILE C 526 -29.20 -10.50 5.51
C ILE C 526 -30.60 -10.94 5.13
N VAL C 527 -31.53 -10.87 6.09
CA VAL C 527 -32.91 -11.32 5.91
C VAL C 527 -33.82 -10.10 5.86
N PHE C 528 -34.67 -10.04 4.83
CA PHE C 528 -35.64 -8.97 4.69
C PHE C 528 -37.05 -9.55 4.78
N PRO C 529 -37.94 -8.97 5.59
CA PRO C 529 -39.35 -9.35 5.50
C PRO C 529 -39.91 -8.99 4.14
N PHE C 530 -40.79 -9.86 3.62
CA PHE C 530 -41.29 -9.75 2.26
C PHE C 530 -42.80 -9.95 2.28
N GLN C 531 -43.55 -8.98 1.79
CA GLN C 531 -45.00 -9.07 1.68
C GLN C 531 -45.42 -8.70 0.28
N LEU C 532 -46.20 -9.55 -0.36
CA LEU C 532 -46.70 -9.32 -1.71
C LEU C 532 -48.20 -9.53 -1.73
N ARG C 533 -48.94 -8.55 -2.24
CA ARG C 533 -50.39 -8.66 -2.37
C ARG C 533 -50.77 -8.57 -3.83
N TYR C 534 -51.56 -9.53 -4.29
CA TYR C 534 -52.06 -9.54 -5.66
C TYR C 534 -53.57 -9.41 -5.63
N ARG C 535 -54.09 -8.38 -6.29
CA ARG C 535 -55.52 -8.15 -6.38
C ARG C 535 -55.95 -8.39 -7.82
N GLY C 536 -56.83 -9.38 -8.01
CA GLY C 536 -57.21 -9.77 -9.36
C GLY C 536 -58.46 -10.61 -9.39
N SER C 537 -58.89 -10.91 -10.61
CA SER C 537 -60.14 -11.65 -10.82
C SER C 537 -59.95 -13.16 -10.71
N GLU C 538 -58.75 -13.66 -10.95
CA GLU C 538 -58.51 -15.10 -10.88
C GLU C 538 -58.74 -15.61 -9.46
N ASP C 539 -58.90 -16.93 -9.35
CA ASP C 539 -59.14 -17.53 -8.04
C ASP C 539 -57.95 -17.31 -7.10
N GLY C 540 -56.73 -17.39 -7.62
CA GLY C 540 -55.55 -17.11 -6.85
C GLY C 540 -54.51 -16.34 -7.64
N LEU C 541 -53.24 -16.69 -7.46
CA LEU C 541 -52.19 -16.08 -8.24
C LEU C 541 -52.21 -16.62 -9.67
N PRO C 542 -51.78 -15.82 -10.64
CA PRO C 542 -51.63 -16.34 -12.00
C PRO C 542 -50.49 -17.35 -12.08
N ASP C 543 -50.52 -18.18 -13.13
CA ASP C 543 -49.49 -19.18 -13.31
C ASP C 543 -48.11 -18.57 -13.47
N ALA C 544 -48.02 -17.43 -14.16
CA ALA C 544 -46.73 -16.76 -14.32
C ALA C 544 -46.15 -16.37 -12.97
N LEU C 545 -46.98 -15.79 -12.11
CA LEU C 545 -46.50 -15.40 -10.77
C LEU C 545 -46.13 -16.63 -9.95
N LYS C 546 -46.89 -17.71 -10.08
CA LYS C 546 -46.56 -18.94 -9.36
C LYS C 546 -45.19 -19.47 -9.79
N THR C 547 -44.93 -19.47 -11.10
CA THR C 547 -43.64 -19.96 -11.59
C THR C 547 -42.50 -19.04 -11.16
N VAL C 548 -42.72 -17.72 -11.20
CA VAL C 548 -41.68 -16.79 -10.76
C VAL C 548 -41.38 -16.95 -9.28
N LEU C 549 -42.42 -17.10 -8.46
CA LEU C 549 -42.20 -17.29 -7.03
C LEU C 549 -41.55 -18.64 -6.74
N LYS C 550 -41.82 -19.67 -7.55
CA LYS C 550 -41.11 -20.93 -7.38
C LYS C 550 -39.65 -20.80 -7.80
N TRP C 551 -39.37 -20.02 -8.84
CA TRP C 551 -37.98 -19.69 -9.18
C TRP C 551 -37.28 -19.05 -8.00
N TRP C 552 -37.94 -18.07 -7.37
CA TRP C 552 -37.35 -17.39 -6.22
C TRP C 552 -37.20 -18.34 -5.04
N ALA C 553 -38.10 -19.32 -4.91
CA ALA C 553 -38.00 -20.29 -3.81
C ALA C 553 -36.81 -21.21 -3.99
N GLU C 554 -36.35 -21.42 -5.22
CA GLU C 554 -35.19 -22.25 -5.50
C GLU C 554 -33.88 -21.47 -5.42
N GLY C 555 -33.90 -20.27 -4.85
CA GLY C 555 -32.70 -19.48 -4.75
C GLY C 555 -32.24 -18.84 -6.04
N GLN C 556 -33.14 -18.69 -7.02
CA GLN C 556 -32.81 -18.06 -8.28
C GLN C 556 -33.42 -16.68 -8.41
N ALA C 557 -33.52 -15.94 -7.30
CA ALA C 557 -34.02 -14.57 -7.29
C ALA C 557 -32.82 -13.63 -7.37
N PHE C 558 -32.51 -13.17 -8.59
CA PHE C 558 -31.42 -12.23 -8.81
C PHE C 558 -32.00 -10.82 -8.73
N MET C 559 -31.79 -10.17 -7.60
CA MET C 559 -32.47 -8.93 -7.25
C MET C 559 -31.66 -7.67 -7.54
N SER C 560 -30.36 -7.68 -7.26
CA SER C 560 -29.57 -6.47 -7.24
C SER C 560 -28.64 -6.42 -8.46
N GLY C 561 -27.87 -5.34 -8.55
CA GLY C 561 -26.91 -5.16 -9.61
C GLY C 561 -25.62 -5.92 -9.35
N ALA C 562 -24.68 -5.75 -10.28
CA ALA C 562 -23.39 -6.43 -10.24
C ALA C 562 -23.57 -7.94 -10.18
N ALA C 563 -24.53 -8.45 -10.96
CA ALA C 563 -24.85 -9.88 -10.93
C ALA C 563 -23.73 -10.73 -11.52
N SER C 564 -23.03 -10.21 -12.53
CA SER C 564 -21.99 -11.00 -13.19
C SER C 564 -20.85 -11.34 -12.25
N THR C 565 -20.65 -10.54 -11.21
CA THR C 565 -19.69 -10.86 -10.15
C THR C 565 -20.35 -11.61 -9.00
N GLY C 566 -21.43 -12.34 -9.28
CA GLY C 566 -22.09 -13.16 -8.29
C GLY C 566 -22.67 -12.40 -7.12
N LYS C 567 -23.37 -11.30 -7.41
CA LYS C 567 -23.94 -10.46 -6.38
C LYS C 567 -25.45 -10.32 -6.58
N GLY C 568 -26.19 -10.46 -5.49
CA GLY C 568 -27.61 -10.19 -5.48
C GLY C 568 -28.48 -11.40 -5.78
N ARG C 569 -28.12 -12.55 -5.25
CA ARG C 569 -28.91 -13.77 -5.40
C ARG C 569 -29.61 -14.06 -4.08
N PHE C 570 -30.93 -13.95 -4.08
CA PHE C 570 -31.74 -14.14 -2.89
C PHE C 570 -32.56 -15.41 -3.00
N ARG C 571 -33.01 -15.91 -1.86
CA ARG C 571 -33.93 -17.04 -1.80
C ARG C 571 -35.11 -16.65 -0.92
N MET C 572 -36.32 -16.92 -1.41
CA MET C 572 -37.53 -16.66 -0.64
C MET C 572 -37.83 -17.86 0.25
N GLU C 573 -38.09 -17.58 1.53
CA GLU C 573 -38.25 -18.63 2.53
C GLU C 573 -39.43 -18.30 3.44
N ASN C 574 -39.97 -19.34 4.07
CA ASN C 574 -41.08 -19.20 5.02
C ASN C 574 -42.30 -18.58 4.35
N ALA C 575 -42.52 -18.91 3.08
CA ALA C 575 -43.60 -18.31 2.32
C ALA C 575 -44.96 -18.88 2.74
N LYS C 576 -45.91 -17.98 2.95
CA LYS C 576 -47.30 -18.34 3.23
C LYS C 576 -48.20 -17.52 2.31
N TYR C 577 -49.25 -18.15 1.80
CA TYR C 577 -50.18 -17.47 0.90
C TYR C 577 -51.62 -17.72 1.36
N GLU C 578 -52.45 -16.70 1.16
CA GLU C 578 -53.87 -16.79 1.53
C GLU C 578 -54.67 -15.86 0.64
N THR C 579 -55.82 -16.34 0.17
CA THR C 579 -56.69 -15.57 -0.70
C THR C 579 -57.92 -15.12 0.07
N LEU C 580 -58.25 -13.84 -0.04
CA LEU C 580 -59.44 -13.25 0.56
C LEU C 580 -60.38 -12.80 -0.55
N ASP C 581 -61.65 -13.16 -0.43
CA ASP C 581 -62.65 -12.84 -1.44
C ASP C 581 -63.30 -11.50 -1.06
N LEU C 582 -62.92 -10.44 -1.76
CA LEU C 582 -63.48 -9.11 -1.49
C LEU C 582 -64.87 -8.93 -2.08
N SER C 583 -65.33 -9.85 -2.92
CA SER C 583 -66.69 -9.78 -3.45
C SER C 583 -67.71 -10.06 -2.36
N ASP C 584 -67.39 -10.93 -1.42
CA ASP C 584 -68.28 -11.23 -0.31
C ASP C 584 -68.47 -9.98 0.55
N GLU C 585 -69.72 -9.69 0.89
CA GLU C 585 -70.01 -8.48 1.67
C GLU C 585 -69.40 -8.55 3.06
N ASN C 586 -69.50 -9.72 3.71
CA ASN C 586 -68.92 -9.86 5.04
C ASN C 586 -67.42 -9.69 5.02
N GLN C 587 -66.75 -10.32 4.06
CA GLN C 587 -65.29 -10.18 3.95
C GLN C 587 -64.90 -8.76 3.58
N ARG C 588 -65.66 -8.12 2.70
CA ARG C 588 -65.36 -6.74 2.33
C ARG C 588 -65.49 -5.79 3.52
N ASN C 589 -66.54 -5.97 4.32
CA ASN C 589 -66.72 -5.11 5.49
C ASN C 589 -65.65 -5.41 6.55
N ASP C 590 -65.27 -6.68 6.71
CA ASP C 590 -64.19 -7.01 7.62
C ASP C 590 -62.88 -6.39 7.17
N TYR C 591 -62.63 -6.40 5.85
CA TYR C 591 -61.45 -5.77 5.30
C TYR C 591 -61.46 -4.27 5.55
N LEU C 592 -62.61 -3.62 5.35
CA LEU C 592 -62.71 -2.18 5.57
C LEU C 592 -62.51 -1.82 7.04
N LYS C 593 -63.08 -2.62 7.96
CA LYS C 593 -63.02 -2.28 9.38
C LYS C 593 -61.59 -2.31 9.90
N ASN C 594 -60.78 -3.25 9.41
CA ASN C 594 -59.42 -3.44 9.90
C ASN C 594 -58.37 -2.82 8.99
N TRP C 595 -58.78 -1.98 8.04
CA TRP C 595 -57.86 -1.31 7.12
C TRP C 595 -57.02 -2.31 6.33
N GLY C 596 -57.62 -3.46 6.01
CA GLY C 596 -56.92 -4.46 5.22
C GLY C 596 -55.80 -5.19 5.91
N TRP C 597 -55.64 -4.99 7.22
CA TRP C 597 -54.57 -5.62 8.00
C TRP C 597 -53.20 -5.34 7.39
N ARG C 598 -52.98 -4.08 7.02
CA ARG C 598 -51.71 -3.68 6.41
C ARG C 598 -50.78 -2.96 7.37
N ASP C 599 -51.28 -2.50 8.52
CA ASP C 599 -50.43 -1.87 9.50
C ASP C 599 -49.65 -2.93 10.28
N GLU C 600 -48.76 -2.46 11.17
CA GLU C 600 -47.95 -3.39 11.95
C GLU C 600 -48.81 -4.29 12.84
N LYS C 601 -49.83 -3.73 13.48
CA LYS C 601 -50.72 -4.53 14.31
C LYS C 601 -51.60 -5.43 13.46
N GLY C 602 -52.12 -4.92 12.34
CA GLY C 602 -52.99 -5.71 11.50
C GLY C 602 -52.30 -6.89 10.86
N LEU C 603 -51.04 -6.71 10.46
CA LEU C 603 -50.27 -7.82 9.90
C LEU C 603 -50.12 -8.96 10.90
N GLU C 604 -50.01 -8.64 12.18
CA GLU C 604 -49.90 -9.68 13.21
C GLU C 604 -51.12 -10.59 13.19
N GLU C 605 -52.31 -10.00 13.12
CA GLU C 605 -53.53 -10.80 13.04
C GLU C 605 -53.64 -11.52 11.70
N LEU C 606 -53.24 -10.86 10.61
CA LEU C 606 -53.39 -11.45 9.29
C LEU C 606 -52.50 -12.68 9.12
N LYS C 607 -51.27 -12.62 9.62
CA LYS C 607 -50.33 -13.72 9.42
C LYS C 607 -50.76 -15.00 10.13
N LYS C 608 -51.65 -14.91 11.11
CA LYS C 608 -52.19 -16.11 11.73
C LYS C 608 -53.03 -16.91 10.74
N ARG C 609 -53.74 -16.22 9.84
CA ARG C 609 -54.60 -16.86 8.87
C ARG C 609 -53.84 -17.40 7.66
N LEU C 610 -52.59 -16.99 7.46
CA LEU C 610 -51.82 -17.44 6.31
C LEU C 610 -51.45 -18.90 6.45
N ASN C 611 -51.42 -19.61 5.32
CA ASN C 611 -51.08 -21.02 5.28
C ASN C 611 -49.75 -21.22 4.57
N SER C 612 -48.88 -22.03 5.17
CA SER C 612 -47.51 -22.16 4.70
C SER C 612 -47.46 -22.74 3.29
N GLY C 613 -46.37 -22.45 2.59
CA GLY C 613 -46.16 -22.96 1.25
C GLY C 613 -46.49 -21.94 0.18
N LEU C 614 -46.44 -22.42 -1.06
CA LEU C 614 -46.77 -21.64 -2.24
C LEU C 614 -47.57 -22.52 -3.19
N PRO C 615 -48.44 -21.92 -4.00
CA PRO C 615 -49.18 -22.72 -4.99
C PRO C 615 -48.24 -23.33 -6.02
N GLU C 616 -48.59 -24.53 -6.47
CA GLU C 616 -47.80 -25.23 -7.48
C GLU C 616 -48.28 -24.82 -8.86
N PRO C 617 -47.43 -24.22 -9.69
CA PRO C 617 -47.86 -23.82 -11.04
C PRO C 617 -48.08 -25.03 -11.92
N GLY C 618 -49.24 -25.10 -12.57
CA GLY C 618 -49.51 -26.19 -13.49
C GLY C 618 -48.57 -26.18 -14.68
N ASN C 619 -48.40 -25.02 -15.30
CA ASN C 619 -47.48 -24.88 -16.43
C ASN C 619 -46.15 -24.29 -15.96
N TYR C 620 -45.48 -25.07 -15.11
CA TYR C 620 -44.20 -24.64 -14.57
C TYR C 620 -43.13 -24.65 -15.65
N ARG C 621 -42.34 -23.57 -15.69
CA ARG C 621 -41.23 -23.43 -16.62
C ARG C 621 -39.92 -23.47 -15.86
N ASP C 622 -38.93 -24.16 -16.42
CA ASP C 622 -37.66 -24.34 -15.76
C ASP C 622 -36.92 -23.00 -15.66
N PRO C 623 -36.12 -22.83 -14.60
CA PRO C 623 -35.29 -21.62 -14.50
C PRO C 623 -34.27 -21.55 -15.63
N LYS C 624 -33.91 -20.32 -16.00
CA LYS C 624 -33.01 -20.10 -17.12
C LYS C 624 -31.53 -20.21 -16.74
N TRP C 625 -31.21 -20.32 -15.45
CA TRP C 625 -29.83 -20.36 -15.00
C TRP C 625 -29.51 -21.70 -14.35
N HIS C 626 -28.31 -22.21 -14.61
CA HIS C 626 -27.86 -23.50 -14.14
C HIS C 626 -26.55 -23.33 -13.38
N GLU C 627 -26.40 -24.04 -12.28
CA GLU C 627 -25.25 -23.92 -11.41
C GLU C 627 -24.19 -24.95 -11.80
N ILE C 628 -22.95 -24.50 -11.98
CA ILE C 628 -21.81 -25.36 -12.28
C ILE C 628 -20.80 -25.17 -11.17
N ASN C 629 -20.34 -26.27 -10.58
CA ASN C 629 -19.47 -26.22 -9.41
C ASN C 629 -18.02 -26.45 -9.81
N VAL C 630 -17.13 -25.59 -9.33
CA VAL C 630 -15.71 -25.62 -9.68
C VAL C 630 -14.91 -26.02 -8.44
N SER C 631 -13.92 -26.90 -8.65
CA SER C 631 -13.00 -27.32 -7.60
C SER C 631 -11.58 -27.22 -8.16
N ILE C 632 -10.74 -26.42 -7.51
CA ILE C 632 -9.38 -26.16 -7.96
C ILE C 632 -8.41 -26.63 -6.88
N GLU C 633 -7.39 -27.37 -7.28
CA GLU C 633 -6.31 -27.80 -6.42
C GLU C 633 -5.05 -27.03 -6.78
N MET C 634 -4.49 -26.32 -5.80
CA MET C 634 -3.29 -25.52 -5.98
C MET C 634 -2.24 -25.94 -4.96
N ALA C 635 -1.12 -26.50 -5.44
CA ALA C 635 -0.03 -26.92 -4.56
C ALA C 635 1.02 -25.80 -4.43
N SER C 636 0.55 -24.63 -4.05
CA SER C 636 1.41 -23.45 -3.95
C SER C 636 0.71 -22.42 -3.09
N PRO C 637 1.44 -21.44 -2.57
CA PRO C 637 0.79 -20.35 -1.82
C PRO C 637 -0.07 -19.47 -2.72
N PHE C 638 -0.98 -18.75 -2.09
CA PHE C 638 -1.95 -17.92 -2.80
C PHE C 638 -2.19 -16.64 -2.03
N ILE C 639 -2.41 -15.53 -2.74
CA ILE C 639 -2.81 -14.28 -2.12
C ILE C 639 -3.69 -13.50 -3.08
N ASN C 640 -4.81 -12.99 -2.58
CA ASN C 640 -5.62 -11.98 -3.25
C ASN C 640 -5.54 -10.74 -2.39
N GLY C 641 -4.69 -9.80 -2.78
CA GLY C 641 -4.21 -8.77 -1.86
C GLY C 641 -5.23 -7.74 -1.44
N ASP C 642 -5.03 -7.21 -0.23
CA ASP C 642 -5.82 -6.13 0.34
C ASP C 642 -4.91 -5.26 1.22
N PRO C 643 -4.45 -4.11 0.70
CA PRO C 643 -3.43 -3.35 1.45
C PRO C 643 -4.00 -2.56 2.62
N ILE C 644 -5.25 -2.10 2.52
CA ILE C 644 -5.82 -1.29 3.60
C ILE C 644 -6.06 -2.15 4.84
N ARG C 645 -6.56 -3.37 4.66
CA ARG C 645 -6.69 -4.29 5.77
C ARG C 645 -5.36 -4.54 6.46
N ALA C 646 -4.28 -4.62 5.69
CA ALA C 646 -2.95 -4.76 6.26
C ALA C 646 -2.53 -3.50 7.00
N ALA C 647 -2.87 -2.32 6.46
CA ALA C 647 -2.56 -1.07 7.16
C ALA C 647 -3.29 -0.98 8.49
N VAL C 648 -4.46 -1.61 8.60
CA VAL C 648 -5.19 -1.62 9.86
C VAL C 648 -4.91 -2.86 10.70
N ASP C 649 -4.43 -3.95 10.10
CA ASP C 649 -4.27 -5.21 10.80
C ASP C 649 -3.25 -5.09 11.93
N LYS C 650 -3.47 -5.90 12.98
CA LYS C 650 -2.61 -5.84 14.16
C LYS C 650 -1.17 -6.20 13.83
N ARG C 651 -0.97 -7.23 13.00
CA ARG C 651 0.37 -7.65 12.60
C ARG C 651 0.79 -6.84 11.38
N GLY C 652 1.82 -6.02 11.53
CA GLY C 652 2.28 -5.17 10.45
C GLY C 652 2.77 -5.95 9.24
N THR C 653 2.16 -5.71 8.09
CA THR C 653 2.53 -6.38 6.85
C THR C 653 2.14 -5.47 5.70
N ALA C 654 2.89 -5.57 4.59
CA ALA C 654 2.63 -4.72 3.44
C ALA C 654 1.28 -5.02 2.81
N VAL C 655 0.91 -6.30 2.73
CA VAL C 655 -0.35 -6.69 2.09
C VAL C 655 -0.85 -7.97 2.73
N VAL C 656 -2.17 -8.12 2.78
CA VAL C 656 -2.82 -9.31 3.29
C VAL C 656 -3.87 -9.78 2.29
N THR C 657 -4.32 -11.01 2.47
CA THR C 657 -5.28 -11.63 1.57
C THR C 657 -6.68 -11.04 1.79
N PHE C 658 -7.47 -11.07 0.73
CA PHE C 658 -8.83 -10.54 0.79
C PHE C 658 -9.69 -11.36 1.75
N VAL C 659 -10.50 -10.65 2.54
CA VAL C 659 -11.42 -11.24 3.49
C VAL C 659 -12.76 -10.53 3.37
N LYS C 660 -13.85 -11.30 3.33
CA LYS C 660 -15.18 -10.74 3.24
C LYS C 660 -15.96 -11.02 4.52
N TYR C 661 -17.09 -10.34 4.68
CA TYR C 661 -17.93 -10.48 5.86
C TYR C 661 -19.28 -11.06 5.48
N LYS C 662 -19.80 -11.95 6.32
CA LYS C 662 -21.15 -12.47 6.15
C LYS C 662 -21.96 -12.21 7.42
N ALA C 663 -23.24 -11.93 7.24
CA ALA C 663 -24.09 -11.48 8.33
C ALA C 663 -24.71 -12.69 9.04
N GLU C 664 -24.50 -12.77 10.35
CA GLU C 664 -25.13 -13.78 11.21
C GLU C 664 -25.77 -13.03 12.38
N GLY C 665 -27.09 -13.05 12.43
CA GLY C 665 -27.78 -12.24 13.43
C GLY C 665 -27.50 -10.78 13.18
N GLU C 666 -26.95 -10.10 14.19
CA GLU C 666 -26.50 -8.72 14.07
C GLU C 666 -24.99 -8.61 14.01
N GLU C 667 -24.29 -9.73 13.81
CA GLU C 667 -22.84 -9.77 13.79
C GLU C 667 -22.32 -10.08 12.40
N ALA C 668 -21.03 -9.81 12.19
CA ALA C 668 -20.37 -10.07 10.92
C ALA C 668 -19.22 -11.05 11.15
N LYS C 669 -19.21 -12.13 10.38
CA LYS C 669 -18.13 -13.11 10.44
C LYS C 669 -17.21 -12.92 9.25
N PRO C 670 -15.90 -12.70 9.48
CA PRO C 670 -14.96 -12.59 8.36
C PRO C 670 -14.45 -13.95 7.92
N VAL C 671 -14.45 -14.17 6.60
CA VAL C 671 -13.93 -15.39 6.00
C VAL C 671 -13.05 -15.03 4.80
N CYS C 672 -12.05 -15.86 4.57
CA CYS C 672 -11.13 -15.68 3.45
C CYS C 672 -11.75 -16.27 2.19
N ALA C 673 -11.71 -15.51 1.09
CA ALA C 673 -12.32 -15.96 -0.15
C ALA C 673 -11.54 -15.40 -1.33
N TYR C 674 -11.61 -16.14 -2.43
CA TYR C 674 -11.11 -15.67 -3.72
C TYR C 674 -12.20 -14.82 -4.36
N LYS C 675 -11.89 -13.55 -4.62
CA LYS C 675 -12.88 -12.62 -5.13
C LYS C 675 -13.46 -13.11 -6.44
N ALA C 676 -14.78 -12.94 -6.59
CA ALA C 676 -15.46 -13.36 -7.81
C ALA C 676 -14.97 -12.57 -9.02
N GLU C 677 -14.64 -11.29 -8.83
CA GLU C 677 -14.14 -10.48 -9.93
C GLU C 677 -12.83 -11.04 -10.48
N SER C 678 -11.91 -11.44 -9.59
CA SER C 678 -10.63 -11.96 -10.02
C SER C 678 -10.78 -13.28 -10.77
N PHE C 679 -11.60 -14.19 -10.23
CA PHE C 679 -11.80 -15.47 -10.90
C PHE C 679 -12.49 -15.28 -12.24
N ARG C 680 -13.46 -14.38 -12.31
CA ARG C 680 -14.10 -14.06 -13.59
C ARG C 680 -13.09 -13.52 -14.58
N GLY C 681 -12.21 -12.61 -14.15
CA GLY C 681 -11.21 -12.07 -15.04
C GLY C 681 -10.24 -13.12 -15.54
N VAL C 682 -9.80 -14.02 -14.65
CA VAL C 682 -8.88 -15.07 -15.05
C VAL C 682 -9.53 -16.01 -16.06
N ILE C 683 -10.78 -16.41 -15.80
CA ILE C 683 -11.48 -17.30 -16.73
C ILE C 683 -11.71 -16.62 -18.07
N ARG C 684 -12.08 -15.33 -18.04
CA ARG C 684 -12.29 -14.60 -19.29
C ARG C 684 -10.99 -14.47 -20.08
N SER C 685 -9.88 -14.21 -19.40
CA SER C 685 -8.59 -14.18 -20.09
C SER C 685 -8.24 -15.53 -20.68
N ALA C 686 -8.53 -16.61 -19.95
CA ALA C 686 -8.27 -17.95 -20.48
C ALA C 686 -9.09 -18.21 -21.73
N VAL C 687 -10.36 -17.80 -21.74
CA VAL C 687 -11.19 -17.97 -22.92
C VAL C 687 -10.67 -17.13 -24.08
N ALA C 688 -10.27 -15.89 -23.80
CA ALA C 688 -9.92 -14.96 -24.88
C ALA C 688 -8.55 -15.25 -25.49
N ARG C 689 -7.60 -15.77 -24.71
CA ARG C 689 -6.24 -15.92 -25.21
C ARG C 689 -6.19 -16.97 -26.32
N ILE C 690 -7.00 -18.01 -26.24
CA ILE C 690 -6.94 -19.09 -27.22
C ILE C 690 -7.88 -18.90 -28.41
N HIS C 691 -8.81 -17.95 -28.33
CA HIS C 691 -9.81 -17.72 -29.38
C HIS C 691 -9.55 -16.40 -30.08
N MET C 692 -9.77 -16.39 -31.40
CA MET C 692 -9.62 -15.19 -32.21
C MET C 692 -10.78 -15.09 -33.18
N GLU C 693 -11.22 -13.86 -33.45
CA GLU C 693 -12.32 -13.59 -34.37
C GLU C 693 -11.80 -12.82 -35.58
N ASP C 694 -12.21 -13.26 -36.77
CA ASP C 694 -11.82 -12.69 -38.06
C ASP C 694 -10.34 -12.35 -38.11
N GLY C 695 -9.49 -13.23 -37.59
CA GLY C 695 -8.06 -13.03 -37.57
C GLY C 695 -7.53 -12.16 -36.46
N VAL C 696 -8.39 -11.67 -35.57
CA VAL C 696 -8.00 -10.80 -34.47
C VAL C 696 -8.38 -11.49 -33.17
N PRO C 697 -7.47 -11.60 -32.20
CA PRO C 697 -7.85 -12.14 -30.90
C PRO C 697 -8.90 -11.28 -30.21
N LEU C 698 -9.73 -11.93 -29.39
CA LEU C 698 -10.87 -11.24 -28.78
C LEU C 698 -10.43 -10.07 -27.92
N THR C 699 -9.24 -10.14 -27.34
CA THR C 699 -8.76 -9.05 -26.49
C THR C 699 -8.57 -7.76 -27.29
N GLU C 700 -8.01 -7.87 -28.50
CA GLU C 700 -7.70 -6.67 -29.28
C GLU C 700 -8.98 -6.02 -29.82
N LEU C 701 -10.07 -6.77 -29.94
CA LEU C 701 -11.31 -6.22 -30.43
C LEU C 701 -11.84 -5.13 -29.49
N THR C 702 -12.45 -4.11 -30.09
CA THR C 702 -13.03 -3.03 -29.28
C THR C 702 -14.24 -3.52 -28.49
N HIS C 703 -14.82 -4.65 -28.91
CA HIS C 703 -15.98 -5.25 -28.24
C HIS C 703 -17.15 -4.29 -28.15
N SER C 704 -17.38 -3.50 -29.20
CA SER C 704 -18.51 -2.58 -29.28
C SER C 704 -19.43 -3.01 -30.42
N ASP C 705 -20.69 -3.30 -30.07
CA ASP C 705 -21.72 -3.65 -31.04
C ASP C 705 -21.29 -4.83 -31.91
N CYS C 706 -20.86 -5.91 -31.26
CA CYS C 706 -20.39 -7.11 -31.96
C CYS C 706 -21.01 -8.35 -31.34
N GLU C 707 -20.95 -9.45 -32.11
CA GLU C 707 -21.50 -10.73 -31.70
C GLU C 707 -20.42 -11.76 -31.39
N CYS C 708 -19.23 -11.30 -31.02
CA CYS C 708 -18.11 -12.21 -30.83
C CYS C 708 -18.33 -13.12 -29.62
N LEU C 709 -17.54 -14.19 -29.57
CA LEU C 709 -17.73 -15.22 -28.56
C LEU C 709 -17.62 -14.66 -27.15
N LEU C 710 -16.66 -13.76 -26.93
CA LEU C 710 -16.44 -13.21 -25.60
C LEU C 710 -17.65 -12.41 -25.12
N CYS C 711 -18.25 -11.61 -26.01
CA CYS C 711 -19.44 -10.85 -25.62
C CYS C 711 -20.63 -11.76 -25.38
N GLN C 712 -20.75 -12.83 -26.18
CA GLN C 712 -21.85 -13.77 -25.99
C GLN C 712 -21.76 -14.46 -24.63
N ILE C 713 -20.55 -14.86 -24.22
CA ILE C 713 -20.42 -15.64 -23.00
C ILE C 713 -20.36 -14.73 -21.77
N PHE C 714 -19.65 -13.60 -21.86
CA PHE C 714 -19.37 -12.77 -20.71
C PHE C 714 -20.06 -11.40 -20.72
N GLY C 715 -20.61 -10.97 -21.85
CA GLY C 715 -21.23 -9.67 -21.93
C GLY C 715 -20.22 -8.56 -22.16
N SER C 716 -20.75 -7.35 -22.33
CA SER C 716 -19.92 -6.18 -22.61
C SER C 716 -20.62 -4.94 -22.07
N GLU C 717 -20.10 -3.78 -22.46
CA GLU C 717 -20.71 -2.52 -22.06
C GLU C 717 -22.09 -2.33 -22.66
N TYR C 718 -22.44 -3.13 -23.67
CA TYR C 718 -23.74 -3.01 -24.33
C TYR C 718 -24.81 -3.84 -23.64
N GLU C 719 -24.47 -5.06 -23.22
CA GLU C 719 -25.44 -6.02 -22.72
C GLU C 719 -24.88 -6.77 -21.55
N ALA C 720 -25.78 -7.34 -20.75
CA ALA C 720 -25.38 -8.17 -19.62
C ALA C 720 -24.84 -9.52 -20.10
N GLY C 721 -23.99 -10.12 -19.28
CA GLY C 721 -23.44 -11.41 -19.61
C GLY C 721 -24.35 -12.56 -19.22
N LYS C 722 -24.09 -13.71 -19.84
CA LYS C 722 -24.86 -14.92 -19.60
C LYS C 722 -24.17 -15.86 -18.61
N ILE C 723 -23.12 -15.38 -17.94
CA ILE C 723 -22.40 -16.17 -16.95
C ILE C 723 -22.14 -15.28 -15.75
N ARG C 724 -22.21 -15.86 -14.55
CA ARG C 724 -22.08 -15.12 -13.30
C ARG C 724 -21.22 -15.93 -12.34
N PHE C 725 -20.07 -15.39 -11.98
CA PHE C 725 -19.12 -16.06 -11.11
C PHE C 725 -19.31 -15.60 -9.67
N GLU C 726 -19.40 -16.54 -8.75
CA GLU C 726 -19.46 -16.25 -7.33
C GLU C 726 -18.08 -16.36 -6.70
N ASP C 727 -17.96 -15.84 -5.48
CA ASP C 727 -16.71 -15.92 -4.75
C ASP C 727 -16.36 -17.37 -4.46
N LEU C 728 -15.11 -17.73 -4.75
CA LEU C 728 -14.61 -19.07 -4.43
C LEU C 728 -13.98 -19.02 -3.04
N VAL C 729 -14.42 -19.90 -2.15
CA VAL C 729 -13.95 -19.92 -0.77
C VAL C 729 -13.03 -21.12 -0.59
N PHE C 730 -12.01 -20.96 0.25
CA PHE C 730 -11.10 -22.05 0.53
C PHE C 730 -11.71 -23.00 1.57
N GLU C 731 -11.55 -24.30 1.32
CA GLU C 731 -11.94 -25.28 2.32
C GLU C 731 -11.02 -25.19 3.54
N SER C 732 -11.60 -25.46 4.70
CA SER C 732 -10.93 -25.32 5.99
C SER C 732 -10.72 -23.84 6.29
N ASP C 733 -9.88 -23.53 7.27
CA ASP C 733 -9.57 -22.14 7.64
C ASP C 733 -8.06 -21.97 7.68
N PRO C 734 -7.41 -21.93 6.52
CA PRO C 734 -5.94 -21.83 6.49
C PRO C 734 -5.48 -20.46 6.98
N GLU C 735 -4.59 -20.48 7.97
CA GLU C 735 -4.14 -19.18 8.45
C GLU C 735 -2.91 -18.73 7.66
N PRO C 736 -2.88 -17.46 7.26
CA PRO C 736 -1.77 -16.97 6.44
C PRO C 736 -0.45 -16.93 7.18
N VAL C 737 0.62 -17.07 6.41
CA VAL C 737 1.98 -17.00 6.92
C VAL C 737 2.64 -15.74 6.38
N THR C 738 3.77 -15.39 6.97
CA THR C 738 4.49 -14.16 6.63
C THR C 738 5.80 -14.51 5.95
N PHE C 739 5.97 -13.99 4.73
CA PHE C 739 7.20 -14.15 3.96
C PHE C 739 7.85 -12.80 3.75
N ASP C 740 9.12 -12.69 4.13
CA ASP C 740 9.88 -11.46 3.94
C ASP C 740 10.64 -11.54 2.62
N HIS C 741 10.74 -10.39 1.94
CA HIS C 741 11.54 -10.27 0.73
C HIS C 741 12.36 -8.99 0.79
N VAL C 742 13.53 -9.04 0.17
CA VAL C 742 14.40 -7.88 0.02
C VAL C 742 14.96 -7.88 -1.38
N ALA C 743 15.05 -6.71 -1.99
CA ALA C 743 15.63 -6.55 -3.32
C ALA C 743 17.13 -6.36 -3.18
N ILE C 744 17.89 -7.11 -3.96
CA ILE C 744 19.35 -7.13 -3.84
C ILE C 744 19.94 -6.22 -4.92
N ASP C 745 20.71 -5.22 -4.48
CA ASP C 745 21.40 -4.36 -5.43
C ASP C 745 22.42 -5.16 -6.23
N ARG C 746 22.34 -5.06 -7.55
CA ARG C 746 23.22 -5.85 -8.41
C ARG C 746 24.67 -5.38 -8.34
N PHE C 747 24.91 -4.15 -7.91
CA PHE C 747 26.27 -3.66 -7.78
C PHE C 747 26.85 -4.00 -6.41
N THR C 748 26.19 -3.54 -5.34
CA THR C 748 26.72 -3.78 -4.00
C THR C 748 26.51 -5.21 -3.53
N GLY C 749 25.57 -5.93 -4.13
CA GLY C 749 25.28 -7.28 -3.67
C GLY C 749 24.51 -7.36 -2.38
N GLY C 750 24.00 -6.23 -1.88
CA GLY C 750 23.30 -6.19 -0.62
C GLY C 750 21.89 -5.65 -0.78
N ALA C 751 21.24 -5.43 0.36
CA ALA C 751 19.87 -4.95 0.38
C ALA C 751 19.77 -3.58 -0.27
N ALA C 752 18.82 -3.44 -1.19
CA ALA C 752 18.52 -2.14 -1.77
C ALA C 752 17.73 -1.30 -0.79
N ALA C 753 17.98 0.01 -0.81
CA ALA C 753 17.38 0.92 0.17
C ALA C 753 15.87 0.93 0.03
N LYS C 754 15.18 0.83 1.17
CA LYS C 754 13.73 0.88 1.31
C LYS C 754 13.01 -0.32 0.70
N LYS C 755 13.74 -1.25 0.09
CA LYS C 755 13.13 -2.36 -0.62
C LYS C 755 12.96 -3.60 0.25
N LYS C 756 12.94 -3.45 1.57
CA LYS C 756 12.59 -4.55 2.45
C LYS C 756 11.08 -4.57 2.66
N PHE C 757 10.46 -5.75 2.49
CA PHE C 757 9.00 -5.81 2.58
C PHE C 757 8.54 -7.18 3.00
N ASP C 758 7.25 -7.26 3.33
CA ASP C 758 6.60 -8.48 3.78
C ASP C 758 5.41 -8.81 2.89
N ASP C 759 4.96 -10.06 2.98
CA ASP C 759 3.76 -10.53 2.30
C ASP C 759 3.11 -11.55 3.21
N SER C 760 1.78 -11.58 3.22
CA SER C 760 1.02 -12.48 4.09
C SER C 760 0.03 -13.29 3.27
N PRO C 761 0.52 -14.27 2.51
CA PRO C 761 -0.37 -15.09 1.69
C PRO C 761 -0.87 -16.32 2.45
N LEU C 762 -1.82 -17.01 1.82
CA LEU C 762 -2.27 -18.29 2.35
C LEU C 762 -1.26 -19.38 1.99
N PRO C 763 -0.77 -20.15 2.97
CA PRO C 763 0.26 -21.16 2.67
C PRO C 763 -0.32 -22.34 1.91
N GLY C 764 0.36 -22.74 0.85
CA GLY C 764 0.01 -23.92 0.09
C GLY C 764 1.23 -24.68 -0.37
N SER C 765 1.15 -26.00 -0.44
CA SER C 765 2.30 -26.83 -0.77
C SER C 765 1.80 -28.14 -1.34
N PRO C 766 2.65 -28.89 -2.05
CA PRO C 766 2.24 -30.22 -2.50
C PRO C 766 1.83 -31.14 -1.35
N ALA C 767 2.42 -30.94 -0.16
CA ALA C 767 2.01 -31.75 0.99
C ALA C 767 0.56 -31.47 1.38
N ARG C 768 0.19 -30.19 1.46
CA ARG C 768 -1.16 -29.79 1.85
C ARG C 768 -1.67 -28.79 0.82
N PRO C 769 -2.13 -29.27 -0.33
CA PRO C 769 -2.60 -28.36 -1.38
C PRO C 769 -3.83 -27.58 -0.93
N LEU C 770 -3.92 -26.33 -1.36
CA LEU C 770 -5.14 -25.56 -1.17
C LEU C 770 -6.23 -26.07 -2.09
N MET C 771 -7.45 -26.20 -1.54
CA MET C 771 -8.62 -26.63 -2.28
C MET C 771 -9.60 -25.47 -2.31
N LEU C 772 -9.82 -24.91 -3.50
CA LEU C 772 -10.66 -23.74 -3.69
C LEU C 772 -11.91 -24.18 -4.45
N LYS C 773 -13.06 -24.16 -3.80
CA LYS C 773 -14.29 -24.65 -4.40
C LYS C 773 -15.36 -23.57 -4.38
N GLY C 774 -16.12 -23.49 -5.47
CA GLY C 774 -17.18 -22.52 -5.57
C GLY C 774 -18.15 -22.89 -6.67
N SER C 775 -18.99 -21.93 -7.03
CA SER C 775 -20.00 -22.13 -8.06
C SER C 775 -20.04 -20.93 -9.01
N PHE C 776 -20.48 -21.17 -10.24
CA PHE C 776 -20.86 -20.11 -11.16
C PHE C 776 -22.12 -20.52 -11.90
N TRP C 777 -22.99 -19.55 -12.16
CA TRP C 777 -24.25 -19.79 -12.84
C TRP C 777 -24.13 -19.42 -14.31
N ILE C 778 -24.53 -20.33 -15.18
CA ILE C 778 -24.50 -20.12 -16.63
C ILE C 778 -25.92 -20.27 -17.16
N ARG C 779 -26.28 -19.43 -18.12
CA ARG C 779 -27.62 -19.54 -18.71
C ARG C 779 -27.73 -20.82 -19.52
N ARG C 780 -28.95 -21.38 -19.52
CA ARG C 780 -29.16 -22.71 -20.12
C ARG C 780 -28.86 -22.71 -21.60
N ASP C 781 -29.26 -21.66 -22.32
CA ASP C 781 -29.07 -21.63 -23.76
C ASP C 781 -27.60 -21.69 -24.16
N VAL C 782 -26.72 -21.10 -23.35
CA VAL C 782 -25.28 -21.22 -23.60
C VAL C 782 -24.81 -22.64 -23.34
N LEU C 783 -25.26 -23.24 -22.23
CA LEU C 783 -24.84 -24.59 -21.89
C LEU C 783 -25.32 -25.60 -22.93
N GLU C 784 -26.39 -25.29 -23.66
CA GLU C 784 -26.83 -26.17 -24.75
C GLU C 784 -25.96 -26.00 -25.99
N ASP C 785 -25.44 -24.80 -26.23
CA ASP C 785 -24.67 -24.54 -27.44
C ASP C 785 -23.38 -25.34 -27.46
N GLU C 786 -23.07 -25.91 -28.62
CA GLU C 786 -21.86 -26.73 -28.75
C GLU C 786 -20.60 -25.85 -28.80
N GLU C 787 -20.65 -24.75 -29.55
CA GLU C 787 -19.45 -23.92 -29.71
C GLU C 787 -19.03 -23.27 -28.40
N TYR C 788 -19.98 -22.76 -27.62
CA TYR C 788 -19.64 -22.15 -26.34
C TYR C 788 -19.10 -23.20 -25.37
N CYS C 789 -19.70 -24.39 -25.37
CA CYS C 789 -19.20 -25.47 -24.52
C CYS C 789 -17.77 -25.84 -24.90
N LYS C 790 -17.50 -25.93 -26.20
CA LYS C 790 -16.14 -26.25 -26.64
C LYS C 790 -15.15 -25.17 -26.26
N ALA C 791 -15.54 -23.90 -26.40
CA ALA C 791 -14.65 -22.80 -26.04
C ALA C 791 -14.34 -22.82 -24.56
N LEU C 792 -15.38 -22.93 -23.72
CA LEU C 792 -15.18 -23.00 -22.27
C LEU C 792 -14.37 -24.22 -21.90
N GLY C 793 -14.58 -25.34 -22.60
CA GLY C 793 -13.83 -26.55 -22.29
C GLY C 793 -12.36 -26.40 -22.58
N LYS C 794 -12.02 -25.83 -23.73
CA LYS C 794 -10.60 -25.60 -24.04
C LYS C 794 -9.97 -24.63 -23.06
N ALA C 795 -10.67 -23.55 -22.72
CA ALA C 795 -10.12 -22.59 -21.76
C ALA C 795 -9.91 -23.22 -20.40
N LEU C 796 -10.90 -23.97 -19.91
CA LEU C 796 -10.76 -24.60 -18.61
C LEU C 796 -9.74 -25.74 -18.63
N ALA C 797 -9.53 -26.36 -19.78
CA ALA C 797 -8.47 -27.37 -19.88
C ALA C 797 -7.09 -26.71 -19.80
N ASP C 798 -6.92 -25.57 -20.47
CA ASP C 798 -5.65 -24.86 -20.34
C ASP C 798 -5.44 -24.38 -18.91
N VAL C 799 -6.51 -23.93 -18.24
CA VAL C 799 -6.40 -23.61 -16.82
C VAL C 799 -6.02 -24.86 -16.02
N ASN C 800 -6.59 -26.01 -16.38
CA ASN C 800 -6.30 -27.26 -15.71
C ASN C 800 -4.86 -27.70 -15.89
N ASN C 801 -4.21 -27.28 -16.97
CA ASN C 801 -2.81 -27.60 -17.21
C ASN C 801 -1.86 -26.61 -16.54
N GLY C 802 -2.34 -25.84 -15.58
CA GLY C 802 -1.51 -24.92 -14.84
C GLY C 802 -1.12 -23.67 -15.58
N LEU C 803 -1.77 -23.38 -16.72
CA LEU C 803 -1.39 -22.25 -17.55
C LEU C 803 -1.82 -20.91 -16.95
N TYR C 804 -2.78 -20.92 -16.03
CA TYR C 804 -3.36 -19.69 -15.49
C TYR C 804 -3.32 -19.72 -13.97
N PRO C 805 -2.27 -19.19 -13.35
CA PRO C 805 -2.22 -19.10 -11.89
C PRO C 805 -3.27 -18.13 -11.36
N LEU C 806 -3.71 -18.39 -10.13
CA LEU C 806 -4.74 -17.60 -9.47
C LEU C 806 -4.09 -16.64 -8.48
N GLY C 807 -4.68 -15.47 -8.33
CA GLY C 807 -4.18 -14.47 -7.42
C GLY C 807 -2.98 -13.71 -7.96
N GLY C 808 -2.32 -12.99 -7.07
CA GLY C 808 -1.18 -12.19 -7.44
C GLY C 808 0.15 -12.83 -7.12
N LYS C 809 1.22 -12.16 -7.57
CA LYS C 809 2.60 -12.57 -7.29
C LYS C 809 2.88 -13.99 -7.74
N SER C 810 2.33 -14.37 -8.90
CA SER C 810 2.57 -15.70 -9.44
C SER C 810 3.97 -15.85 -10.01
N ALA C 811 4.68 -14.74 -10.23
CA ALA C 811 6.04 -14.82 -10.74
C ALA C 811 6.97 -15.51 -9.76
N ILE C 812 6.61 -15.53 -8.48
CA ILE C 812 7.42 -16.18 -7.47
C ILE C 812 6.77 -17.47 -6.97
N GLY C 813 5.94 -18.10 -7.79
CA GLY C 813 5.38 -19.40 -7.49
C GLY C 813 4.05 -19.40 -6.79
N TYR C 814 3.38 -18.26 -6.67
CA TYR C 814 2.12 -18.20 -5.95
C TYR C 814 0.95 -18.61 -6.83
N GLY C 815 0.01 -19.33 -6.25
CA GLY C 815 -1.27 -19.63 -6.89
C GLY C 815 -1.20 -20.49 -8.13
N GLN C 816 -0.26 -21.43 -8.19
CA GLN C 816 -0.20 -22.35 -9.33
C GLN C 816 -1.35 -23.34 -9.25
N VAL C 817 -2.11 -23.46 -10.33
CA VAL C 817 -3.27 -24.34 -10.38
C VAL C 817 -2.79 -25.73 -10.77
N LYS C 818 -2.80 -26.66 -9.81
CA LYS C 818 -2.42 -28.04 -10.10
C LYS C 818 -3.52 -28.76 -10.87
N SER C 819 -4.79 -28.52 -10.54
CA SER C 819 -5.87 -29.18 -11.25
C SER C 819 -7.15 -28.38 -11.14
N LEU C 820 -7.96 -28.42 -12.20
CA LEU C 820 -9.28 -27.81 -12.20
C LEU C 820 -10.31 -28.86 -12.60
N GLY C 821 -11.45 -28.85 -11.91
CA GLY C 821 -12.53 -29.75 -12.26
C GLY C 821 -13.91 -29.14 -12.06
N ILE C 822 -14.76 -29.27 -13.06
CA ILE C 822 -16.11 -28.71 -12.99
C ILE C 822 -17.12 -29.85 -12.98
N LYS C 823 -18.25 -29.60 -12.32
CA LYS C 823 -19.33 -30.57 -12.19
C LYS C 823 -20.66 -29.87 -12.41
N GLY C 824 -21.65 -30.66 -12.84
CA GLY C 824 -22.97 -30.16 -13.11
C GLY C 824 -23.23 -29.79 -14.56
N ASP C 825 -22.26 -29.96 -15.45
CA ASP C 825 -22.43 -29.64 -16.85
C ASP C 825 -22.88 -30.82 -17.69
N ASP C 826 -23.08 -31.99 -17.07
CA ASP C 826 -23.41 -33.23 -17.78
C ASP C 826 -22.35 -33.55 -18.84
N LYS C 827 -21.09 -33.26 -18.51
CA LYS C 827 -19.92 -33.54 -19.32
C LYS C 827 -19.92 -32.78 -20.64
N ARG C 828 -20.78 -31.76 -20.79
CA ARG C 828 -20.79 -30.98 -22.03
C ARG C 828 -19.52 -30.18 -22.18
N ILE C 829 -19.01 -29.61 -21.09
CA ILE C 829 -17.83 -28.76 -21.12
C ILE C 829 -16.58 -29.53 -20.72
N SER C 830 -16.68 -30.38 -19.69
CA SER C 830 -15.51 -31.08 -19.17
C SER C 830 -15.01 -32.17 -20.11
N ARG C 831 -15.75 -32.50 -21.17
CA ARG C 831 -15.32 -33.54 -22.09
C ARG C 831 -14.02 -33.18 -22.80
N LEU C 832 -13.66 -31.90 -22.82
CA LEU C 832 -12.41 -31.46 -23.42
C LEU C 832 -11.24 -31.48 -22.44
N MET C 833 -11.51 -31.31 -21.15
CA MET C 833 -10.46 -31.37 -20.14
C MET C 833 -10.07 -32.81 -19.89
N ASN C 834 -8.84 -33.18 -20.25
CA ASN C 834 -8.37 -34.54 -20.08
C ASN C 834 -7.08 -34.59 -19.29
N ALA C 843 16.20 -38.40 -23.92
CA ALA C 843 17.30 -38.17 -22.99
C ALA C 843 17.83 -36.74 -23.12
N VAL C 844 17.90 -36.05 -21.98
CA VAL C 844 18.38 -34.67 -21.95
C VAL C 844 19.86 -34.66 -22.33
N PRO C 845 20.29 -33.73 -23.17
CA PRO C 845 21.72 -33.68 -23.55
C PRO C 845 22.62 -33.48 -22.35
N GLU C 846 23.78 -34.11 -22.39
CA GLU C 846 24.75 -34.01 -21.32
C GLU C 846 25.34 -32.60 -21.24
N LYS C 847 25.66 -32.18 -20.04
CA LYS C 847 26.28 -30.87 -19.85
C LYS C 847 27.60 -30.81 -20.59
N PRO C 848 27.86 -29.74 -21.35
CA PRO C 848 29.16 -29.61 -22.01
C PRO C 848 30.28 -29.43 -21.00
N LYS C 849 31.47 -29.93 -21.36
CA LYS C 849 32.65 -29.67 -20.55
C LYS C 849 33.02 -28.20 -20.62
N THR C 850 33.54 -27.68 -19.51
CA THR C 850 33.91 -26.27 -19.45
C THR C 850 35.29 -26.05 -20.06
N ASP C 851 35.50 -24.84 -20.56
CA ASP C 851 36.82 -24.41 -21.02
C ASP C 851 37.51 -23.48 -20.04
N ALA C 852 36.85 -23.11 -18.94
CA ALA C 852 37.43 -22.17 -18.00
C ALA C 852 38.59 -22.80 -17.23
N GLU C 853 39.63 -22.00 -17.01
CA GLU C 853 40.80 -22.44 -16.25
C GLU C 853 41.10 -21.40 -15.19
N VAL C 854 41.31 -21.87 -13.96
CA VAL C 854 41.71 -21.00 -12.85
C VAL C 854 42.90 -21.64 -12.17
N ARG C 855 44.03 -20.93 -12.14
CA ARG C 855 45.24 -21.39 -11.48
C ARG C 855 45.26 -20.86 -10.05
N ILE C 856 45.40 -21.76 -9.09
CA ILE C 856 45.38 -21.44 -7.67
C ILE C 856 46.74 -21.75 -7.08
N GLU C 857 47.28 -20.81 -6.30
CA GLU C 857 48.50 -21.01 -5.55
C GLU C 857 48.17 -21.07 -4.07
N ALA C 858 48.78 -22.03 -3.36
CA ALA C 858 48.43 -22.26 -1.96
C ALA C 858 48.82 -21.06 -1.10
N GLU C 859 49.84 -20.31 -1.52
CA GLU C 859 50.29 -19.17 -0.71
C GLU C 859 49.35 -17.98 -0.84
N LYS C 860 48.79 -17.78 -2.03
CA LYS C 860 47.99 -16.59 -2.31
C LYS C 860 46.67 -16.62 -1.54
N VAL C 861 46.16 -15.42 -1.26
CA VAL C 861 44.88 -15.23 -0.58
C VAL C 861 44.00 -14.38 -1.46
N TYR C 862 42.83 -14.89 -1.81
CA TYR C 862 41.94 -14.28 -2.79
C TYR C 862 40.78 -13.57 -2.10
N TYR C 863 40.09 -12.73 -2.86
CA TYR C 863 39.04 -11.86 -2.36
C TYR C 863 37.68 -12.55 -2.42
N PRO C 864 36.81 -12.32 -1.42
CA PRO C 864 35.50 -12.97 -1.43
C PRO C 864 34.64 -12.65 -2.64
N HIS C 865 34.63 -11.41 -3.12
CA HIS C 865 33.77 -11.03 -4.22
C HIS C 865 34.57 -10.28 -5.29
N TYR C 866 34.15 -10.49 -6.53
CA TYR C 866 34.71 -9.77 -7.68
C TYR C 866 33.56 -9.22 -8.49
N PHE C 867 33.90 -8.38 -9.47
CA PHE C 867 32.90 -7.67 -10.27
C PHE C 867 33.10 -8.01 -11.73
N VAL C 868 32.03 -8.42 -12.39
CA VAL C 868 32.02 -8.63 -13.83
C VAL C 868 31.77 -7.26 -14.46
N GLU C 869 32.79 -6.70 -15.09
CA GLU C 869 32.62 -5.47 -15.85
C GLU C 869 31.79 -5.79 -17.08
N PRO C 870 30.64 -5.16 -17.26
CA PRO C 870 29.73 -5.58 -18.33
C PRO C 870 30.10 -4.97 -19.67
N HIS C 871 29.71 -5.66 -20.72
CA HIS C 871 29.83 -5.12 -22.08
C HIS C 871 29.01 -3.84 -22.20
N LYS C 872 29.55 -2.87 -22.92
CA LYS C 872 28.87 -1.58 -23.07
C LYS C 872 27.56 -1.74 -23.84
N LYS C 873 27.46 -2.74 -24.71
CA LYS C 873 26.28 -2.92 -25.55
C LYS C 873 25.24 -3.77 -24.82
N VAL C 874 24.13 -3.14 -24.43
CA VAL C 874 22.95 -3.83 -23.91
C VAL C 874 21.85 -3.66 -24.94
N GLU C 875 21.38 -4.76 -25.51
CA GLU C 875 20.46 -4.71 -26.63
C GLU C 875 19.06 -4.33 -26.15
N ARG C 876 18.59 -3.16 -26.58
CA ARG C 876 17.21 -2.74 -26.38
C ARG C 876 16.39 -2.85 -27.66
N GLU C 877 16.92 -3.54 -28.68
CA GLU C 877 16.31 -3.50 -30.01
C GLU C 877 14.96 -4.21 -30.02
N GLU C 878 14.90 -5.43 -29.48
CA GLU C 878 13.69 -6.22 -29.55
C GLU C 878 12.58 -5.57 -28.75
N LYS C 879 11.35 -5.75 -29.21
CA LYS C 879 10.24 -5.28 -28.41
C LYS C 879 9.55 -6.45 -27.71
N PRO C 880 9.06 -6.25 -26.49
CA PRO C 880 8.48 -7.38 -25.74
C PRO C 880 7.18 -7.85 -26.38
N CYS C 881 7.04 -9.18 -26.48
CA CYS C 881 5.80 -9.76 -26.98
C CYS C 881 4.71 -9.64 -25.93
N GLY C 882 3.48 -9.48 -26.40
CA GLY C 882 2.36 -9.32 -25.49
C GLY C 882 1.90 -10.65 -24.91
N HIS C 883 1.19 -10.56 -23.78
CA HIS C 883 0.56 -11.72 -23.16
C HIS C 883 -0.86 -11.95 -23.67
N GLN C 884 -1.21 -11.39 -24.83
CA GLN C 884 -2.59 -11.48 -25.28
C GLN C 884 -2.88 -12.79 -26.01
N LYS C 885 -1.85 -13.47 -26.51
CA LYS C 885 -2.06 -14.73 -27.22
C LYS C 885 -0.76 -15.51 -27.25
N PHE C 886 -0.86 -16.79 -27.61
CA PHE C 886 0.30 -17.58 -27.97
C PHE C 886 0.68 -17.32 -29.42
N HIS C 887 1.97 -17.44 -29.71
CA HIS C 887 2.50 -17.07 -31.01
C HIS C 887 3.10 -18.28 -31.71
N GLU C 888 2.98 -18.29 -33.03
CA GLU C 888 3.67 -19.28 -33.84
C GLU C 888 5.16 -19.02 -33.84
N GLY C 889 5.94 -20.10 -33.71
CA GLY C 889 7.37 -19.98 -33.61
C GLY C 889 7.88 -19.67 -32.22
N ARG C 890 7.00 -19.53 -31.24
CA ARG C 890 7.39 -19.31 -29.85
C ARG C 890 7.02 -20.54 -29.03
N LEU C 891 7.82 -20.80 -28.00
CA LEU C 891 7.68 -22.00 -27.19
C LEU C 891 7.08 -21.64 -25.84
N THR C 892 6.08 -22.41 -25.42
CA THR C 892 5.44 -22.27 -24.12
C THR C 892 5.46 -23.62 -23.43
N GLY C 893 5.78 -23.64 -22.14
CA GLY C 893 5.76 -24.90 -21.42
C GLY C 893 6.41 -24.80 -20.06
N LYS C 894 7.03 -25.91 -19.66
CA LYS C 894 7.58 -26.06 -18.31
C LYS C 894 8.94 -26.73 -18.38
N ILE C 895 9.88 -26.24 -17.58
CA ILE C 895 11.21 -26.82 -17.46
C ILE C 895 11.34 -27.38 -16.05
N ARG C 896 11.51 -28.70 -15.95
CA ARG C 896 11.77 -29.35 -14.67
C ARG C 896 13.27 -29.57 -14.53
N CYS C 897 13.83 -29.09 -13.42
CA CYS C 897 15.27 -29.09 -13.20
C CYS C 897 15.60 -29.65 -11.82
N LYS C 898 16.78 -30.25 -11.73
CA LYS C 898 17.35 -30.73 -10.48
C LYS C 898 18.42 -29.77 -10.02
N LEU C 899 18.20 -29.14 -8.86
CA LEU C 899 19.17 -28.24 -8.26
C LEU C 899 19.92 -28.99 -7.16
N ILE C 900 21.24 -29.06 -7.29
CA ILE C 900 22.08 -29.83 -6.38
C ILE C 900 22.97 -28.88 -5.59
N THR C 901 23.09 -29.13 -4.29
CA THR C 901 23.96 -28.35 -3.43
C THR C 901 25.35 -28.99 -3.41
N LYS C 902 26.38 -28.18 -3.63
CA LYS C 902 27.75 -28.65 -3.56
C LYS C 902 28.46 -28.21 -2.28
N THR C 903 27.92 -27.23 -1.57
CA THR C 903 28.41 -26.79 -0.27
C THR C 903 27.20 -26.58 0.63
N PRO C 904 27.39 -26.27 1.93
CA PRO C 904 26.24 -25.98 2.78
C PRO C 904 25.40 -24.83 2.23
N LEU C 905 24.08 -24.98 2.35
CA LEU C 905 23.12 -24.02 1.83
C LEU C 905 22.27 -23.47 2.97
N ILE C 906 22.08 -22.15 2.99
CA ILE C 906 21.37 -21.48 4.07
C ILE C 906 20.25 -20.63 3.48
N VAL C 907 19.00 -20.98 3.81
CA VAL C 907 17.84 -20.17 3.46
C VAL C 907 17.01 -20.01 4.74
N PRO C 908 17.01 -18.85 5.37
CA PRO C 908 16.44 -18.72 6.71
C PRO C 908 14.93 -18.48 6.71
N ASP C 909 14.30 -18.93 7.79
CA ASP C 909 12.92 -18.58 8.11
C ASP C 909 12.97 -17.45 9.12
N THR C 910 12.71 -16.23 8.66
CA THR C 910 12.95 -15.04 9.46
C THR C 910 11.73 -14.58 10.25
N SER C 911 10.62 -15.32 10.21
CA SER C 911 9.48 -14.98 11.05
C SER C 911 9.83 -15.13 12.53
N ASN C 912 10.60 -16.15 12.88
CA ASN C 912 11.04 -16.38 14.25
C ASN C 912 12.57 -16.37 14.29
N ASP C 913 13.12 -15.58 15.19
CA ASP C 913 14.57 -15.43 15.31
C ASP C 913 15.16 -16.18 16.50
N ASP C 914 14.47 -17.20 17.01
CA ASP C 914 14.94 -17.96 18.16
C ASP C 914 14.73 -19.46 18.01
N PHE C 915 14.99 -20.01 16.82
CA PHE C 915 14.80 -21.44 16.63
C PHE C 915 15.89 -22.23 17.34
N PHE C 916 17.15 -21.83 17.18
CA PHE C 916 18.27 -22.49 17.84
C PHE C 916 18.74 -21.74 19.07
N ARG C 917 17.94 -20.81 19.57
CA ARG C 917 18.28 -20.01 20.73
C ARG C 917 17.18 -20.11 21.77
N PRO C 918 17.52 -20.02 23.06
CA PRO C 918 16.53 -20.10 24.14
C PRO C 918 15.64 -18.87 24.21
N TYR C 930 19.28 -9.32 21.00
CA TYR C 930 19.93 -10.60 21.28
C TYR C 930 20.54 -11.20 20.02
N HIS C 931 21.09 -12.41 20.16
CA HIS C 931 21.70 -13.11 19.03
C HIS C 931 20.60 -13.80 18.22
N LYS C 932 20.40 -13.35 16.99
CA LYS C 932 19.34 -13.88 16.15
C LYS C 932 19.73 -15.23 15.56
N SER C 933 18.78 -16.18 15.59
CA SER C 933 18.98 -17.52 15.09
C SER C 933 17.77 -17.93 14.27
N TYR C 934 18.00 -18.36 13.04
CA TYR C 934 16.91 -18.63 12.09
C TYR C 934 16.86 -20.11 11.73
N ALA C 935 15.65 -20.67 11.76
CA ALA C 935 15.43 -21.98 11.19
C ALA C 935 15.50 -21.92 9.66
N PHE C 936 15.67 -23.08 9.05
CA PHE C 936 15.67 -23.14 7.60
C PHE C 936 14.27 -22.89 7.08
N PHE C 937 14.18 -22.43 5.83
CA PHE C 937 12.90 -22.21 5.18
C PHE C 937 12.13 -23.51 5.07
N ARG C 938 10.96 -23.55 5.71
CA ARG C 938 10.06 -24.70 5.63
C ARG C 938 8.64 -24.21 5.42
N LEU C 939 7.91 -24.91 4.57
CA LEU C 939 6.49 -24.66 4.35
C LEU C 939 5.74 -25.94 4.66
N HIS C 940 4.83 -25.87 5.63
CA HIS C 940 4.12 -27.06 6.14
C HIS C 940 5.12 -28.12 6.59
N LYS C 941 6.15 -27.68 7.30
CA LYS C 941 7.21 -28.54 7.81
C LYS C 941 7.92 -29.31 6.71
N GLN C 942 7.94 -28.76 5.51
CA GLN C 942 8.66 -29.33 4.37
C GLN C 942 9.76 -28.37 3.95
N ILE C 943 10.99 -28.86 3.89
CA ILE C 943 12.11 -28.02 3.47
C ILE C 943 11.99 -27.71 1.99
N MET C 944 12.04 -26.42 1.65
CA MET C 944 11.94 -26.01 0.26
C MET C 944 12.59 -24.65 0.10
N ILE C 945 12.88 -24.30 -1.14
CA ILE C 945 13.46 -23.01 -1.50
C ILE C 945 12.37 -22.19 -2.16
N PRO C 946 12.06 -20.99 -1.67
CA PRO C 946 11.03 -20.18 -2.32
C PRO C 946 11.42 -19.81 -3.73
N GLY C 947 10.42 -19.63 -4.59
CA GLY C 947 10.68 -19.31 -5.98
C GLY C 947 11.34 -17.96 -6.18
N SER C 948 11.23 -17.06 -5.20
CA SER C 948 11.80 -15.73 -5.36
C SER C 948 13.33 -15.75 -5.30
N GLU C 949 13.90 -16.57 -4.41
CA GLU C 949 15.36 -16.65 -4.34
C GLU C 949 15.93 -17.33 -5.58
N LEU C 950 15.29 -18.40 -6.05
CA LEU C 950 15.71 -19.03 -7.29
C LEU C 950 15.60 -18.06 -8.46
N ARG C 951 14.51 -17.30 -8.50
CA ARG C 951 14.32 -16.31 -9.55
C ARG C 951 15.42 -15.26 -9.51
N GLY C 952 15.77 -14.78 -8.32
CA GLY C 952 16.82 -13.78 -8.20
C GLY C 952 18.17 -14.31 -8.65
N MET C 953 18.51 -15.54 -8.24
CA MET C 953 19.78 -16.12 -8.62
C MET C 953 19.87 -16.34 -10.13
N VAL C 954 18.83 -16.94 -10.71
CA VAL C 954 18.83 -17.21 -12.15
C VAL C 954 18.80 -15.92 -12.93
N SER C 955 18.09 -14.90 -12.44
CA SER C 955 18.07 -13.61 -13.12
C SER C 955 19.42 -12.93 -13.06
N SER C 956 20.11 -13.02 -11.92
CA SER C 956 21.45 -12.43 -11.82
C SER C 956 22.41 -13.11 -12.78
N VAL C 957 22.32 -14.43 -12.92
CA VAL C 957 23.16 -15.11 -13.90
C VAL C 957 22.75 -14.76 -15.33
N TYR C 958 21.45 -14.60 -15.58
CA TYR C 958 20.96 -14.33 -16.93
C TYR C 958 21.34 -12.92 -17.39
N GLU C 959 21.35 -11.96 -16.48
CA GLU C 959 21.81 -10.61 -16.78
C GLU C 959 23.30 -10.58 -17.12
N THR C 960 24.04 -11.65 -16.82
CA THR C 960 25.46 -11.73 -17.11
C THR C 960 25.77 -12.58 -18.33
N VAL C 961 25.00 -13.64 -18.57
CA VAL C 961 25.16 -14.42 -19.79
C VAL C 961 24.88 -13.55 -21.01
N THR C 962 23.65 -13.05 -21.10
CA THR C 962 23.32 -11.98 -22.03
C THR C 962 23.47 -10.65 -21.30
N ASN C 963 24.31 -9.77 -21.82
CA ASN C 963 24.54 -8.50 -21.15
C ASN C 963 23.24 -7.71 -21.10
N SER C 964 22.92 -7.18 -19.92
CA SER C 964 21.64 -6.52 -19.69
C SER C 964 21.86 -5.38 -18.70
N CYS C 965 20.76 -4.77 -18.28
CA CYS C 965 20.82 -3.71 -17.28
C CYS C 965 20.95 -4.28 -15.87
N PHE C 966 21.43 -3.45 -14.96
CA PHE C 966 21.42 -3.76 -13.54
C PHE C 966 20.00 -3.55 -13.03
N ARG C 967 19.23 -4.63 -12.92
CA ARG C 967 17.80 -4.49 -12.68
C ARG C 967 17.50 -3.80 -11.34
N ILE C 968 18.30 -4.09 -10.31
CA ILE C 968 18.14 -3.47 -9.00
C ILE C 968 19.39 -2.64 -8.74
N PHE C 969 19.19 -1.35 -8.47
CA PHE C 969 20.30 -0.43 -8.24
C PHE C 969 19.77 0.84 -7.60
N ASP C 970 20.38 1.27 -6.51
CA ASP C 970 19.99 2.49 -5.80
C ASP C 970 20.70 3.67 -6.46
N GLU C 971 20.02 4.29 -7.42
CA GLU C 971 20.63 5.37 -8.18
C GLU C 971 20.70 6.67 -7.38
N THR C 972 19.83 6.85 -6.40
CA THR C 972 19.75 8.11 -5.67
C THR C 972 20.79 8.23 -4.56
N LYS C 973 21.61 7.20 -4.34
CA LYS C 973 22.61 7.27 -3.29
C LYS C 973 23.72 8.25 -3.67
N ARG C 974 24.20 8.99 -2.67
CA ARG C 974 25.29 9.94 -2.83
C ARG C 974 26.45 9.48 -1.97
N LEU C 975 27.59 9.23 -2.60
CA LEU C 975 28.75 8.72 -1.89
C LEU C 975 29.46 9.85 -1.13
N SER C 976 30.15 9.47 -0.07
CA SER C 976 30.94 10.41 0.72
C SER C 976 32.12 9.69 1.34
N TRP C 977 33.18 10.45 1.61
CA TRP C 977 34.42 9.92 2.14
C TRP C 977 34.92 10.80 3.28
N ARG C 978 35.89 10.29 4.02
CA ARG C 978 36.50 11.06 5.10
C ARG C 978 37.79 11.71 4.63
N MET C 979 38.05 12.91 5.15
CA MET C 979 39.32 13.58 4.87
C MET C 979 40.45 12.93 5.66
N ASP C 980 41.67 13.27 5.28
CA ASP C 980 42.87 12.84 5.99
C ASP C 980 43.64 14.08 6.44
N ALA C 981 44.52 13.88 7.43
CA ALA C 981 45.33 14.96 7.97
C ALA C 981 46.45 15.27 6.99
N ASP C 982 46.09 16.02 5.94
CA ASP C 982 47.05 16.40 4.90
C ASP C 982 46.95 17.90 4.62
N GLN C 988 43.62 22.17 3.87
CA GLN C 988 44.53 23.00 3.09
C GLN C 988 43.76 24.01 2.25
N ASP C 989 43.04 23.51 1.25
CA ASP C 989 42.25 24.39 0.37
C ASP C 989 40.98 24.89 1.02
N PHE C 990 40.63 24.41 2.21
CA PHE C 990 39.45 24.88 2.92
C PHE C 990 39.80 26.12 3.71
N LEU C 991 38.97 27.15 3.58
CA LEU C 991 39.22 28.46 4.16
C LEU C 991 38.06 28.87 5.07
N PRO C 992 38.33 29.65 6.11
CA PRO C 992 37.27 30.05 7.03
C PRO C 992 36.31 31.05 6.40
N GLY C 993 35.08 31.04 6.91
CA GLY C 993 34.11 32.00 6.44
C GLY C 993 32.87 32.00 7.30
N ARG C 994 32.07 33.05 7.12
CA ARG C 994 30.83 33.24 7.84
C ARG C 994 29.70 33.40 6.84
N VAL C 995 28.60 32.67 7.06
CA VAL C 995 27.45 32.80 6.19
C VAL C 995 26.73 34.10 6.52
N THR C 996 26.51 34.93 5.50
CA THR C 996 26.02 36.28 5.70
C THR C 996 24.55 36.27 6.12
N ALA C 997 24.03 37.46 6.40
CA ALA C 997 22.63 37.59 6.82
C ALA C 997 21.67 37.18 5.72
N ASP C 998 22.08 37.31 4.45
CA ASP C 998 21.24 36.86 3.35
C ASP C 998 21.00 35.36 3.42
N GLY C 999 22.05 34.59 3.68
CA GLY C 999 21.97 33.15 3.66
C GLY C 999 22.45 32.50 2.38
N LYS C 1000 22.69 33.29 1.33
CA LYS C 1000 23.21 32.78 0.06
C LYS C 1000 24.66 33.18 -0.17
N HIS C 1001 25.31 33.77 0.82
CA HIS C 1001 26.70 34.22 0.69
C HIS C 1001 27.50 33.74 1.88
N ILE C 1002 28.80 33.56 1.65
CA ILE C 1002 29.78 33.33 2.71
C ILE C 1002 30.95 34.25 2.45
N GLN C 1003 31.35 35.02 3.45
CA GLN C 1003 32.53 35.87 3.34
C GLN C 1003 33.77 35.02 3.61
N LYS C 1004 34.94 35.65 3.60
CA LYS C 1004 36.20 34.94 3.76
C LYS C 1004 37.04 35.62 4.83
N PHE C 1005 37.20 34.95 5.97
CA PHE C 1005 38.14 35.41 6.98
C PHE C 1005 39.56 35.16 6.50
N SER C 1006 40.43 36.15 6.65
CA SER C 1006 41.80 35.99 6.17
C SER C 1006 42.59 35.04 7.07
N GLU C 1007 42.38 35.06 8.38
CA GLU C 1007 43.22 34.28 9.25
C GLU C 1007 42.40 33.61 10.34
N THR C 1008 42.96 32.51 10.85
CA THR C 1008 42.42 31.80 12.00
C THR C 1008 43.53 31.66 13.04
N ALA C 1009 43.12 31.54 14.29
CA ALA C 1009 44.07 31.29 15.37
C ALA C 1009 43.47 30.25 16.31
N ARG C 1010 44.34 29.57 17.05
CA ARG C 1010 43.90 28.59 18.02
C ARG C 1010 43.77 29.27 19.38
N VAL C 1011 42.54 29.30 19.90
CA VAL C 1011 42.24 29.90 21.19
C VAL C 1011 42.06 28.77 22.20
N PRO C 1012 42.98 28.61 23.15
CA PRO C 1012 42.79 27.58 24.18
C PRO C 1012 41.52 27.84 24.97
N PHE C 1013 40.70 26.81 25.08
CA PHE C 1013 39.41 26.90 25.74
C PHE C 1013 39.23 25.88 26.85
N TYR C 1014 39.80 24.68 26.69
CA TYR C 1014 39.56 23.57 27.60
C TYR C 1014 40.80 23.20 28.40
N ASP C 1015 41.77 24.10 28.50
CA ASP C 1015 42.90 23.92 29.39
C ASP C 1015 42.90 25.02 30.44
N LYS C 1016 43.71 24.82 31.48
CA LYS C 1016 43.73 25.71 32.64
C LYS C 1016 44.76 26.81 32.50
N THR C 1017 44.69 27.57 31.41
CA THR C 1017 45.56 28.73 31.21
C THR C 1017 44.79 30.01 30.90
N GLN C 1018 43.47 29.97 30.93
CA GLN C 1018 42.66 31.14 30.60
C GLN C 1018 41.30 31.00 31.26
N LYS C 1019 40.56 32.11 31.28
CA LYS C 1019 39.20 32.15 31.82
C LYS C 1019 38.22 32.65 30.76
N HIS C 1020 38.39 32.19 29.52
CA HIS C 1020 37.53 32.66 28.44
C HIS C 1020 36.08 32.26 28.66
N PHE C 1021 35.83 31.04 29.13
CA PHE C 1021 34.46 30.61 29.37
C PHE C 1021 33.77 31.49 30.40
N ASP C 1022 34.52 31.99 31.38
CA ASP C 1022 33.94 32.83 32.42
C ASP C 1022 33.70 34.26 31.94
N ILE C 1023 34.58 34.79 31.10
CA ILE C 1023 34.53 36.19 30.71
C ILE C 1023 33.90 36.37 29.33
N LEU C 1024 33.15 35.38 28.84
CA LEU C 1024 32.49 35.48 27.55
C LEU C 1024 31.02 35.15 27.71
N ASP C 1025 30.19 35.91 26.99
CA ASP C 1025 28.75 35.70 27.01
C ASP C 1025 28.39 34.49 26.13
N GLU C 1026 27.15 34.02 26.30
CA GLU C 1026 26.65 32.94 25.46
C GLU C 1026 26.65 33.34 23.98
N GLN C 1027 26.27 34.58 23.69
CA GLN C 1027 26.25 35.06 22.31
C GLN C 1027 27.66 35.09 21.72
N GLU C 1028 28.65 35.49 22.52
CA GLU C 1028 30.03 35.50 22.03
C GLU C 1028 30.53 34.08 21.80
N ILE C 1029 30.20 33.14 22.68
CA ILE C 1029 30.61 31.75 22.50
C ILE C 1029 29.97 31.17 21.25
N ALA C 1030 28.70 31.50 21.00
CA ALA C 1030 28.00 30.99 19.83
C ALA C 1030 28.51 31.60 18.53
N GLY C 1031 29.35 32.62 18.60
CA GLY C 1031 29.81 33.31 17.42
C GLY C 1031 28.87 34.37 16.90
N GLU C 1032 27.82 34.71 17.65
CA GLU C 1032 26.88 35.73 17.20
C GLU C 1032 27.48 37.13 17.33
N LYS C 1033 28.18 37.40 18.43
CA LYS C 1033 28.70 38.73 18.70
C LYS C 1033 30.22 38.75 18.52
N PRO C 1034 30.75 39.73 17.80
CA PRO C 1034 32.20 39.82 17.62
C PRO C 1034 32.89 40.12 18.95
N VAL C 1035 34.11 39.62 19.06
CA VAL C 1035 34.90 39.73 20.29
C VAL C 1035 36.28 40.25 19.94
N ARG C 1036 36.89 40.94 20.90
CA ARG C 1036 38.24 41.51 20.77
C ARG C 1036 39.19 40.62 21.57
N MET C 1037 40.11 39.94 20.88
CA MET C 1037 41.07 39.06 21.53
C MET C 1037 42.47 39.35 21.00
N TRP C 1038 43.44 39.43 21.90
CA TRP C 1038 44.83 39.58 21.51
C TRP C 1038 45.31 38.31 20.81
N VAL C 1039 46.05 38.50 19.72
CA VAL C 1039 46.56 37.41 18.91
C VAL C 1039 48.07 37.54 18.81
N LYS C 1040 48.76 36.40 18.90
CA LYS C 1040 50.18 36.30 18.58
C LYS C 1040 50.35 35.26 17.48
N ARG C 1041 51.23 35.56 16.54
CA ARG C 1041 51.52 34.66 15.42
C ARG C 1041 52.93 34.09 15.48
N PHE C 1042 53.87 34.80 16.09
CA PHE C 1042 55.22 34.30 16.29
C PHE C 1042 55.65 34.52 17.73
N ILE C 1043 56.18 33.47 18.35
CA ILE C 1043 56.81 33.57 19.65
C ILE C 1043 58.32 33.62 19.44
N LYS C 1044 59.04 34.01 20.48
CA LYS C 1044 60.49 34.18 20.39
C LYS C 1044 61.19 33.26 21.36
N ARG C 1045 62.11 32.46 20.84
CA ARG C 1045 62.95 31.57 21.65
C ARG C 1045 64.41 31.96 21.44
N LEU C 1046 65.19 31.94 22.51
CA LEU C 1046 66.55 32.45 22.41
C LEU C 1046 67.54 31.46 23.02
N SER C 1047 68.76 31.51 22.52
CA SER C 1047 69.88 30.69 22.98
C SER C 1047 70.99 31.59 23.49
N LEU C 1048 71.52 31.25 24.66
CA LEU C 1048 72.62 32.02 25.23
C LEU C 1048 73.92 31.78 24.46
N VAL C 1049 74.10 30.57 23.96
CA VAL C 1049 75.29 30.20 23.19
C VAL C 1049 75.02 30.45 21.71
N ASP C 1050 76.05 30.90 21.01
CA ASP C 1050 75.95 31.07 19.57
C ASP C 1050 75.59 29.74 18.92
N PRO C 1051 74.68 29.72 17.93
CA PRO C 1051 74.22 28.44 17.36
C PRO C 1051 75.36 27.53 16.93
N ALA C 1052 75.51 26.42 17.65
CA ALA C 1052 76.57 25.45 17.41
C ALA C 1052 76.22 24.19 18.19
N LYS C 1053 77.07 23.16 18.04
CA LYS C 1053 76.97 21.89 18.76
C LYS C 1053 75.68 21.15 18.44
N HIS C 1054 74.87 21.71 17.55
CA HIS C 1054 73.62 21.08 17.13
C HIS C 1054 73.39 21.25 15.64
N TRP C 1063 67.51 26.46 14.24
CA TRP C 1063 67.68 27.89 14.04
C TRP C 1063 67.83 28.25 12.57
N LYS C 1064 69.09 28.39 12.13
CA LYS C 1064 69.46 28.75 10.77
C LYS C 1064 69.17 30.21 10.49
N ARG C 1065 68.46 30.88 11.41
CA ARG C 1065 68.19 32.31 11.30
C ARG C 1065 68.01 32.86 12.71
N ARG C 1066 69.07 33.42 13.26
CA ARG C 1066 69.06 33.98 14.60
C ARG C 1066 69.61 35.41 14.56
N LYS C 1067 68.98 36.30 15.32
CA LYS C 1067 69.41 37.68 15.44
C LYS C 1067 70.02 37.86 16.83
N GLU C 1068 71.28 38.27 16.89
CA GLU C 1068 71.92 38.43 18.19
C GLU C 1068 71.54 39.78 18.81
N GLY C 1069 71.36 39.76 20.13
CA GLY C 1069 70.91 40.91 20.87
C GLY C 1069 71.36 40.84 22.32
N ILE C 1070 71.02 41.89 23.06
CA ILE C 1070 71.44 42.04 24.45
C ILE C 1070 70.29 41.67 25.37
N ALA C 1071 70.52 40.70 26.25
CA ALA C 1071 69.54 40.28 27.24
C ALA C 1071 69.88 40.91 28.58
N THR C 1072 68.92 41.63 29.16
CA THR C 1072 69.03 42.22 30.48
C THR C 1072 68.23 41.35 31.44
N PHE C 1073 68.95 40.67 32.33
CA PHE C 1073 68.33 39.73 33.26
C PHE C 1073 67.49 40.49 34.28
N ILE C 1074 66.21 40.13 34.39
CA ILE C 1074 65.29 40.77 35.33
C ILE C 1074 65.17 39.97 36.61
N GLU C 1075 64.89 38.67 36.49
CA GLU C 1075 64.73 37.81 37.65
C GLU C 1075 64.79 36.35 37.20
N GLN C 1076 64.80 35.46 38.18
CA GLN C 1076 64.68 34.02 37.93
C GLN C 1076 63.76 33.42 38.97
N LYS C 1077 62.74 32.72 38.51
CA LYS C 1077 61.77 32.11 39.42
C LYS C 1077 61.20 30.86 38.76
N ASN C 1078 60.74 29.94 39.59
CA ASN C 1078 60.20 28.65 39.20
C ASN C 1078 61.22 27.78 38.48
N GLY C 1079 62.51 28.09 38.61
CA GLY C 1079 63.54 27.43 37.85
C GLY C 1079 63.70 27.93 36.43
N SER C 1080 62.90 28.92 36.02
CA SER C 1080 62.96 29.48 34.67
C SER C 1080 63.46 30.92 34.75
N TYR C 1081 64.34 31.27 33.82
CA TYR C 1081 64.92 32.61 33.82
C TYR C 1081 63.93 33.61 33.25
N TYR C 1082 64.15 34.90 33.55
CA TYR C 1082 63.31 35.97 33.02
C TYR C 1082 64.22 37.14 32.66
N PHE C 1083 64.16 37.56 31.39
CA PHE C 1083 64.98 38.71 31.01
C PHE C 1083 64.38 39.45 29.83
N ASN C 1084 64.58 40.76 29.84
CA ASN C 1084 64.16 41.59 28.71
C ASN C 1084 65.24 41.62 27.64
N VAL C 1085 64.89 41.17 26.44
CA VAL C 1085 65.84 41.07 25.34
C VAL C 1085 65.61 42.24 24.40
N VAL C 1086 66.67 42.98 24.11
CA VAL C 1086 66.65 44.11 23.20
C VAL C 1086 67.52 43.76 21.99
N THR C 1087 66.95 43.84 20.81
CA THR C 1087 67.64 43.44 19.58
C THR C 1087 67.19 44.34 18.44
N ASN C 1088 67.76 44.08 17.26
CA ASN C 1088 67.65 44.95 16.09
C ASN C 1088 68.18 46.35 16.40
N ASN C 1089 69.31 46.40 17.12
CA ASN C 1089 69.95 47.65 17.53
C ASN C 1089 68.98 48.51 18.34
N GLY C 1090 68.30 47.89 19.30
CA GLY C 1090 67.36 48.59 20.14
C GLY C 1090 65.98 48.78 19.54
N CYS C 1091 65.74 48.28 18.32
CA CYS C 1091 64.45 48.47 17.69
C CYS C 1091 63.36 47.68 18.40
N THR C 1092 63.66 46.47 18.85
CA THR C 1092 62.66 45.61 19.48
C THR C 1092 63.14 45.15 20.85
N SER C 1093 62.42 45.55 21.89
CA SER C 1093 62.69 45.13 23.26
C SER C 1093 61.46 44.41 23.80
N PHE C 1094 61.64 43.17 24.24
CA PHE C 1094 60.53 42.35 24.70
C PHE C 1094 60.94 41.57 25.94
N HIS C 1095 60.00 41.44 26.88
CA HIS C 1095 60.21 40.68 28.10
C HIS C 1095 59.83 39.22 27.83
N LEU C 1096 60.70 38.29 28.24
CA LEU C 1096 60.41 36.88 28.03
C LEU C 1096 60.96 36.03 29.17
N TRP C 1097 60.21 34.98 29.48
CA TRP C 1097 60.70 33.89 30.31
C TRP C 1097 61.37 32.85 29.43
N HIS C 1098 62.35 32.15 30.00
CA HIS C 1098 63.22 31.25 29.26
C HIS C 1098 63.44 29.98 30.05
N LYS C 1099 63.30 28.84 29.39
CA LYS C 1099 63.63 27.55 29.98
C LYS C 1099 65.15 27.34 29.95
N PRO C 1100 65.68 26.59 30.91
CA PRO C 1100 67.14 26.39 30.96
C PRO C 1100 67.64 25.63 29.74
N ASP C 1101 68.47 26.30 28.95
CA ASP C 1101 69.08 25.68 27.77
C ASP C 1101 70.09 24.63 28.22
N ASN C 1102 69.83 23.37 27.86
CA ASN C 1102 70.71 22.28 28.26
C ASN C 1102 72.12 22.51 27.71
N PHE C 1103 73.11 22.26 28.57
CA PHE C 1103 74.54 22.45 28.29
C PHE C 1103 74.92 23.91 28.07
N ASP C 1104 73.98 24.84 28.22
CA ASP C 1104 74.25 26.25 28.01
C ASP C 1104 73.92 27.12 29.22
N GLN C 1105 72.79 26.85 29.90
CA GLN C 1105 72.43 27.65 31.06
C GLN C 1105 73.43 27.48 32.19
N GLU C 1106 74.07 26.30 32.29
CA GLU C 1106 75.04 26.06 33.35
C GLU C 1106 76.26 26.96 33.19
N LYS C 1107 76.66 27.23 31.95
CA LYS C 1107 77.81 28.10 31.71
C LYS C 1107 77.54 29.52 32.21
N LEU C 1108 76.34 30.03 31.97
CA LEU C 1108 75.96 31.40 32.33
C LEU C 1108 75.00 31.40 33.53
N GLU C 1109 75.23 30.50 34.48
CA GLU C 1109 74.33 30.37 35.63
C GLU C 1109 74.34 31.63 36.49
N GLY C 1110 75.44 32.38 36.49
CA GLY C 1110 75.54 33.58 37.31
C GLY C 1110 74.42 34.57 37.04
N ILE C 1111 73.72 34.95 38.11
CA ILE C 1111 72.50 35.75 38.01
C ILE C 1111 72.82 37.14 38.53
N GLN C 1112 72.98 38.10 37.61
CA GLN C 1112 73.21 39.50 37.97
C GLN C 1112 71.95 40.29 37.58
N ASN C 1113 71.31 40.88 38.58
CA ASN C 1113 70.14 41.71 38.28
C ASN C 1113 70.59 43.01 37.61
N GLY C 1114 69.95 43.33 36.49
CA GLY C 1114 70.38 44.46 35.68
C GLY C 1114 71.54 44.19 34.76
N GLU C 1115 71.91 42.92 34.58
CA GLU C 1115 73.05 42.56 33.75
C GLU C 1115 72.76 42.86 32.27
N LYS C 1116 73.83 42.84 31.47
CA LYS C 1116 73.71 42.77 30.02
C LYS C 1116 74.47 41.55 29.55
N LEU C 1117 73.90 40.85 28.57
CA LEU C 1117 74.44 39.56 28.14
C LEU C 1117 74.16 39.40 26.65
N ASP C 1118 74.85 38.45 26.02
CA ASP C 1118 74.70 38.18 24.59
C ASP C 1118 73.75 37.01 24.40
N CYS C 1119 72.83 37.13 23.44
CA CYS C 1119 71.90 36.05 23.16
C CYS C 1119 71.53 36.08 21.69
N TRP C 1120 70.97 34.97 21.21
CA TRP C 1120 70.50 34.86 19.84
C TRP C 1120 69.02 34.50 19.83
N VAL C 1121 68.23 35.27 19.09
CA VAL C 1121 66.77 35.17 19.12
C VAL C 1121 66.28 34.59 17.80
N ARG C 1122 65.31 33.68 17.89
CA ARG C 1122 64.65 33.07 16.74
C ARG C 1122 63.15 33.18 16.92
N ASP C 1123 62.43 33.29 15.81
CA ASP C 1123 60.98 33.36 15.82
C ASP C 1123 60.40 32.01 15.41
N SER C 1124 59.46 31.53 16.22
CA SER C 1124 58.78 30.26 15.98
C SER C 1124 57.30 30.53 15.79
N ARG C 1125 56.63 29.64 15.06
CA ARG C 1125 55.22 29.84 14.78
C ARG C 1125 54.40 29.51 16.02
N TYR C 1126 53.79 30.54 16.61
CA TYR C 1126 52.92 30.42 17.78
C TYR C 1126 51.65 31.18 17.45
N GLN C 1127 50.70 30.49 16.80
CA GLN C 1127 49.48 31.12 16.30
C GLN C 1127 48.36 30.89 17.32
N LYS C 1128 48.35 31.74 18.35
CA LYS C 1128 47.38 31.59 19.43
C LYS C 1128 46.83 32.94 19.87
N ALA C 1129 45.61 32.92 20.39
CA ALA C 1129 44.94 34.13 20.82
C ALA C 1129 44.31 33.93 22.19
N PHE C 1130 44.35 34.99 22.99
CA PHE C 1130 43.71 35.01 24.30
C PHE C 1130 42.94 36.32 24.44
N GLN C 1131 41.86 36.29 25.21
CA GLN C 1131 41.09 37.51 25.43
C GLN C 1131 41.89 38.52 26.23
N GLU C 1132 42.60 38.07 27.26
CA GLU C 1132 43.48 38.91 28.04
C GLU C 1132 44.91 38.44 27.87
N ILE C 1133 45.83 39.40 27.75
CA ILE C 1133 47.25 39.06 27.56
C ILE C 1133 47.75 38.29 28.78
N PRO C 1134 48.38 37.13 28.60
CA PRO C 1134 48.89 36.39 29.75
C PRO C 1134 50.04 37.12 30.43
N GLU C 1135 50.16 36.91 31.73
CA GLU C 1135 51.19 37.61 32.51
C GLU C 1135 52.59 37.10 32.19
N ASN C 1136 52.71 35.82 31.80
CA ASN C 1136 54.05 35.28 31.54
C ASN C 1136 54.70 35.96 30.34
N ASP C 1137 53.93 36.26 29.30
CA ASP C 1137 54.46 36.84 28.06
C ASP C 1137 53.62 38.05 27.68
N PRO C 1138 53.82 39.19 28.33
CA PRO C 1138 53.06 40.42 27.99
C PRO C 1138 53.73 41.24 26.90
N ASP C 1139 54.05 40.58 25.78
CA ASP C 1139 54.71 41.26 24.66
C ASP C 1139 54.26 40.62 23.36
N GLY C 1140 54.25 41.45 22.30
CA GLY C 1140 53.95 40.97 20.96
C GLY C 1140 52.54 40.44 20.77
N TRP C 1141 51.55 41.09 21.39
CA TRP C 1141 50.14 40.72 21.23
C TRP C 1141 49.42 41.85 20.51
N GLU C 1142 48.69 41.50 19.45
CA GLU C 1142 47.94 42.48 18.69
C GLU C 1142 46.45 42.31 18.94
N CYS C 1143 45.76 43.39 19.27
CA CYS C 1143 44.33 43.34 19.55
C CYS C 1143 43.57 43.28 18.23
N LYS C 1144 42.84 42.18 18.04
CA LYS C 1144 42.09 41.97 16.81
C LYS C 1144 40.67 41.52 17.14
N GLU C 1145 39.73 41.97 16.31
CA GLU C 1145 38.31 41.69 16.48
C GLU C 1145 37.89 40.62 15.49
N GLY C 1146 37.11 39.66 15.96
CA GLY C 1146 36.73 38.54 15.12
C GLY C 1146 35.66 37.71 15.79
N TYR C 1147 35.38 36.57 15.19
CA TYR C 1147 34.36 35.66 15.70
C TYR C 1147 34.99 34.38 16.24
N LEU C 1148 34.37 33.84 17.29
CA LEU C 1148 34.86 32.64 17.94
C LEU C 1148 34.14 31.42 17.40
N HIS C 1149 34.89 30.51 16.78
CA HIS C 1149 34.38 29.25 16.28
C HIS C 1149 34.52 28.23 17.40
N VAL C 1150 33.39 27.87 18.00
CA VAL C 1150 33.34 26.94 19.12
C VAL C 1150 32.41 25.79 18.73
N VAL C 1151 32.99 24.66 18.37
CA VAL C 1151 32.22 23.48 18.00
C VAL C 1151 32.19 22.43 19.09
N GLY C 1152 32.91 22.65 20.19
CA GLY C 1152 32.89 21.75 21.31
C GLY C 1152 34.08 20.81 21.35
N PRO C 1153 34.23 20.09 22.46
CA PRO C 1153 35.31 19.10 22.62
C PRO C 1153 35.07 17.85 21.78
N SER C 1154 35.32 17.99 20.47
CA SER C 1154 34.86 17.01 19.49
C SER C 1154 35.90 15.93 19.19
N LYS C 1155 37.17 16.29 19.08
CA LYS C 1155 38.20 15.29 18.79
C LYS C 1155 38.32 14.33 19.97
N VAL C 1156 37.78 13.12 19.80
CA VAL C 1156 37.68 12.17 20.90
C VAL C 1156 37.99 10.78 20.37
N GLU C 1157 38.50 9.94 21.25
CA GLU C 1157 38.76 8.54 20.96
C GLU C 1157 38.05 7.71 22.02
N PHE C 1158 37.14 6.82 21.59
CA PHE C 1158 36.35 6.04 22.52
C PHE C 1158 36.63 4.57 22.28
N SER C 1159 37.09 3.89 23.32
CA SER C 1159 37.54 2.51 23.22
C SER C 1159 36.92 1.66 24.31
N ASP C 1160 36.55 0.43 23.96
CA ASP C 1160 36.06 -0.51 24.96
C ASP C 1160 37.18 -0.98 25.87
N LYS C 1161 38.37 -1.15 25.33
CA LYS C 1161 39.54 -1.55 26.10
C LYS C 1161 40.39 -0.32 26.44
N LYS C 1162 41.04 -0.37 27.59
CA LYS C 1162 41.78 0.78 28.09
C LYS C 1162 42.97 1.08 27.18
N GLY C 1163 43.01 2.30 26.64
CA GLY C 1163 44.10 2.71 25.77
C GLY C 1163 45.33 3.10 26.55
N ASP C 1164 46.45 3.23 25.83
CA ASP C 1164 47.73 3.51 26.47
C ASP C 1164 47.72 4.87 27.16
N VAL C 1165 47.15 5.89 26.50
CA VAL C 1165 47.14 7.23 27.09
C VAL C 1165 46.33 7.25 28.38
N ILE C 1166 45.16 6.62 28.36
CA ILE C 1166 44.33 6.63 29.56
C ILE C 1166 44.82 5.61 30.59
N ASN C 1167 45.54 4.57 30.15
CA ASN C 1167 46.12 3.63 31.10
C ASN C 1167 47.17 4.30 31.98
N ASN C 1168 47.97 5.18 31.40
CA ASN C 1168 49.00 5.90 32.14
C ASN C 1168 48.45 7.13 32.87
N PHE C 1169 47.15 7.39 32.77
CA PHE C 1169 46.54 8.48 33.52
C PHE C 1169 46.62 8.18 35.02
N GLN C 1170 47.16 9.13 35.77
CA GLN C 1170 47.38 8.94 37.21
C GLN C 1170 46.25 9.62 37.98
N GLY C 1171 45.57 8.86 38.82
CA GLY C 1171 44.46 9.37 39.61
C GLY C 1171 43.20 8.52 39.40
N THR C 1172 42.06 9.19 39.50
CA THR C 1172 40.77 8.56 39.28
C THR C 1172 40.14 9.15 38.02
N LEU C 1173 39.61 8.29 37.17
CA LEU C 1173 39.00 8.73 35.93
C LEU C 1173 37.71 9.49 36.23
N PRO C 1174 37.57 10.75 35.83
CA PRO C 1174 36.38 11.52 36.17
C PRO C 1174 35.18 11.08 35.33
N SER C 1175 34.01 11.54 35.77
CA SER C 1175 32.77 11.26 35.07
C SER C 1175 32.61 12.21 33.88
N VAL C 1176 31.74 11.81 32.95
CA VAL C 1176 31.45 12.63 31.78
C VAL C 1176 30.50 13.74 32.20
N PRO C 1177 30.89 15.01 32.07
CA PRO C 1177 30.01 16.10 32.49
C PRO C 1177 28.92 16.39 31.48
N ASN C 1178 27.76 16.81 31.99
CA ASN C 1178 26.62 17.09 31.13
C ASN C 1178 26.84 18.36 30.31
N ASP C 1179 27.51 19.36 30.89
CA ASP C 1179 27.78 20.60 30.19
C ASP C 1179 29.13 20.51 29.51
N TRP C 1180 29.15 20.61 28.19
CA TRP C 1180 30.39 20.51 27.43
C TRP C 1180 31.30 21.70 27.67
N LYS C 1181 30.77 22.81 28.17
CA LYS C 1181 31.59 23.98 28.45
C LYS C 1181 32.41 23.82 29.72
N THR C 1182 32.04 22.88 30.59
CA THR C 1182 32.79 22.62 31.81
C THR C 1182 33.91 21.60 31.63
N ILE C 1183 34.12 21.10 30.41
CA ILE C 1183 35.17 20.13 30.17
C ILE C 1183 36.52 20.83 30.21
N ARG C 1184 37.44 20.28 31.01
CA ARG C 1184 38.76 20.86 31.18
C ARG C 1184 39.82 19.77 31.03
N THR C 1185 40.93 20.13 30.41
CA THR C 1185 42.03 19.20 30.22
C THR C 1185 42.58 18.73 31.57
N ASN C 1186 42.79 17.42 31.68
CA ASN C 1186 43.29 16.81 32.91
C ASN C 1186 44.68 16.20 32.79
N ASP C 1187 45.19 15.98 31.59
CA ASP C 1187 46.43 15.23 31.42
C ASP C 1187 47.12 15.69 30.14
N PHE C 1188 48.31 15.14 29.91
CA PHE C 1188 49.10 15.41 28.72
C PHE C 1188 49.52 14.10 28.10
N LYS C 1189 49.31 13.96 26.79
CA LYS C 1189 49.79 12.78 26.08
C LYS C 1189 51.32 12.76 26.04
N ASN C 1190 51.94 13.94 26.01
CA ASN C 1190 53.39 14.10 26.12
C ASN C 1190 53.65 14.94 27.37
N ARG C 1191 53.75 14.27 28.51
CA ARG C 1191 53.94 14.97 29.78
C ARG C 1191 55.29 15.66 29.86
N LYS C 1192 56.30 15.12 29.16
CA LYS C 1192 57.64 15.67 29.28
C LYS C 1192 57.71 17.10 28.76
N ARG C 1193 57.10 17.36 27.61
CA ARG C 1193 57.13 18.67 26.98
C ARG C 1193 55.88 19.49 27.27
N LYS C 1194 54.98 18.99 28.12
CA LYS C 1194 53.76 19.71 28.52
C LYS C 1194 52.94 20.15 27.31
N ASN C 1195 52.81 19.24 26.35
CA ASN C 1195 52.02 19.50 25.14
C ASN C 1195 51.04 18.35 24.94
N GLU C 1196 50.25 18.48 23.87
CA GLU C 1196 49.14 17.57 23.57
C GLU C 1196 48.22 17.40 24.77
N PRO C 1197 47.60 18.48 25.24
CA PRO C 1197 46.69 18.36 26.40
C PRO C 1197 45.51 17.45 26.07
N VAL C 1198 45.07 16.69 27.07
CA VAL C 1198 44.04 15.69 26.87
C VAL C 1198 43.13 15.63 28.10
N PHE C 1199 41.87 15.26 27.86
CA PHE C 1199 40.88 15.06 28.91
C PHE C 1199 40.41 13.61 28.82
N CYS C 1200 40.70 12.82 29.85
CA CYS C 1200 40.36 11.41 29.88
C CYS C 1200 39.20 11.17 30.83
N CYS C 1201 38.32 10.23 30.46
CA CYS C 1201 37.20 9.88 31.32
C CYS C 1201 36.72 8.47 30.95
N GLU C 1202 35.86 7.92 31.81
CA GLU C 1202 35.31 6.58 31.61
C GLU C 1202 33.83 6.60 31.93
N ASP C 1203 33.04 5.89 31.12
CA ASP C 1203 31.61 5.77 31.33
C ASP C 1203 31.18 4.35 30.97
N ASP C 1204 30.02 3.94 31.50
CA ASP C 1204 29.51 2.60 31.23
C ASP C 1204 29.06 2.45 29.78
N LYS C 1205 28.45 3.50 29.23
CA LYS C 1205 27.87 3.39 27.89
C LYS C 1205 28.95 3.34 26.81
N GLY C 1206 29.94 4.22 26.90
CA GLY C 1206 30.97 4.32 25.88
C GLY C 1206 32.37 3.93 26.29
N ASN C 1207 32.55 3.34 27.46
CA ASN C 1207 33.85 2.89 27.98
C ASN C 1207 34.77 4.11 28.06
N TYR C 1208 35.99 4.07 27.51
CA TYR C 1208 36.98 5.11 27.77
C TYR C 1208 36.94 6.18 26.68
N TYR C 1209 36.77 7.43 27.10
CA TYR C 1209 36.82 8.60 26.24
C TYR C 1209 38.13 9.34 26.46
N THR C 1210 38.77 9.74 25.35
CA THR C 1210 40.04 10.45 25.35
C THR C 1210 39.88 11.64 24.40
N MET C 1211 39.64 12.82 24.96
CA MET C 1211 39.35 14.03 24.18
C MET C 1211 40.63 14.86 24.09
N ALA C 1212 41.21 14.92 22.90
CA ALA C 1212 42.55 15.48 22.70
C ALA C 1212 42.53 16.88 22.10
N LYS C 1213 41.38 17.55 22.07
CA LYS C 1213 41.28 18.88 21.50
C LYS C 1213 41.05 19.90 22.61
N TYR C 1214 41.95 20.88 22.70
CA TYR C 1214 41.84 21.92 23.72
C TYR C 1214 41.73 23.33 23.16
N CYS C 1215 41.83 23.50 21.84
CA CYS C 1215 41.77 24.82 21.22
C CYS C 1215 40.53 24.91 20.34
N GLU C 1216 39.73 25.95 20.55
CA GLU C 1216 38.72 26.35 19.60
C GLU C 1216 39.37 27.31 18.60
N THR C 1217 38.60 27.87 17.67
CA THR C 1217 39.19 28.71 16.65
C THR C 1217 38.74 30.16 16.81
N PHE C 1218 39.58 31.07 16.34
CA PHE C 1218 39.25 32.49 16.29
C PHE C 1218 39.46 32.96 14.85
N PHE C 1219 38.35 33.29 14.18
CA PHE C 1219 38.37 33.78 12.81
C PHE C 1219 38.49 35.30 12.84
N PHE C 1220 39.56 35.83 12.26
CA PHE C 1220 39.77 37.27 12.24
C PHE C 1220 40.36 37.69 10.90
N ASP C 1221 40.42 39.01 10.70
CA ASP C 1221 40.78 39.63 9.42
C ASP C 1221 39.75 39.30 8.35
N LEU C 1222 38.48 39.54 8.67
CA LEU C 1222 37.40 39.24 7.74
C LEU C 1222 37.48 40.16 6.52
N LYS C 1223 37.27 39.58 5.34
CA LYS C 1223 37.28 40.32 4.08
C LYS C 1223 35.84 40.55 3.67
N GLU C 1224 35.30 41.70 4.10
CA GLU C 1224 33.92 42.04 3.76
C GLU C 1224 33.75 42.26 2.27
N ASN C 1225 34.79 42.77 1.60
CA ASN C 1225 34.72 42.97 0.16
C ASN C 1225 34.59 41.65 -0.59
N GLU C 1226 35.25 40.61 -0.11
CA GLU C 1226 35.23 39.31 -0.78
C GLU C 1226 34.06 38.48 -0.28
N GLU C 1227 33.25 37.96 -1.21
CA GLU C 1227 32.13 37.10 -0.89
C GLU C 1227 32.05 35.98 -1.93
N TYR C 1228 31.46 34.86 -1.53
CA TYR C 1228 31.24 33.74 -2.43
C TYR C 1228 29.83 33.23 -2.24
N GLU C 1229 29.11 33.04 -3.35
CA GLU C 1229 27.73 32.59 -3.27
C GLU C 1229 27.68 31.07 -3.12
N ILE C 1230 26.53 30.59 -2.65
CA ILE C 1230 26.32 29.18 -2.36
C ILE C 1230 25.39 28.60 -3.42
N PRO C 1231 25.88 27.78 -4.35
CA PRO C 1231 24.98 27.10 -5.27
C PRO C 1231 24.11 26.08 -4.54
N GLU C 1232 22.98 25.77 -5.15
CA GLU C 1232 22.07 24.79 -4.55
C GLU C 1232 22.71 23.41 -4.46
N LYS C 1233 23.62 23.08 -5.38
CA LYS C 1233 24.35 21.82 -5.27
C LYS C 1233 25.19 21.77 -4.01
N ALA C 1234 25.88 22.87 -3.68
CA ALA C 1234 26.64 22.91 -2.45
C ALA C 1234 25.73 22.78 -1.23
N ARG C 1235 24.55 23.40 -1.29
CA ARG C 1235 23.62 23.30 -0.16
C ARG C 1235 23.11 21.88 0.04
N ILE C 1236 22.75 21.19 -1.05
CA ILE C 1236 22.27 19.82 -0.91
C ILE C 1236 23.40 18.89 -0.47
N LYS C 1237 24.62 19.14 -0.94
CA LYS C 1237 25.77 18.37 -0.46
C LYS C 1237 25.99 18.58 1.03
N TYR C 1238 25.89 19.83 1.49
CA TYR C 1238 26.02 20.11 2.91
C TYR C 1238 24.92 19.44 3.72
N LYS C 1239 23.70 19.42 3.17
CA LYS C 1239 22.60 18.74 3.86
C LYS C 1239 22.85 17.24 3.95
N GLU C 1240 23.40 16.64 2.89
CA GLU C 1240 23.79 15.24 2.95
C GLU C 1240 24.86 15.02 4.00
N LEU C 1241 25.85 15.92 4.07
CA LEU C 1241 26.88 15.82 5.11
C LEU C 1241 26.25 15.90 6.50
N LEU C 1242 25.28 16.79 6.68
CA LEU C 1242 24.62 16.92 7.98
C LEU C 1242 23.86 15.67 8.34
N ARG C 1243 23.13 15.07 7.38
CA ARG C 1243 22.37 13.87 7.69
C ARG C 1243 23.28 12.68 7.94
N VAL C 1244 24.45 12.64 7.28
CA VAL C 1244 25.42 11.60 7.60
C VAL C 1244 25.99 11.79 8.99
N TYR C 1245 26.24 13.04 9.39
CA TYR C 1245 26.70 13.31 10.75
C TYR C 1245 25.67 12.89 11.78
N ASN C 1246 24.40 13.22 11.53
CA ASN C 1246 23.35 12.92 12.52
C ASN C 1246 22.94 11.45 12.47
N ASN C 1247 22.95 10.84 11.29
CA ASN C 1247 22.64 9.42 11.15
C ASN C 1247 23.95 8.63 11.05
N ASN C 1248 24.60 8.48 12.20
CA ASN C 1248 25.89 7.80 12.29
C ASN C 1248 25.82 6.70 13.33
N PRO C 1249 25.76 5.43 12.92
CA PRO C 1249 25.76 4.33 13.90
C PRO C 1249 26.99 4.30 14.78
N GLN C 1250 28.16 4.67 14.24
CA GLN C 1250 29.42 4.60 14.97
C GLN C 1250 29.72 5.88 15.75
N ALA C 1251 28.74 6.76 15.93
CA ALA C 1251 28.96 7.99 16.66
C ALA C 1251 29.30 7.71 18.12
N VAL C 1252 30.09 8.60 18.71
CA VAL C 1252 30.45 8.44 20.12
C VAL C 1252 29.19 8.56 20.97
N PRO C 1253 28.99 7.68 21.97
CA PRO C 1253 27.73 7.68 22.72
C PRO C 1253 27.47 8.92 23.55
N GLU C 1254 28.40 9.88 23.62
CA GLU C 1254 28.23 11.09 24.40
C GLU C 1254 28.12 12.28 23.46
N SER C 1255 27.03 13.06 23.59
CA SER C 1255 26.83 14.20 22.71
C SER C 1255 27.73 15.37 23.09
N VAL C 1256 28.25 15.39 24.32
CA VAL C 1256 29.16 16.45 24.72
C VAL C 1256 30.44 16.39 23.89
N PHE C 1257 30.87 15.19 23.52
CA PHE C 1257 32.07 15.00 22.73
C PHE C 1257 31.79 15.01 21.23
N GLN C 1258 30.55 15.28 20.82
CA GLN C 1258 30.22 15.46 19.42
C GLN C 1258 30.26 16.94 19.07
N SER C 1259 30.44 17.22 17.78
CA SER C 1259 30.45 18.60 17.33
C SER C 1259 29.06 19.21 17.45
N ARG C 1260 29.01 20.54 17.42
CA ARG C 1260 27.74 21.25 17.55
C ARG C 1260 26.76 20.86 16.45
N VAL C 1261 27.27 20.53 15.27
CA VAL C 1261 26.40 20.07 14.18
C VAL C 1261 25.69 18.77 14.56
N ALA C 1262 26.42 17.83 15.15
CA ALA C 1262 25.85 16.52 15.47
C ALA C 1262 25.18 16.47 16.83
N ARG C 1263 25.64 17.25 17.82
CA ARG C 1263 25.03 17.22 19.14
C ARG C 1263 23.76 18.06 19.23
N GLU C 1264 23.55 18.99 18.28
CA GLU C 1264 22.36 19.83 18.28
C GLU C 1264 21.49 19.59 17.05
N ASN C 1265 21.84 18.60 16.23
CA ASN C 1265 21.04 18.19 15.08
C ASN C 1265 20.77 19.35 14.14
N VAL C 1266 21.86 19.92 13.63
CA VAL C 1266 21.75 21.01 12.66
C VAL C 1266 21.25 20.43 11.34
N GLU C 1267 20.07 20.85 10.93
CA GLU C 1267 19.43 20.28 9.74
C GLU C 1267 19.68 21.08 8.47
N LYS C 1268 20.08 22.35 8.59
CA LYS C 1268 20.31 23.17 7.42
C LYS C 1268 21.31 24.27 7.74
N LEU C 1269 21.91 24.82 6.69
CA LEU C 1269 22.82 25.94 6.84
C LEU C 1269 22.04 27.24 6.94
N LYS C 1270 22.32 28.02 7.99
CA LYS C 1270 21.58 29.26 8.25
C LYS C 1270 22.56 30.41 8.34
N SER C 1271 22.01 31.61 8.58
CA SER C 1271 22.82 32.82 8.60
C SER C 1271 23.69 32.87 9.86
N GLY C 1272 24.90 33.41 9.69
CA GLY C 1272 25.83 33.58 10.79
C GLY C 1272 26.71 32.38 11.08
N ASP C 1273 26.54 31.28 10.36
CA ASP C 1273 27.35 30.09 10.61
C ASP C 1273 28.79 30.33 10.21
N LEU C 1274 29.71 29.86 11.05
CA LEU C 1274 31.14 29.89 10.77
C LEU C 1274 31.54 28.49 10.29
N VAL C 1275 32.08 28.41 9.07
CA VAL C 1275 32.36 27.13 8.44
C VAL C 1275 33.65 27.21 7.64
N TYR C 1276 34.22 26.05 7.30
CA TYR C 1276 35.26 26.01 6.30
C TYR C 1276 34.64 25.74 4.94
N PHE C 1277 35.26 26.28 3.89
CA PHE C 1277 34.71 26.09 2.56
C PHE C 1277 35.82 26.20 1.53
N LYS C 1278 35.67 25.41 0.47
CA LYS C 1278 36.51 25.51 -0.72
C LYS C 1278 35.62 25.90 -1.89
N HIS C 1279 36.14 26.77 -2.75
CA HIS C 1279 35.34 27.45 -3.76
C HIS C 1279 36.07 27.47 -5.09
N ASN C 1280 35.29 27.67 -6.16
CA ASN C 1280 35.83 27.94 -7.50
C ASN C 1280 35.14 29.19 -8.04
N GLU C 1281 35.94 30.13 -8.54
CA GLU C 1281 35.45 31.41 -9.06
C GLU C 1281 34.70 32.11 -7.93
N LYS C 1282 33.43 32.47 -8.11
CA LYS C 1282 32.67 33.19 -7.09
C LYS C 1282 31.63 32.30 -6.40
N TYR C 1283 31.75 30.98 -6.54
CA TYR C 1283 30.79 30.06 -5.92
C TYR C 1283 31.53 28.99 -5.14
N VAL C 1284 30.89 28.52 -4.07
CA VAL C 1284 31.50 27.57 -3.15
C VAL C 1284 31.33 26.16 -3.69
N GLU C 1285 32.42 25.40 -3.69
CA GLU C 1285 32.35 23.99 -4.06
C GLU C 1285 31.87 23.13 -2.89
N ASP C 1286 32.60 23.17 -1.78
CA ASP C 1286 32.31 22.32 -0.64
C ASP C 1286 32.35 23.12 0.65
N ILE C 1287 31.51 22.71 1.61
CA ILE C 1287 31.40 23.33 2.92
C ILE C 1287 31.52 22.24 3.98
N VAL C 1288 32.35 22.48 4.99
CA VAL C 1288 32.47 21.57 6.12
C VAL C 1288 32.35 22.34 7.42
N PRO C 1289 31.85 21.72 8.50
CA PRO C 1289 31.68 22.46 9.76
C PRO C 1289 32.89 22.42 10.69
N VAL C 1290 33.81 21.47 10.50
CA VAL C 1290 34.99 21.33 11.37
C VAL C 1290 36.23 21.25 10.49
N ARG C 1291 37.39 21.22 11.15
CA ARG C 1291 38.66 21.30 10.45
C ARG C 1291 38.85 20.09 9.54
N ILE C 1292 38.70 18.88 10.06
CA ILE C 1292 38.78 17.65 9.29
C ILE C 1292 37.40 17.01 9.31
N SER C 1293 36.78 16.89 8.13
CA SER C 1293 35.38 16.52 8.07
C SER C 1293 35.14 15.68 6.83
N ARG C 1294 33.87 15.62 6.43
CA ARG C 1294 33.45 14.73 5.35
C ARG C 1294 33.48 15.43 4.00
N THR C 1295 33.87 14.69 2.96
CA THR C 1295 33.79 15.14 1.59
C THR C 1295 32.63 14.41 0.90
N VAL C 1296 31.75 15.17 0.25
CA VAL C 1296 30.54 14.64 -0.36
C VAL C 1296 30.70 14.66 -1.88
N ASP C 1297 30.31 13.58 -2.53
CA ASP C 1297 30.40 13.50 -3.98
C ASP C 1297 29.33 14.36 -4.63
N ASP C 1298 29.68 15.00 -5.75
CA ASP C 1298 28.75 15.90 -6.41
C ASP C 1298 27.62 15.13 -7.08
N ARG C 1299 27.94 14.05 -7.78
CA ARG C 1299 26.97 13.31 -8.58
C ARG C 1299 26.44 12.11 -7.81
N MET C 1300 25.32 11.59 -8.29
CA MET C 1300 24.75 10.35 -7.77
C MET C 1300 25.60 9.16 -8.21
N ILE C 1301 25.46 8.04 -7.50
CA ILE C 1301 26.26 6.86 -7.82
C ILE C 1301 25.88 6.32 -9.19
N GLY C 1302 24.60 6.41 -9.56
CA GLY C 1302 24.16 5.94 -10.85
C GLY C 1302 24.78 6.67 -12.02
N LYS C 1303 25.28 7.89 -11.80
CA LYS C 1303 25.98 8.60 -12.86
C LYS C 1303 27.34 7.98 -13.14
N ARG C 1304 27.91 7.27 -12.16
CA ARG C 1304 29.18 6.59 -12.33
C ARG C 1304 29.07 5.34 -13.20
N MET C 1305 27.89 5.06 -13.74
CA MET C 1305 27.63 3.89 -14.56
C MET C 1305 27.06 4.34 -15.90
N SER C 1306 27.36 3.57 -16.94
CA SER C 1306 26.81 3.86 -18.25
C SER C 1306 25.28 3.81 -18.21
N ALA C 1307 24.64 4.73 -18.94
CA ALA C 1307 23.19 4.81 -18.93
C ALA C 1307 22.55 3.55 -19.50
N ASP C 1308 23.25 2.85 -20.39
CA ASP C 1308 22.71 1.62 -20.96
C ASP C 1308 22.62 0.50 -19.93
N LEU C 1309 23.37 0.60 -18.83
CA LEU C 1309 23.38 -0.43 -17.80
C LEU C 1309 22.42 -0.12 -16.66
N ARG C 1310 21.78 1.03 -16.65
CA ARG C 1310 20.88 1.43 -15.59
C ARG C 1310 19.54 0.71 -15.72
N PRO C 1311 18.79 0.57 -14.61
CA PRO C 1311 17.51 -0.13 -14.68
C PRO C 1311 16.55 0.49 -15.67
N CYS C 1312 15.85 -0.36 -16.42
CA CYS C 1312 14.88 0.12 -17.39
C CYS C 1312 13.71 0.80 -16.68
N HIS C 1313 13.31 1.96 -17.22
CA HIS C 1313 12.24 2.75 -16.65
C HIS C 1313 10.87 2.40 -17.23
N GLY C 1314 10.80 1.39 -18.11
CA GLY C 1314 9.53 1.08 -18.75
C GLY C 1314 9.13 2.19 -19.71
N ASP C 1315 7.89 2.65 -19.58
CA ASP C 1315 7.31 3.71 -20.42
C ASP C 1315 7.68 3.52 -21.89
N TRP C 1316 7.64 2.28 -22.36
CA TRP C 1316 8.05 1.93 -23.71
C TRP C 1316 6.84 1.81 -24.64
N LYS C 1339 12.03 3.80 -23.62
CA LYS C 1339 13.46 3.54 -23.72
C LYS C 1339 13.70 2.15 -24.29
N GLY C 1340 12.89 1.20 -23.86
CA GLY C 1340 13.00 -0.18 -24.28
C GLY C 1340 13.23 -1.12 -23.11
N LEU C 1341 13.44 -2.38 -23.46
CA LEU C 1341 13.69 -3.42 -22.47
C LEU C 1341 14.86 -4.29 -22.89
N CYS C 1342 15.73 -4.59 -21.93
CA CYS C 1342 16.83 -5.51 -22.12
C CYS C 1342 16.30 -6.94 -22.13
N PRO C 1343 17.08 -7.89 -22.68
CA PRO C 1343 16.62 -9.28 -22.71
C PRO C 1343 16.28 -9.83 -21.33
N ALA C 1344 17.06 -9.50 -20.30
CA ALA C 1344 16.76 -9.99 -18.97
C ALA C 1344 15.53 -9.29 -18.38
N CYS C 1345 15.41 -7.98 -18.58
CA CYS C 1345 14.20 -7.27 -18.17
C CYS C 1345 12.99 -7.73 -18.97
N ARG C 1346 13.19 -8.04 -20.25
CA ARG C 1346 12.09 -8.57 -21.06
C ARG C 1346 11.62 -9.92 -20.52
N LEU C 1347 12.55 -10.79 -20.14
CA LEU C 1347 12.19 -12.13 -19.69
C LEU C 1347 11.62 -12.12 -18.27
N PHE C 1348 12.15 -11.28 -17.38
CA PHE C 1348 11.72 -11.28 -15.99
C PHE C 1348 10.73 -10.17 -15.66
N GLY C 1349 10.55 -9.21 -16.56
CA GLY C 1349 9.54 -8.19 -16.39
C GLY C 1349 10.01 -6.98 -15.62
N THR C 1350 9.20 -5.92 -15.69
CA THR C 1350 9.45 -4.68 -14.97
C THR C 1350 8.13 -4.24 -14.36
N GLY C 1351 8.09 -3.00 -13.86
CA GLY C 1351 6.86 -2.50 -13.29
C GLY C 1351 5.75 -2.37 -14.31
N SER C 1352 6.09 -1.99 -15.54
CA SER C 1352 5.10 -1.79 -16.58
C SER C 1352 4.89 -3.01 -17.46
N TYR C 1353 5.81 -3.98 -17.43
CA TYR C 1353 5.70 -5.19 -18.24
C TYR C 1353 5.78 -6.41 -17.33
N LYS C 1354 4.80 -7.29 -17.44
CA LYS C 1354 4.81 -8.52 -16.68
C LYS C 1354 5.72 -9.55 -17.32
N GLY C 1355 6.51 -10.23 -16.50
CA GLY C 1355 7.45 -11.20 -17.02
C GLY C 1355 6.76 -12.45 -17.54
N ARG C 1356 7.51 -13.20 -18.34
CA ARG C 1356 7.00 -14.40 -18.98
C ARG C 1356 7.49 -15.69 -18.32
N VAL C 1357 8.07 -15.60 -17.13
CA VAL C 1357 8.56 -16.75 -16.40
C VAL C 1357 7.95 -16.75 -15.00
N ARG C 1358 7.60 -17.93 -14.52
CA ARG C 1358 7.08 -18.14 -13.17
C ARG C 1358 7.96 -19.18 -12.49
N PHE C 1359 8.52 -18.83 -11.34
CA PHE C 1359 9.45 -19.67 -10.61
C PHE C 1359 8.74 -20.30 -9.42
N GLY C 1360 8.55 -21.62 -9.48
CA GLY C 1360 7.92 -22.33 -8.39
C GLY C 1360 8.87 -22.66 -7.27
N PHE C 1361 8.31 -23.19 -6.19
CA PHE C 1361 9.12 -23.58 -5.04
C PHE C 1361 9.85 -24.88 -5.32
N ALA C 1362 11.16 -24.87 -5.14
CA ALA C 1362 11.95 -26.10 -5.24
C ALA C 1362 11.72 -26.97 -4.02
N SER C 1363 11.47 -28.26 -4.25
CA SER C 1363 11.17 -29.19 -3.18
C SER C 1363 12.33 -30.16 -2.99
N LEU C 1364 12.75 -30.34 -1.75
CA LEU C 1364 13.83 -31.25 -1.43
C LEU C 1364 13.43 -32.69 -1.75
N GLU C 1365 14.28 -33.39 -2.49
CA GLU C 1365 13.88 -34.70 -3.02
C GLU C 1365 13.89 -35.78 -1.93
N ASN C 1366 14.91 -35.79 -1.08
CA ASN C 1366 15.10 -36.88 -0.13
C ASN C 1366 15.30 -36.31 1.26
N ASP C 1367 15.55 -37.20 2.23
CA ASP C 1367 15.90 -36.76 3.56
C ASP C 1367 17.26 -36.07 3.53
N PRO C 1368 17.42 -34.97 4.26
CA PRO C 1368 18.59 -34.11 4.05
C PRO C 1368 19.81 -34.52 4.86
N GLU C 1369 20.93 -34.63 4.16
CA GLU C 1369 22.22 -34.70 4.83
C GLU C 1369 22.58 -33.30 5.30
N TRP C 1370 22.69 -33.11 6.61
CA TRP C 1370 22.80 -31.79 7.20
C TRP C 1370 24.23 -31.47 7.59
N LEU C 1371 24.52 -30.18 7.73
CA LEU C 1371 25.84 -29.74 8.17
C LEU C 1371 26.08 -30.06 9.64
N ILE C 1372 25.09 -29.81 10.50
CA ILE C 1372 25.22 -30.03 11.93
C ILE C 1372 23.96 -30.71 12.46
N PRO C 1373 24.05 -31.96 12.92
CA PRO C 1373 22.90 -32.56 13.59
C PRO C 1373 22.53 -31.81 14.86
N GLY C 1374 21.24 -31.80 15.18
CA GLY C 1374 20.72 -31.03 16.28
C GLY C 1374 20.96 -31.69 17.62
N LYS C 1375 20.31 -31.13 18.65
CA LYS C 1375 20.45 -31.67 20.00
C LYS C 1375 19.82 -33.05 20.12
N ASN C 1376 18.58 -33.20 19.64
CA ASN C 1376 17.85 -34.44 19.81
C ASN C 1376 18.11 -35.36 18.63
N PRO C 1377 18.69 -36.54 18.84
CA PRO C 1377 18.83 -37.50 17.74
C PRO C 1377 17.52 -38.19 17.36
N GLY C 1378 16.44 -37.95 18.10
CA GLY C 1378 15.15 -38.54 17.75
C GLY C 1378 14.61 -38.01 16.43
N ASP C 1379 14.72 -36.70 16.21
CA ASP C 1379 14.30 -36.10 14.96
C ASP C 1379 15.52 -35.79 14.09
N PRO C 1380 15.77 -36.55 13.03
CA PRO C 1380 16.99 -36.35 12.25
C PRO C 1380 16.86 -35.22 11.23
N PHE C 1381 15.62 -34.90 10.86
CA PHE C 1381 15.39 -33.89 9.83
C PHE C 1381 15.90 -32.53 10.28
N HIS C 1382 15.67 -32.17 11.54
CA HIS C 1382 16.16 -30.90 12.06
C HIS C 1382 17.68 -30.93 12.23
N GLY C 1383 18.28 -29.74 12.25
CA GLY C 1383 19.72 -29.62 12.34
C GLY C 1383 20.12 -28.74 13.52
N GLY C 1384 21.43 -28.56 13.66
CA GLY C 1384 21.99 -27.83 14.77
C GLY C 1384 22.37 -26.40 14.43
N PRO C 1385 22.65 -25.62 15.47
CA PRO C 1385 23.05 -24.21 15.25
C PRO C 1385 24.45 -24.10 14.67
N VAL C 1386 24.71 -23.00 13.96
CA VAL C 1386 26.08 -22.62 13.60
C VAL C 1386 26.09 -21.10 13.49
N MET C 1387 27.23 -20.50 13.82
CA MET C 1387 27.30 -19.05 13.93
C MET C 1387 28.12 -18.49 12.78
N LEU C 1388 27.53 -17.56 12.04
CA LEU C 1388 28.27 -16.82 11.03
C LEU C 1388 29.07 -15.71 11.67
N SER C 1389 30.14 -15.30 11.00
CA SER C 1389 30.81 -14.06 11.37
C SER C 1389 29.91 -12.88 11.03
N LEU C 1390 30.37 -11.68 11.39
CA LEU C 1390 29.56 -10.50 11.13
C LEU C 1390 29.37 -10.30 9.63
N LEU C 1391 28.11 -10.26 9.21
CA LEU C 1391 27.74 -9.96 7.83
C LEU C 1391 27.41 -8.48 7.80
N GLU C 1392 28.32 -7.67 7.28
CA GLU C 1392 28.20 -6.23 7.35
C GLU C 1392 27.82 -5.66 5.99
N ARG C 1393 27.43 -4.40 6.01
CA ARG C 1393 26.91 -3.71 4.84
C ARG C 1393 28.01 -3.58 3.78
N PRO C 1394 27.71 -3.91 2.53
CA PRO C 1394 28.68 -3.65 1.46
C PRO C 1394 29.00 -2.17 1.38
N ARG C 1395 30.28 -1.87 1.15
CA ARG C 1395 30.74 -0.49 1.10
C ARG C 1395 31.07 -0.12 -0.34
N PRO C 1396 30.23 0.65 -1.03
CA PRO C 1396 30.56 1.07 -2.40
C PRO C 1396 31.82 1.93 -2.47
N THR C 1397 32.21 2.57 -1.37
CA THR C 1397 33.38 3.44 -1.38
C THR C 1397 34.69 2.69 -1.48
N TRP C 1398 34.68 1.36 -1.33
CA TRP C 1398 35.90 0.59 -1.51
C TRP C 1398 36.16 0.34 -2.98
N SER C 1399 35.17 -0.18 -3.72
CA SER C 1399 35.33 -0.39 -5.15
C SER C 1399 35.41 0.94 -5.90
N ILE C 1400 34.81 1.98 -5.34
CA ILE C 1400 34.90 3.33 -5.90
C ILE C 1400 35.79 4.16 -4.96
N PRO C 1401 37.09 4.25 -5.22
CA PRO C 1401 38.02 4.78 -4.21
C PRO C 1401 37.84 6.25 -3.87
N GLY C 1402 37.11 7.03 -4.67
CA GLY C 1402 36.99 8.45 -4.37
C GLY C 1402 36.13 9.15 -5.40
N SER C 1403 36.22 10.48 -5.38
CA SER C 1403 35.37 11.33 -6.21
C SER C 1403 35.87 11.43 -7.65
N ASP C 1404 37.03 10.87 -7.97
CA ASP C 1404 37.56 10.98 -9.33
C ASP C 1404 36.62 10.33 -10.33
N ASN C 1405 36.49 10.96 -11.50
CA ASN C 1405 35.65 10.39 -12.56
C ASN C 1405 36.26 9.13 -13.13
N LYS C 1406 37.57 8.94 -12.96
CA LYS C 1406 38.23 7.71 -13.40
C LYS C 1406 37.61 6.49 -12.71
N PHE C 1407 37.20 6.64 -11.46
CA PHE C 1407 36.55 5.55 -10.74
C PHE C 1407 35.12 5.39 -11.22
N LYS C 1408 34.75 4.17 -11.59
CA LYS C 1408 33.40 3.87 -12.07
C LYS C 1408 32.81 2.73 -11.26
N VAL C 1409 31.57 2.38 -11.59
CA VAL C 1409 30.97 1.16 -11.06
C VAL C 1409 31.67 -0.04 -11.67
N PRO C 1410 32.46 -0.80 -10.90
CA PRO C 1410 33.31 -1.82 -11.54
C PRO C 1410 32.56 -2.89 -12.29
N GLY C 1411 31.37 -3.27 -11.84
CA GLY C 1411 30.59 -4.28 -12.52
C GLY C 1411 29.56 -4.87 -11.58
N ARG C 1412 29.08 -6.06 -11.96
CA ARG C 1412 28.10 -6.79 -11.17
C ARG C 1412 28.83 -7.77 -10.26
N LYS C 1413 28.53 -7.70 -8.96
CA LYS C 1413 29.25 -8.51 -7.99
C LYS C 1413 28.84 -9.97 -8.06
N PHE C 1414 29.83 -10.85 -8.07
CA PHE C 1414 29.62 -12.29 -8.02
C PHE C 1414 30.62 -12.89 -7.04
N TYR C 1415 30.12 -13.57 -6.01
CA TYR C 1415 30.99 -14.17 -5.03
C TYR C 1415 31.61 -15.46 -5.57
N VAL C 1416 32.90 -15.65 -5.30
CA VAL C 1416 33.64 -16.79 -5.79
C VAL C 1416 33.34 -18.02 -4.94
N HIS C 1417 33.66 -19.20 -5.46
CA HIS C 1417 33.46 -20.45 -4.76
C HIS C 1417 34.72 -20.79 -3.95
N HIS C 1418 34.54 -21.05 -2.66
CA HIS C 1418 35.64 -21.47 -1.81
C HIS C 1418 35.09 -22.29 -0.66
N HIS C 1419 35.99 -23.02 0.01
CA HIS C 1419 35.62 -23.95 1.07
C HIS C 1419 35.91 -23.38 2.46
N ALA C 1420 35.69 -22.09 2.65
CA ALA C 1420 35.80 -21.51 3.98
C ALA C 1420 34.72 -22.04 4.91
N TRP C 1421 33.69 -22.69 4.37
CA TRP C 1421 32.64 -23.26 5.21
C TRP C 1421 33.20 -24.34 6.13
N LYS C 1422 34.23 -25.04 5.70
CA LYS C 1422 34.86 -26.04 6.56
C LYS C 1422 35.53 -25.37 7.76
N THR C 1423 36.27 -24.29 7.52
CA THR C 1423 36.91 -23.57 8.62
C THR C 1423 35.87 -22.93 9.54
N ILE C 1424 34.80 -22.39 8.98
CA ILE C 1424 33.84 -21.63 9.75
C ILE C 1424 32.77 -22.57 10.31
N LYS C 1425 32.90 -23.86 10.02
CA LYS C 1425 32.11 -24.89 10.70
C LYS C 1425 32.45 -24.97 12.17
N ASP C 1426 33.74 -24.87 12.50
CA ASP C 1426 34.16 -24.59 13.86
C ASP C 1426 33.91 -23.12 14.19
N GLY C 1427 34.33 -22.70 15.38
CA GLY C 1427 34.18 -21.31 15.75
C GLY C 1427 35.33 -20.45 15.26
N ASN C 1428 35.91 -20.80 14.11
CA ASN C 1428 37.08 -20.12 13.58
C ASN C 1428 36.64 -19.00 12.63
N HIS C 1429 37.10 -17.79 12.90
CA HIS C 1429 36.85 -16.68 11.99
C HIS C 1429 37.53 -16.95 10.66
N PRO C 1430 36.92 -16.55 9.54
CA PRO C 1430 37.55 -16.87 8.24
C PRO C 1430 38.92 -16.24 8.05
N THR C 1431 39.05 -14.93 8.27
CA THR C 1431 40.34 -14.27 8.05
C THR C 1431 41.34 -14.60 9.16
N THR C 1432 40.91 -14.59 10.42
CA THR C 1432 41.82 -14.76 11.55
C THR C 1432 41.81 -16.19 12.07
N GLY C 1433 40.64 -16.73 12.43
CA GLY C 1433 40.56 -18.03 13.03
C GLY C 1433 40.65 -18.05 14.54
N LYS C 1434 40.77 -16.89 15.19
CA LYS C 1434 40.93 -16.86 16.63
C LYS C 1434 39.69 -17.41 17.33
N ALA C 1435 38.51 -16.88 17.00
CA ALA C 1435 37.27 -17.31 17.63
C ALA C 1435 36.11 -16.64 16.92
N ILE C 1436 34.92 -17.24 17.09
CA ILE C 1436 33.67 -16.62 16.68
C ILE C 1436 32.73 -16.66 17.88
N GLU C 1437 32.67 -15.56 18.62
CA GLU C 1437 31.79 -15.49 19.77
C GLU C 1437 30.43 -14.93 19.36
N GLN C 1438 29.42 -15.19 20.18
CA GLN C 1438 28.10 -14.65 19.94
C GLN C 1438 28.12 -13.13 20.07
N SER C 1439 27.20 -12.50 19.35
CA SER C 1439 27.08 -11.04 19.36
C SER C 1439 25.62 -10.69 19.14
N PRO C 1440 25.21 -9.49 19.54
CA PRO C 1440 23.86 -9.00 19.17
C PRO C 1440 23.74 -8.61 17.72
N ASN C 1441 24.78 -8.80 16.90
CA ASN C 1441 24.77 -8.34 15.51
C ASN C 1441 25.35 -9.40 14.58
N ASN C 1442 25.10 -10.67 14.88
CA ASN C 1442 25.47 -11.75 13.98
C ASN C 1442 24.41 -12.84 14.06
N ARG C 1443 24.54 -13.84 13.19
CA ARG C 1443 23.47 -14.79 12.92
C ARG C 1443 23.86 -16.22 13.26
N THR C 1444 22.83 -17.00 13.61
CA THR C 1444 22.95 -18.45 13.76
C THR C 1444 21.98 -19.10 12.78
N VAL C 1445 22.47 -20.13 12.07
CA VAL C 1445 21.70 -20.79 11.01
C VAL C 1445 21.97 -22.29 11.03
N GLU C 1446 21.12 -23.01 10.31
CA GLU C 1446 21.29 -24.42 10.00
C GLU C 1446 21.44 -24.56 8.49
N ALA C 1447 22.46 -25.30 8.06
CA ALA C 1447 22.81 -25.37 6.65
C ALA C 1447 22.56 -26.77 6.10
N LEU C 1448 21.94 -26.84 4.92
CA LEU C 1448 21.84 -28.06 4.15
C LEU C 1448 23.21 -28.39 3.58
N ALA C 1449 23.89 -29.38 4.15
CA ALA C 1449 25.22 -29.75 3.68
C ALA C 1449 25.16 -30.19 2.22
N GLY C 1450 26.34 -30.29 1.61
CA GLY C 1450 26.40 -30.64 0.20
C GLY C 1450 25.82 -32.01 -0.07
N GLY C 1451 25.25 -32.16 -1.27
CA GLY C 1451 24.59 -33.38 -1.67
C GLY C 1451 23.08 -33.33 -1.63
N ASN C 1452 22.49 -32.27 -1.09
CA ASN C 1452 21.04 -32.14 -1.09
C ASN C 1452 20.53 -31.90 -2.51
N SER C 1453 19.43 -32.57 -2.85
CA SER C 1453 18.86 -32.51 -4.19
C SER C 1453 17.45 -31.96 -4.12
N PHE C 1454 17.17 -30.92 -4.91
CA PHE C 1454 15.85 -30.33 -5.05
C PHE C 1454 15.39 -30.50 -6.48
N SER C 1455 14.07 -30.54 -6.67
CA SER C 1455 13.48 -30.52 -8.01
C SER C 1455 12.51 -29.36 -8.09
N PHE C 1456 12.64 -28.56 -9.14
CA PHE C 1456 11.75 -27.42 -9.30
C PHE C 1456 11.33 -27.29 -10.75
N GLU C 1457 10.29 -26.48 -10.97
CA GLU C 1457 9.72 -26.28 -12.29
C GLU C 1457 9.60 -24.79 -12.56
N ILE C 1458 10.08 -24.37 -13.73
CA ILE C 1458 9.95 -23.00 -14.21
C ILE C 1458 8.95 -23.01 -15.35
N ALA C 1459 7.89 -22.21 -15.24
CA ALA C 1459 6.88 -22.11 -16.28
C ALA C 1459 7.20 -20.92 -17.17
N PHE C 1460 7.19 -21.13 -18.48
CA PHE C 1460 7.51 -20.07 -19.41
C PHE C 1460 6.45 -20.01 -20.50
N GLU C 1461 6.23 -18.80 -21.03
CA GLU C 1461 5.25 -18.56 -22.07
C GLU C 1461 5.85 -17.65 -23.13
N ASN C 1462 5.68 -18.03 -24.40
CA ASN C 1462 6.08 -17.22 -25.55
C ASN C 1462 7.58 -16.91 -25.51
N LEU C 1463 8.37 -17.97 -25.48
CA LEU C 1463 9.83 -17.87 -25.45
C LEU C 1463 10.39 -18.20 -26.82
N LYS C 1464 11.31 -17.37 -27.29
CA LYS C 1464 12.01 -17.67 -28.53
C LYS C 1464 12.95 -18.84 -28.32
N GLU C 1465 13.47 -19.37 -29.43
CA GLU C 1465 14.39 -20.51 -29.33
C GLU C 1465 15.67 -20.13 -28.62
N TRP C 1466 16.27 -18.99 -28.99
CA TRP C 1466 17.51 -18.57 -28.35
C TRP C 1466 17.27 -18.15 -26.90
N GLU C 1467 16.11 -17.58 -26.60
CA GLU C 1467 15.79 -17.25 -25.22
C GLU C 1467 15.74 -18.50 -24.35
N LEU C 1468 15.09 -19.56 -24.86
CA LEU C 1468 15.06 -20.82 -24.12
C LEU C 1468 16.44 -21.42 -24.00
N GLY C 1469 17.24 -21.35 -25.06
CA GLY C 1469 18.59 -21.88 -25.00
C GLY C 1469 19.47 -21.17 -23.98
N LEU C 1470 19.37 -19.83 -23.92
CA LEU C 1470 20.17 -19.08 -22.97
C LEU C 1470 19.66 -19.23 -21.55
N LEU C 1471 18.34 -19.38 -21.37
CA LEU C 1471 17.83 -19.73 -20.05
C LEU C 1471 18.36 -21.08 -19.59
N ILE C 1472 18.38 -22.06 -20.50
CA ILE C 1472 18.91 -23.38 -20.17
C ILE C 1472 20.40 -23.27 -19.84
N HIS C 1473 21.14 -22.45 -20.59
CA HIS C 1473 22.55 -22.27 -20.30
C HIS C 1473 22.77 -21.61 -18.94
N SER C 1474 21.93 -20.62 -18.60
CA SER C 1474 22.00 -20.00 -17.28
C SER C 1474 21.71 -21.01 -16.18
N LEU C 1475 20.81 -21.95 -16.44
CA LEU C 1475 20.51 -22.98 -15.45
C LEU C 1475 21.65 -23.98 -15.31
N GLN C 1476 21.96 -24.69 -16.40
CA GLN C 1476 22.94 -25.77 -16.34
C GLN C 1476 24.37 -25.26 -16.16
N LEU C 1477 24.69 -24.14 -16.80
CA LEU C 1477 26.07 -23.65 -16.91
C LEU C 1477 26.86 -24.75 -17.65
N GLU C 1478 28.03 -25.15 -17.17
CA GLU C 1478 28.84 -26.15 -17.83
C GLU C 1478 29.47 -27.05 -16.79
N LYS C 1479 29.97 -28.20 -17.23
CA LYS C 1479 30.62 -29.14 -16.31
C LYS C 1479 31.89 -28.53 -15.76
N GLY C 1480 31.85 -28.12 -14.49
CA GLY C 1480 32.92 -27.37 -13.87
C GLY C 1480 32.50 -26.04 -13.30
N LEU C 1481 31.22 -25.69 -13.43
CA LEU C 1481 30.67 -24.45 -12.91
C LEU C 1481 29.60 -24.74 -11.86
N ALA C 1482 29.13 -23.67 -11.22
CA ALA C 1482 28.10 -23.79 -10.19
C ALA C 1482 27.52 -22.41 -9.93
N HIS C 1483 26.42 -22.39 -9.16
CA HIS C 1483 25.76 -21.18 -8.74
C HIS C 1483 26.09 -20.87 -7.28
N LYS C 1484 25.72 -19.66 -6.84
CA LYS C 1484 25.78 -19.28 -5.43
C LYS C 1484 24.38 -18.81 -5.03
N LEU C 1485 23.84 -19.39 -3.97
CA LEU C 1485 22.46 -19.12 -3.56
C LEU C 1485 22.36 -19.02 -2.04
N GLY C 1486 21.62 -18.02 -1.57
CA GLY C 1486 21.22 -17.99 -0.19
C GLY C 1486 21.98 -16.95 0.60
N MET C 1487 22.37 -17.34 1.81
CA MET C 1487 22.93 -16.45 2.82
C MET C 1487 24.42 -16.71 3.00
N ALA C 1488 25.17 -15.63 3.23
CA ALA C 1488 26.59 -15.68 3.58
C ALA C 1488 27.43 -16.26 2.43
N LYS C 1489 27.25 -15.70 1.24
CA LYS C 1489 28.02 -16.13 0.08
C LYS C 1489 29.50 -15.81 0.27
N SER C 1490 29.81 -14.73 0.98
CA SER C 1490 31.20 -14.31 1.15
C SER C 1490 32.00 -15.37 1.90
N MET C 1491 31.41 -15.97 2.93
CA MET C 1491 32.10 -17.01 3.70
C MET C 1491 31.77 -18.42 3.20
N GLY C 1492 31.89 -18.63 1.89
CA GLY C 1492 31.91 -19.96 1.32
C GLY C 1492 30.60 -20.69 1.23
N PHE C 1493 29.48 -20.07 1.58
CA PHE C 1493 28.20 -20.77 1.64
C PHE C 1493 27.38 -20.56 0.39
N GLY C 1494 26.58 -21.57 0.05
CA GLY C 1494 25.56 -21.43 -0.97
C GLY C 1494 25.90 -21.89 -2.37
N SER C 1495 26.99 -22.63 -2.55
CA SER C 1495 27.35 -23.12 -3.88
C SER C 1495 26.40 -24.25 -4.27
N VAL C 1496 25.63 -24.05 -5.34
CA VAL C 1496 24.66 -25.03 -5.81
C VAL C 1496 24.83 -25.22 -7.31
N GLU C 1497 24.34 -26.35 -7.80
CA GLU C 1497 24.40 -26.70 -9.21
C GLU C 1497 23.00 -27.07 -9.69
N ILE C 1498 22.72 -26.79 -10.97
CA ILE C 1498 21.40 -27.01 -11.55
C ILE C 1498 21.55 -27.91 -12.77
N ASP C 1499 20.76 -28.98 -12.81
CA ASP C 1499 20.68 -29.86 -13.98
C ASP C 1499 19.26 -29.83 -14.51
N VAL C 1500 19.13 -29.60 -15.82
CA VAL C 1500 17.82 -29.55 -16.47
C VAL C 1500 17.38 -30.98 -16.73
N GLU C 1501 16.24 -31.36 -16.13
CA GLU C 1501 15.77 -32.73 -16.20
C GLU C 1501 14.88 -32.96 -17.42
N SER C 1502 13.89 -32.09 -17.64
CA SER C 1502 12.98 -32.29 -18.75
C SER C 1502 12.37 -30.96 -19.17
N VAL C 1503 11.94 -30.90 -20.43
CA VAL C 1503 11.26 -29.74 -20.98
C VAL C 1503 9.97 -30.22 -21.65
N ARG C 1504 8.85 -29.66 -21.24
CA ARG C 1504 7.56 -29.91 -21.85
C ARG C 1504 7.12 -28.66 -22.61
N LEU C 1505 6.70 -28.84 -23.86
CA LEU C 1505 6.33 -27.77 -24.75
C LEU C 1505 4.86 -27.87 -25.09
N ARG C 1506 4.17 -26.73 -25.04
CA ARG C 1506 2.74 -26.68 -25.35
C ARG C 1506 2.58 -26.50 -26.86
N LYS C 1507 2.44 -27.63 -27.57
CA LYS C 1507 2.16 -27.57 -29.00
C LYS C 1507 0.73 -27.06 -29.25
N ASP C 1508 -0.23 -27.54 -28.46
CA ASP C 1508 -1.63 -27.18 -28.61
C ASP C 1508 -2.30 -27.32 -27.26
N TRP C 1509 -3.54 -26.81 -27.18
CA TRP C 1509 -4.29 -26.92 -25.93
C TRP C 1509 -4.49 -28.37 -25.52
N LYS C 1510 -4.53 -29.29 -26.48
CA LYS C 1510 -4.79 -30.70 -26.21
C LYS C 1510 -3.54 -31.57 -26.27
N GLN C 1511 -2.51 -31.15 -26.99
CA GLN C 1511 -1.34 -31.98 -27.24
C GLN C 1511 -0.10 -31.32 -26.65
N TRP C 1512 0.72 -32.14 -25.99
CA TRP C 1512 2.01 -31.72 -25.45
C TRP C 1512 3.06 -32.74 -25.88
N ARG C 1513 4.27 -32.28 -26.17
CA ARG C 1513 5.36 -33.15 -26.58
C ARG C 1513 6.64 -32.72 -25.89
N ASN C 1514 7.51 -33.69 -25.64
CA ASN C 1514 8.79 -33.41 -25.00
C ASN C 1514 9.75 -32.74 -25.98
N GLY C 1515 10.68 -31.96 -25.42
CA GLY C 1515 11.63 -31.22 -26.22
C GLY C 1515 13.07 -31.51 -25.89
N ASN C 1516 13.33 -32.67 -25.29
CA ASN C 1516 14.70 -33.03 -24.94
C ASN C 1516 15.57 -33.23 -26.18
N SER C 1517 14.96 -33.59 -27.31
CA SER C 1517 15.71 -33.67 -28.55
C SER C 1517 15.99 -32.29 -29.15
N GLU C 1518 15.18 -31.30 -28.80
CA GLU C 1518 15.34 -29.94 -29.31
C GLU C 1518 16.28 -29.10 -28.46
N ILE C 1519 16.78 -29.63 -27.35
CA ILE C 1519 17.68 -28.88 -26.49
C ILE C 1519 18.98 -28.48 -27.20
N PRO C 1520 19.67 -29.39 -27.91
CA PRO C 1520 20.91 -28.95 -28.59
C PRO C 1520 20.69 -27.82 -29.57
N ASN C 1521 19.58 -27.85 -30.31
CA ASN C 1521 19.27 -26.75 -31.22
C ASN C 1521 19.04 -25.46 -30.45
N TRP C 1522 18.35 -25.54 -29.30
CA TRP C 1522 18.13 -24.36 -28.48
C TRP C 1522 19.45 -23.75 -28.04
N LEU C 1523 20.35 -24.57 -27.52
CA LEU C 1523 21.63 -24.06 -27.04
C LEU C 1523 22.47 -23.51 -28.19
N GLY C 1524 22.48 -24.19 -29.33
CA GLY C 1524 23.21 -23.69 -30.48
C GLY C 1524 22.69 -22.36 -30.98
N LYS C 1525 21.36 -22.22 -31.06
CA LYS C 1525 20.79 -20.96 -31.51
C LYS C 1525 21.00 -19.85 -30.48
N GLY C 1526 20.98 -20.17 -29.18
CA GLY C 1526 21.30 -19.16 -28.18
C GLY C 1526 22.73 -18.68 -28.28
N PHE C 1527 23.67 -19.60 -28.48
CA PHE C 1527 25.06 -19.21 -28.64
C PHE C 1527 25.27 -18.45 -29.94
N ALA C 1528 24.52 -18.80 -31.00
CA ALA C 1528 24.59 -18.03 -32.24
C ALA C 1528 24.06 -16.62 -32.04
N LYS C 1529 23.00 -16.46 -31.24
CA LYS C 1529 22.52 -15.13 -30.93
C LYS C 1529 23.54 -14.34 -30.12
N LEU C 1530 24.24 -15.02 -29.21
CA LEU C 1530 25.33 -14.36 -28.49
C LEU C 1530 26.44 -13.92 -29.44
N LYS C 1531 26.76 -14.77 -30.42
CA LYS C 1531 27.77 -14.41 -31.42
C LYS C 1531 27.31 -13.21 -32.24
N GLU C 1532 26.02 -13.17 -32.58
CA GLU C 1532 25.49 -12.02 -33.32
C GLU C 1532 25.61 -10.74 -32.49
N TRP C 1533 25.17 -10.79 -31.24
CA TRP C 1533 25.23 -9.61 -30.38
C TRP C 1533 26.67 -9.19 -30.13
N PHE C 1534 27.50 -10.12 -29.68
CA PHE C 1534 28.90 -9.88 -29.38
C PHE C 1534 29.72 -10.92 -30.12
N ARG C 1535 30.34 -10.51 -31.23
CA ARG C 1535 31.02 -11.46 -32.10
C ARG C 1535 32.23 -12.09 -31.41
N ASP C 1536 33.10 -11.25 -30.85
CA ASP C 1536 34.28 -11.76 -30.14
C ASP C 1536 34.54 -11.01 -28.84
N GLU C 1537 33.60 -10.19 -28.38
CA GLU C 1537 33.72 -9.47 -27.12
C GLU C 1537 33.11 -10.24 -25.95
N LEU C 1538 33.11 -11.57 -26.02
CA LEU C 1538 32.46 -12.43 -25.03
C LEU C 1538 33.31 -12.59 -23.78
N ASP C 1539 34.32 -11.72 -23.61
CA ASP C 1539 35.24 -11.84 -22.49
C ASP C 1539 34.51 -11.88 -21.15
N PHE C 1540 33.46 -11.05 -21.02
CA PHE C 1540 32.67 -11.05 -19.79
C PHE C 1540 32.22 -12.45 -19.43
N ILE C 1541 31.73 -13.21 -20.42
CA ILE C 1541 31.34 -14.59 -20.19
C ILE C 1541 32.45 -15.34 -19.49
N GLU C 1542 33.65 -15.32 -20.07
CA GLU C 1542 34.77 -16.03 -19.45
C GLU C 1542 35.02 -15.52 -18.05
N ASN C 1543 34.99 -14.19 -17.85
CA ASN C 1543 35.13 -13.67 -16.50
C ASN C 1543 34.04 -14.22 -15.59
N LEU C 1544 32.78 -14.14 -16.04
CA LEU C 1544 31.70 -14.76 -15.29
C LEU C 1544 31.98 -16.23 -15.08
N LYS C 1545 32.48 -16.90 -16.12
CA LYS C 1545 32.80 -18.31 -16.00
C LYS C 1545 33.85 -18.54 -14.93
N LYS C 1546 34.88 -17.68 -14.90
CA LYS C 1546 35.90 -17.80 -13.86
C LYS C 1546 35.30 -17.54 -12.49
N LEU C 1547 34.29 -16.67 -12.42
CA LEU C 1547 33.59 -16.47 -11.15
C LEU C 1547 32.63 -17.62 -10.84
N LEU C 1548 32.20 -18.34 -11.86
CA LEU C 1548 31.37 -19.53 -11.68
C LEU C 1548 32.19 -20.81 -11.59
N TRP C 1549 33.50 -20.74 -11.82
CA TRP C 1549 34.33 -21.93 -11.79
C TRP C 1549 34.43 -22.47 -10.37
N PHE C 1550 34.25 -23.78 -10.23
CA PHE C 1550 34.29 -24.51 -8.96
C PHE C 1550 35.61 -25.26 -8.83
N PRO C 1551 36.25 -25.18 -7.67
CA PRO C 1551 37.59 -25.75 -7.52
C PRO C 1551 37.61 -27.24 -7.81
N GLU C 1552 38.65 -27.67 -8.51
CA GLU C 1552 38.82 -29.07 -8.86
C GLU C 1552 39.37 -29.86 -7.67
N GLY C 1553 39.52 -31.16 -7.86
CA GLY C 1553 40.12 -31.99 -6.82
C GLY C 1553 41.56 -31.61 -6.60
N ASP C 1554 42.01 -31.77 -5.36
CA ASP C 1554 43.38 -31.41 -4.95
C ASP C 1554 43.66 -29.94 -5.22
N GLN C 1555 42.66 -29.08 -5.02
CA GLN C 1555 42.78 -27.65 -5.29
C GLN C 1555 41.86 -26.92 -4.30
N ALA C 1556 42.45 -26.31 -3.29
CA ALA C 1556 41.71 -25.59 -2.25
C ALA C 1556 42.22 -24.16 -2.12
N PRO C 1557 41.64 -23.20 -2.82
CA PRO C 1557 42.03 -21.80 -2.63
C PRO C 1557 41.55 -21.26 -1.28
N ARG C 1558 42.24 -20.23 -0.81
CA ARG C 1558 41.91 -19.58 0.46
C ARG C 1558 41.38 -18.18 0.17
N VAL C 1559 40.21 -17.88 0.71
CA VAL C 1559 39.46 -16.66 0.39
C VAL C 1559 38.94 -16.06 1.69
N CYS C 1560 39.19 -14.77 1.90
CA CYS C 1560 38.73 -14.08 3.10
C CYS C 1560 38.89 -12.58 2.93
N TYR C 1561 38.05 -11.82 3.63
CA TYR C 1561 38.19 -10.37 3.66
C TYR C 1561 39.38 -9.97 4.52
N PRO C 1562 40.02 -8.85 4.23
CA PRO C 1562 41.09 -8.35 5.10
C PRO C 1562 40.53 -7.83 6.41
N MET C 1563 41.41 -7.72 7.40
CA MET C 1563 41.07 -7.06 8.65
C MET C 1563 41.28 -5.55 8.54
N LEU C 1564 40.91 -4.83 9.59
CA LEU C 1564 41.07 -3.38 9.57
C LEU C 1564 42.55 -3.00 9.47
N ARG C 1565 43.40 -3.68 10.23
CA ARG C 1565 44.83 -3.40 10.24
C ARG C 1565 45.59 -4.71 10.41
N LYS C 1566 46.88 -4.67 10.05
CA LYS C 1566 47.72 -5.85 10.17
C LYS C 1566 47.93 -6.25 11.62
N LYS C 1567 47.84 -5.30 12.55
CA LYS C 1567 48.01 -5.61 13.97
C LYS C 1567 46.85 -6.41 14.53
N ASP C 1568 45.75 -6.53 13.78
CA ASP C 1568 44.60 -7.32 14.20
C ASP C 1568 44.56 -8.70 13.53
N ASP C 1569 45.50 -9.00 12.66
CA ASP C 1569 45.50 -10.28 11.94
C ASP C 1569 46.66 -11.14 12.42
N PRO C 1570 46.38 -12.27 13.08
CA PRO C 1570 47.49 -13.16 13.49
C PRO C 1570 48.29 -13.69 12.32
N ASN C 1571 47.67 -13.88 11.15
CA ASN C 1571 48.39 -14.41 10.00
C ASN C 1571 49.42 -13.45 9.46
N GLY C 1572 49.36 -12.17 9.82
CA GLY C 1572 50.32 -11.19 9.36
C GLY C 1572 50.02 -10.58 8.01
N ASN C 1573 48.85 -10.84 7.44
CA ASN C 1573 48.50 -10.20 6.18
C ASN C 1573 48.16 -8.74 6.39
N SER C 1574 48.34 -7.95 5.34
CA SER C 1574 48.05 -6.53 5.42
C SER C 1574 46.54 -6.29 5.48
N GLY C 1575 46.13 -5.36 6.35
CA GLY C 1575 44.74 -5.01 6.47
C GLY C 1575 44.32 -3.95 5.47
N TYR C 1576 43.07 -3.49 5.63
CA TYR C 1576 42.54 -2.45 4.74
C TYR C 1576 43.37 -1.18 4.82
N GLU C 1577 43.78 -0.79 6.02
CA GLU C 1577 44.61 0.41 6.16
C GLU C 1577 45.97 0.22 5.49
N GLU C 1578 46.51 -1.00 5.52
CA GLU C 1578 47.76 -1.28 4.83
C GLU C 1578 47.57 -1.69 3.37
N LEU C 1579 46.34 -1.95 2.93
CA LEU C 1579 46.07 -2.29 1.54
C LEU C 1579 45.66 -1.10 0.70
N LYS C 1580 45.03 -0.08 1.30
CA LYS C 1580 44.63 1.09 0.53
C LYS C 1580 45.84 1.81 -0.05
N ASP C 1581 47.01 1.64 0.56
CA ASP C 1581 48.28 2.02 -0.05
C ASP C 1581 49.12 0.76 -0.25
N GLY C 1582 49.45 0.46 -1.50
CA GLY C 1582 50.14 -0.77 -1.80
C GLY C 1582 49.48 -1.59 -2.90
N GLU C 1583 49.09 -2.82 -2.57
CA GLU C 1583 48.49 -3.70 -3.57
C GLU C 1583 47.18 -3.11 -4.10
N PHE C 1584 46.21 -2.93 -3.21
CA PHE C 1584 44.91 -2.37 -3.59
C PHE C 1584 44.88 -0.85 -3.41
N LYS C 1585 45.85 -0.17 -4.01
CA LYS C 1585 45.86 1.28 -3.99
C LYS C 1585 44.77 1.83 -4.90
N LYS C 1586 44.48 3.13 -4.71
CA LYS C 1586 43.41 3.76 -5.48
C LYS C 1586 43.65 3.66 -6.98
N GLU C 1587 44.92 3.58 -7.41
CA GLU C 1587 45.23 3.58 -8.83
C GLU C 1587 44.90 2.25 -9.49
N ASP C 1588 45.01 1.14 -8.76
CA ASP C 1588 44.87 -0.18 -9.36
C ASP C 1588 43.84 -1.06 -8.65
N ARG C 1589 43.06 -0.50 -7.72
CA ARG C 1589 42.09 -1.31 -6.99
C ARG C 1589 40.99 -1.84 -7.92
N GLN C 1590 40.53 -1.01 -8.86
CA GLN C 1590 39.46 -1.45 -9.76
C GLN C 1590 39.89 -2.62 -10.63
N LYS C 1591 41.10 -2.56 -11.18
CA LYS C 1591 41.59 -3.66 -12.00
C LYS C 1591 41.81 -4.92 -11.18
N LYS C 1592 42.24 -4.76 -9.92
CA LYS C 1592 42.38 -5.91 -9.04
C LYS C 1592 41.02 -6.56 -8.76
N LEU C 1593 39.99 -5.74 -8.59
CA LEU C 1593 38.66 -6.25 -8.27
C LEU C 1593 37.88 -6.72 -9.49
N THR C 1594 38.28 -6.32 -10.70
CA THR C 1594 37.59 -6.74 -11.92
C THR C 1594 38.29 -7.90 -12.63
N THR C 1595 39.36 -8.43 -12.04
CA THR C 1595 40.04 -9.61 -12.58
C THR C 1595 39.77 -10.77 -11.65
N PRO C 1596 38.96 -11.75 -12.06
CA PRO C 1596 38.54 -12.81 -11.13
C PRO C 1596 39.73 -13.58 -10.57
N TRP C 1597 39.65 -13.89 -9.27
CA TRP C 1597 40.67 -14.64 -8.55
C TRP C 1597 42.03 -13.92 -8.59
N THR C 1598 42.03 -12.73 -8.02
CA THR C 1598 43.24 -11.93 -7.89
C THR C 1598 43.64 -11.87 -6.43
N PRO C 1599 44.85 -12.33 -6.06
CA PRO C 1599 45.24 -12.34 -4.66
C PRO C 1599 45.42 -10.93 -4.10
N TRP C 1600 45.19 -10.80 -2.79
CA TRP C 1600 45.53 -9.58 -2.08
C TRP C 1600 46.62 -9.81 -1.03
N ALA C 1601 47.14 -11.03 -0.92
CA ALA C 1601 48.18 -11.33 0.07
C ALA C 1601 48.98 -12.52 -0.44
N SER C 1602 50.25 -12.27 -0.78
CA SER C 1602 51.11 -13.36 -1.25
C SER C 1602 51.36 -14.38 -0.14
N SER C 1603 51.63 -13.90 1.07
CA SER C 1603 51.90 -14.75 2.23
C SER C 1603 52.99 -15.78 1.95
#